data_1U29
# 
_entry.id   1U29 
# 
_audit_conform.dict_name       mmcif_pdbx.dic 
_audit_conform.dict_version    5.376 
_audit_conform.dict_location   http://mmcif.pdb.org/dictionaries/ascii/mmcif_pdbx.dic 
# 
loop_
_database_2.database_id 
_database_2.database_code 
_database_2.pdbx_database_accession 
_database_2.pdbx_DOI 
PDB   1U29         pdb_00001u29 10.2210/pdb1u29/pdb 
RCSB  RCSB023155   ?            ?                   
WWPDB D_1000023155 ?            ?                   
# 
loop_
_pdbx_database_related.db_name 
_pdbx_database_related.db_id 
_pdbx_database_related.details 
_pdbx_database_related.content_type 
PDB 1U27 . unspecified 
PDB 1U2B . unspecified 
# 
_pdbx_database_status.status_code                     REL 
_pdbx_database_status.entry_id                        1U29 
_pdbx_database_status.recvd_initial_deposition_date   2004-07-16 
_pdbx_database_status.deposit_site                    RCSB 
_pdbx_database_status.process_site                    RCSB 
_pdbx_database_status.status_code_sf                  REL 
_pdbx_database_status.status_code_mr                  ? 
_pdbx_database_status.SG_entry                        ? 
_pdbx_database_status.pdb_format_compatible           Y 
_pdbx_database_status.status_code_cs                  ? 
_pdbx_database_status.status_code_nmr_data            ? 
_pdbx_database_status.methods_development_category    ? 
# 
loop_
_audit_author.name 
_audit_author.pdbx_ordinal 
'Cronin, T.C.'    1 
'DiNitto, J.P.'   2 
'Czech, M.P.'     3 
'Lambright, D.G.' 4 
# 
_citation.id                        primary 
_citation.title                     
'Structural determinants of phosphoinositide selectivity in splice variants of Grp1 family PH domains' 
_citation.journal_abbrev            'Embo J.' 
_citation.journal_volume            23 
_citation.page_first                3711 
_citation.page_last                 3720 
_citation.year                      2004 
_citation.journal_id_ASTM           EMJODG 
_citation.country                   UK 
_citation.journal_id_ISSN           0261-4189 
_citation.journal_id_CSD            0897 
_citation.book_publisher            ? 
_citation.pdbx_database_id_PubMed   15359279 
_citation.pdbx_database_id_DOI      10.1038/sj.emboj.7600388 
# 
loop_
_citation_author.citation_id 
_citation_author.name 
_citation_author.ordinal 
_citation_author.identifier_ORCID 
primary 'Cronin, T.C.'    1 ? 
primary 'DiNitto, J.P.'   2 ? 
primary 'Czech, M.P.'     3 ? 
primary 'Lambright, D.G.' 4 ? 
# 
_cell.entry_id           1U29 
_cell.length_a           42.998 
_cell.length_b           56.378 
_cell.length_c           57.091 
_cell.angle_alpha        90.00 
_cell.angle_beta         90.00 
_cell.angle_gamma        90.00 
_cell.Z_PDB              4 
_cell.pdbx_unique_axis   ? 
# 
_symmetry.entry_id                         1U29 
_symmetry.space_group_name_H-M             'P 21 21 21' 
_symmetry.pdbx_full_space_group_name_H-M   ? 
_symmetry.cell_setting                     ? 
_symmetry.Int_Tables_number                19 
_symmetry.space_group_name_Hall            ? 
# 
loop_
_entity.id 
_entity.type 
_entity.src_method 
_entity.pdbx_description 
_entity.formula_weight 
_entity.pdbx_number_of_molecules 
_entity.pdbx_ec 
_entity.pdbx_mutation 
_entity.pdbx_fragment 
_entity.details 
1 polymer     man 'Cytohesin 2'                     15054.076 1  ? ? PH ? 
2 non-polymer syn D-MYO-INOSITOL-1,4,5-TRIPHOSPHATE 420.096   1  ? ? ?  ? 
3 water       nat water                             18.015    89 ? ? ?  ? 
# 
_entity_name_com.entity_id   1 
_entity_name_com.name        'ARF nucleotide-binding site opener, ARNO protein, CLM2, SEC7 homolog B, msec7-2' 
# 
_entity_poly.entity_id                      1 
_entity_poly.type                           'polypeptide(L)' 
_entity_poly.nstd_linkage                   no 
_entity_poly.nstd_monomer                   no 
_entity_poly.pdbx_seq_one_letter_code       
;MGHHHHHHGSPDREGWLLKLGGGRVKTWKRRWFILTDNCLYYFEYTTDKEPRGIIPLENLSIREVDDPRKPNCFELYIPN
NKGQLIKACKTEADGRVVEGNHMVYRISAPTQEEKDEWIKSIQAAVSVD
;
_entity_poly.pdbx_seq_one_letter_code_can   
;MGHHHHHHGSPDREGWLLKLGGGRVKTWKRRWFILTDNCLYYFEYTTDKEPRGIIPLENLSIREVDDPRKPNCFELYIPN
NKGQLIKACKTEADGRVVEGNHMVYRISAPTQEEKDEWIKSIQAAVSVD
;
_entity_poly.pdbx_strand_id                 A 
_entity_poly.pdbx_target_identifier         ? 
# 
loop_
_entity_poly_seq.entity_id 
_entity_poly_seq.num 
_entity_poly_seq.mon_id 
_entity_poly_seq.hetero 
1 1   MET n 
1 2   GLY n 
1 3   HIS n 
1 4   HIS n 
1 5   HIS n 
1 6   HIS n 
1 7   HIS n 
1 8   HIS n 
1 9   GLY n 
1 10  SER n 
1 11  PRO n 
1 12  ASP n 
1 13  ARG n 
1 14  GLU n 
1 15  GLY n 
1 16  TRP n 
1 17  LEU n 
1 18  LEU n 
1 19  LYS n 
1 20  LEU n 
1 21  GLY n 
1 22  GLY n 
1 23  GLY n 
1 24  ARG n 
1 25  VAL n 
1 26  LYS n 
1 27  THR n 
1 28  TRP n 
1 29  LYS n 
1 30  ARG n 
1 31  ARG n 
1 32  TRP n 
1 33  PHE n 
1 34  ILE n 
1 35  LEU n 
1 36  THR n 
1 37  ASP n 
1 38  ASN n 
1 39  CYS n 
1 40  LEU n 
1 41  TYR n 
1 42  TYR n 
1 43  PHE n 
1 44  GLU n 
1 45  TYR n 
1 46  THR n 
1 47  THR n 
1 48  ASP n 
1 49  LYS n 
1 50  GLU n 
1 51  PRO n 
1 52  ARG n 
1 53  GLY n 
1 54  ILE n 
1 55  ILE n 
1 56  PRO n 
1 57  LEU n 
1 58  GLU n 
1 59  ASN n 
1 60  LEU n 
1 61  SER n 
1 62  ILE n 
1 63  ARG n 
1 64  GLU n 
1 65  VAL n 
1 66  ASP n 
1 67  ASP n 
1 68  PRO n 
1 69  ARG n 
1 70  LYS n 
1 71  PRO n 
1 72  ASN n 
1 73  CYS n 
1 74  PHE n 
1 75  GLU n 
1 76  LEU n 
1 77  TYR n 
1 78  ILE n 
1 79  PRO n 
1 80  ASN n 
1 81  ASN n 
1 82  LYS n 
1 83  GLY n 
1 84  GLN n 
1 85  LEU n 
1 86  ILE n 
1 87  LYS n 
1 88  ALA n 
1 89  CYS n 
1 90  LYS n 
1 91  THR n 
1 92  GLU n 
1 93  ALA n 
1 94  ASP n 
1 95  GLY n 
1 96  ARG n 
1 97  VAL n 
1 98  VAL n 
1 99  GLU n 
1 100 GLY n 
1 101 ASN n 
1 102 HIS n 
1 103 MET n 
1 104 VAL n 
1 105 TYR n 
1 106 ARG n 
1 107 ILE n 
1 108 SER n 
1 109 ALA n 
1 110 PRO n 
1 111 THR n 
1 112 GLN n 
1 113 GLU n 
1 114 GLU n 
1 115 LYS n 
1 116 ASP n 
1 117 GLU n 
1 118 TRP n 
1 119 ILE n 
1 120 LYS n 
1 121 SER n 
1 122 ILE n 
1 123 GLN n 
1 124 ALA n 
1 125 ALA n 
1 126 VAL n 
1 127 SER n 
1 128 VAL n 
1 129 ASP n 
# 
_entity_src_gen.entity_id                          1 
_entity_src_gen.pdbx_src_id                        1 
_entity_src_gen.pdbx_alt_source_flag               sample 
_entity_src_gen.pdbx_seq_type                      ? 
_entity_src_gen.pdbx_beg_seq_num                   ? 
_entity_src_gen.pdbx_end_seq_num                   ? 
_entity_src_gen.gene_src_common_name               'house mouse' 
_entity_src_gen.gene_src_genus                     Mus 
_entity_src_gen.pdbx_gene_src_gene                 'Pscd2, Sec7b' 
_entity_src_gen.gene_src_species                   ? 
_entity_src_gen.gene_src_strain                    ? 
_entity_src_gen.gene_src_tissue                    ? 
_entity_src_gen.gene_src_tissue_fraction           ? 
_entity_src_gen.gene_src_details                   ? 
_entity_src_gen.pdbx_gene_src_fragment             ? 
_entity_src_gen.pdbx_gene_src_scientific_name      'Mus musculus' 
_entity_src_gen.pdbx_gene_src_ncbi_taxonomy_id     10090 
_entity_src_gen.pdbx_gene_src_variant              ? 
_entity_src_gen.pdbx_gene_src_cell_line            ? 
_entity_src_gen.pdbx_gene_src_atcc                 ? 
_entity_src_gen.pdbx_gene_src_organ                ? 
_entity_src_gen.pdbx_gene_src_organelle            ? 
_entity_src_gen.pdbx_gene_src_cell                 ? 
_entity_src_gen.pdbx_gene_src_cellular_location    ? 
_entity_src_gen.host_org_common_name               ? 
_entity_src_gen.pdbx_host_org_scientific_name      'Escherichia coli BL21(DE3)' 
_entity_src_gen.pdbx_host_org_ncbi_taxonomy_id     469008 
_entity_src_gen.host_org_genus                     Escherichia 
_entity_src_gen.pdbx_host_org_gene                 ? 
_entity_src_gen.pdbx_host_org_organ                ? 
_entity_src_gen.host_org_species                   'Escherichia coli' 
_entity_src_gen.pdbx_host_org_tissue               ? 
_entity_src_gen.pdbx_host_org_tissue_fraction      ? 
_entity_src_gen.pdbx_host_org_strain               'BL21(DE3)' 
_entity_src_gen.pdbx_host_org_variant              ? 
_entity_src_gen.pdbx_host_org_cell_line            ? 
_entity_src_gen.pdbx_host_org_atcc                 ? 
_entity_src_gen.pdbx_host_org_culture_collection   ? 
_entity_src_gen.pdbx_host_org_cell                 ? 
_entity_src_gen.pdbx_host_org_organelle            ? 
_entity_src_gen.pdbx_host_org_cellular_location    ? 
_entity_src_gen.pdbx_host_org_vector_type          Plasmid 
_entity_src_gen.pdbx_host_org_vector               ? 
_entity_src_gen.host_org_details                   ? 
_entity_src_gen.expression_system_id               ? 
_entity_src_gen.plasmid_name                       pET15b 
_entity_src_gen.plasmid_details                    ? 
_entity_src_gen.pdbx_description                   ? 
# 
_struct_ref.id                         1 
_struct_ref.db_name                    UNP 
_struct_ref.db_code                    CYH2_MOUSE 
_struct_ref.pdbx_db_accession          P63034 
_struct_ref.entity_id                  1 
_struct_ref.pdbx_seq_one_letter_code   
;PDREGWLLKLGGGRVKTWKRRWFILTDNCLYYFEYTTDKEPRGIIPLENLSIREVDDPRKPNCFELYIPNNKGQLIKACK
TEADGRVVEGNHMVYRISAPTQEEKDEWIKSIQAAVSVD
;
_struct_ref.pdbx_align_begin           260 
_struct_ref.pdbx_db_isoform            ? 
# 
_struct_ref_seq.align_id                      1 
_struct_ref_seq.ref_id                        1 
_struct_ref_seq.pdbx_PDB_id_code              1U29 
_struct_ref_seq.pdbx_strand_id                A 
_struct_ref_seq.seq_align_beg                 11 
_struct_ref_seq.pdbx_seq_align_beg_ins_code   ? 
_struct_ref_seq.seq_align_end                 129 
_struct_ref_seq.pdbx_seq_align_end_ins_code   ? 
_struct_ref_seq.pdbx_db_accession             P63034 
_struct_ref_seq.db_align_beg                  260 
_struct_ref_seq.pdbx_db_align_beg_ins_code    ? 
_struct_ref_seq.db_align_end                  378 
_struct_ref_seq.pdbx_db_align_end_ins_code    ? 
_struct_ref_seq.pdbx_auth_seq_align_beg       260 
_struct_ref_seq.pdbx_auth_seq_align_end       378 
# 
loop_
_struct_ref_seq_dif.align_id 
_struct_ref_seq_dif.pdbx_pdb_id_code 
_struct_ref_seq_dif.mon_id 
_struct_ref_seq_dif.pdbx_pdb_strand_id 
_struct_ref_seq_dif.seq_num 
_struct_ref_seq_dif.pdbx_pdb_ins_code 
_struct_ref_seq_dif.pdbx_seq_db_name 
_struct_ref_seq_dif.pdbx_seq_db_accession_code 
_struct_ref_seq_dif.db_mon_id 
_struct_ref_seq_dif.pdbx_seq_db_seq_num 
_struct_ref_seq_dif.details 
_struct_ref_seq_dif.pdbx_auth_seq_num 
_struct_ref_seq_dif.pdbx_ordinal 
1 1U29 MET A 1  ? UNP P63034 ? ? 'cloning artifact' 250 1  
1 1U29 GLY A 2  ? UNP P63034 ? ? 'cloning artifact' 251 2  
1 1U29 HIS A 3  ? UNP P63034 ? ? 'cloning artifact' 252 3  
1 1U29 HIS A 4  ? UNP P63034 ? ? 'cloning artifact' 253 4  
1 1U29 HIS A 5  ? UNP P63034 ? ? 'cloning artifact' 254 5  
1 1U29 HIS A 6  ? UNP P63034 ? ? 'cloning artifact' 255 6  
1 1U29 HIS A 7  ? UNP P63034 ? ? 'cloning artifact' 256 7  
1 1U29 HIS A 8  ? UNP P63034 ? ? 'cloning artifact' 257 8  
1 1U29 GLY A 9  ? UNP P63034 ? ? 'cloning artifact' 258 9  
1 1U29 SER A 10 ? UNP P63034 ? ? 'cloning artifact' 259 10 
# 
loop_
_chem_comp.id 
_chem_comp.type 
_chem_comp.mon_nstd_flag 
_chem_comp.name 
_chem_comp.pdbx_synonyms 
_chem_comp.formula 
_chem_comp.formula_weight 
ALA 'L-peptide linking' y ALANINE                           ? 'C3 H7 N O2'     89.093  
ARG 'L-peptide linking' y ARGININE                          ? 'C6 H15 N4 O2 1' 175.209 
ASN 'L-peptide linking' y ASPARAGINE                        ? 'C4 H8 N2 O3'    132.118 
ASP 'L-peptide linking' y 'ASPARTIC ACID'                   ? 'C4 H7 N O4'     133.103 
CYS 'L-peptide linking' y CYSTEINE                          ? 'C3 H7 N O2 S'   121.158 
GLN 'L-peptide linking' y GLUTAMINE                         ? 'C5 H10 N2 O3'   146.144 
GLU 'L-peptide linking' y 'GLUTAMIC ACID'                   ? 'C5 H9 N O4'     147.129 
GLY 'peptide linking'   y GLYCINE                           ? 'C2 H5 N O2'     75.067  
HIS 'L-peptide linking' y HISTIDINE                         ? 'C6 H10 N3 O2 1' 156.162 
HOH non-polymer         . WATER                             ? 'H2 O'           18.015  
I3P non-polymer         . D-MYO-INOSITOL-1,4,5-TRIPHOSPHATE ? 'C6 H15 O15 P3'  420.096 
ILE 'L-peptide linking' y ISOLEUCINE                        ? 'C6 H13 N O2'    131.173 
LEU 'L-peptide linking' y LEUCINE                           ? 'C6 H13 N O2'    131.173 
LYS 'L-peptide linking' y LYSINE                            ? 'C6 H15 N2 O2 1' 147.195 
MET 'L-peptide linking' y METHIONINE                        ? 'C5 H11 N O2 S'  149.211 
PHE 'L-peptide linking' y PHENYLALANINE                     ? 'C9 H11 N O2'    165.189 
PRO 'L-peptide linking' y PROLINE                           ? 'C5 H9 N O2'     115.130 
SER 'L-peptide linking' y SERINE                            ? 'C3 H7 N O3'     105.093 
THR 'L-peptide linking' y THREONINE                         ? 'C4 H9 N O3'     119.119 
TRP 'L-peptide linking' y TRYPTOPHAN                        ? 'C11 H12 N2 O2'  204.225 
TYR 'L-peptide linking' y TYROSINE                          ? 'C9 H11 N O3'    181.189 
VAL 'L-peptide linking' y VALINE                            ? 'C5 H11 N O2'    117.146 
# 
_exptl.entry_id          1U29 
_exptl.method            'X-RAY DIFFRACTION' 
_exptl.crystals_number   1 
# 
_exptl_crystal.id                    1 
_exptl_crystal.density_meas          ? 
_exptl_crystal.density_Matthews      2.31 
_exptl_crystal.density_percent_sol   46.7 
_exptl_crystal.description           ? 
_exptl_crystal.F_000                 ? 
_exptl_crystal.preparation           ? 
# 
_exptl_crystal_grow.crystal_id      1 
_exptl_crystal_grow.method          'VAPOR DIFFUSION, HANGING DROP' 
_exptl_crystal_grow.temp            293 
_exptl_crystal_grow.temp_details    ? 
_exptl_crystal_grow.pH              7.0 
_exptl_crystal_grow.pdbx_details    'PEG 4000, Hepes, 10% glycerol, pH 7.0, VAPOR DIFFUSION, HANGING DROP, temperature 293K' 
_exptl_crystal_grow.pdbx_pH_range   . 
# 
_diffrn.id                     1 
_diffrn.ambient_temp           100 
_diffrn.ambient_temp_details   ? 
_diffrn.crystal_id             1 
# 
_diffrn_detector.diffrn_id              1 
_diffrn_detector.detector               'IMAGE PLATE' 
_diffrn_detector.type                   MARRESEARCH 
_diffrn_detector.pdbx_collection_date   2001-03-31 
_diffrn_detector.details                ? 
# 
_diffrn_radiation.diffrn_id                        1 
_diffrn_radiation.wavelength_id                    1 
_diffrn_radiation.pdbx_monochromatic_or_laue_m_l   M 
_diffrn_radiation.monochromator                    ? 
_diffrn_radiation.pdbx_diffrn_protocol             'SINGLE WAVELENGTH' 
_diffrn_radiation.pdbx_scattering_type             x-ray 
# 
_diffrn_radiation_wavelength.id           1 
_diffrn_radiation_wavelength.wavelength   1.54 
_diffrn_radiation_wavelength.wt           1.0 
# 
_diffrn_source.diffrn_id                   1 
_diffrn_source.source                      'ROTATING ANODE' 
_diffrn_source.type                        ? 
_diffrn_source.pdbx_synchrotron_site       ? 
_diffrn_source.pdbx_synchrotron_beamline   ? 
_diffrn_source.pdbx_wavelength             ? 
_diffrn_source.pdbx_wavelength_list        1.54 
# 
_reflns.entry_id                     1U29 
_reflns.observed_criterion_sigma_F   0 
_reflns.observed_criterion_sigma_I   -3 
_reflns.d_resolution_high            1.8 
_reflns.d_resolution_low             20.0 
_reflns.number_all                   13456 
_reflns.number_obs                   13437 
_reflns.percent_possible_obs         99.6 
_reflns.pdbx_Rmerge_I_obs            ? 
_reflns.pdbx_Rsym_value              ? 
_reflns.pdbx_netI_over_sigmaI        ? 
_reflns.B_iso_Wilson_estimate        ? 
_reflns.pdbx_redundancy              ? 
_reflns.R_free_details               ? 
_reflns.limit_h_max                  ? 
_reflns.limit_h_min                  ? 
_reflns.limit_k_max                  ? 
_reflns.limit_k_min                  ? 
_reflns.limit_l_max                  ? 
_reflns.limit_l_min                  ? 
_reflns.observed_criterion_F_max     ? 
_reflns.observed_criterion_F_min     ? 
_reflns.pdbx_chi_squared             ? 
_reflns.pdbx_scaling_rejects         ? 
_reflns.pdbx_diffrn_id               1 
_reflns.pdbx_ordinal                 1 
# 
_reflns_shell.d_res_high             1.80 
_reflns_shell.d_res_low              1.85 
_reflns_shell.percent_possible_all   99.4 
_reflns_shell.Rmerge_I_obs           ? 
_reflns_shell.pdbx_Rsym_value        ? 
_reflns_shell.meanI_over_sigI_obs    ? 
_reflns_shell.pdbx_redundancy        ? 
_reflns_shell.percent_possible_obs   ? 
_reflns_shell.number_unique_all      ? 
_reflns_shell.number_measured_all    ? 
_reflns_shell.number_measured_obs    ? 
_reflns_shell.number_unique_obs      ? 
_reflns_shell.pdbx_chi_squared       ? 
_reflns_shell.pdbx_diffrn_id         ? 
_reflns_shell.pdbx_ordinal           1 
# 
_refine.entry_id                                 1U29 
_refine.ls_number_reflns_obs                     12727 
_refine.ls_number_reflns_all                     12727 
_refine.pdbx_ls_sigma_I                          0 
_refine.pdbx_ls_sigma_F                          0 
_refine.pdbx_data_cutoff_high_absF               ? 
_refine.pdbx_data_cutoff_low_absF                ? 
_refine.pdbx_data_cutoff_high_rms_absF           ? 
_refine.ls_d_res_low                             20.00 
_refine.ls_d_res_high                            1.80 
_refine.ls_percent_reflns_obs                    99.83 
_refine.ls_R_factor_obs                          0.23038 
_refine.ls_R_factor_all                          0.2304 
_refine.ls_R_factor_R_work                       0.22877 
_refine.ls_R_factor_R_free                       0.26225 
_refine.ls_R_factor_R_free_error                 ? 
_refine.ls_R_factor_R_free_error_details         ? 
_refine.ls_percent_reflns_R_free                 4.9 
_refine.ls_number_reflns_R_free                  660 
_refine.ls_number_parameters                     ? 
_refine.ls_number_restraints                     ? 
_refine.occupancy_min                            ? 
_refine.occupancy_max                            ? 
_refine.correlation_coeff_Fo_to_Fc               0.938 
_refine.correlation_coeff_Fo_to_Fc_free          0.927 
_refine.B_iso_mean                               25.493 
_refine.aniso_B[1][1]                            0.93 
_refine.aniso_B[2][2]                            -1.68 
_refine.aniso_B[3][3]                            0.75 
_refine.aniso_B[1][2]                            0.00 
_refine.aniso_B[1][3]                            0.00 
_refine.aniso_B[2][3]                            0.00 
_refine.solvent_model_details                    'BABINET MODEL WITH MASK' 
_refine.solvent_model_param_ksol                 ? 
_refine.solvent_model_param_bsol                 ? 
_refine.pdbx_solvent_vdw_probe_radii             1.40 
_refine.pdbx_solvent_ion_probe_radii             0.80 
_refine.pdbx_solvent_shrinkage_radii             0.80 
_refine.pdbx_ls_cross_valid_method               THROUGHOUT 
_refine.details                                  
;Hydrogens have been added in the riding positions.
Several atoms for residues 287, 307, 318, 331, 333,
336, 343, 346, 362, 369, 376, 377, and 378 were 
modeled into this structure with zero occupancy 
because they are part of the PH domain and were not 
deleted or mutated.
;
_refine.pdbx_starting_model                      1FGY 
_refine.pdbx_method_to_determine_struct          'MOLECULAR REPLACEMENT' 
_refine.pdbx_isotropic_thermal_model             ? 
_refine.pdbx_stereochemistry_target_values       'MAXIMUM LIKELIHOOD' 
_refine.pdbx_stereochem_target_val_spec_case     ? 
_refine.pdbx_R_Free_selection_details            RANDOM 
_refine.pdbx_overall_ESU_R                       0.146 
_refine.pdbx_overall_ESU_R_Free                  0.138 
_refine.overall_SU_ML                            0.073 
_refine.overall_SU_B                             2.108 
_refine.ls_redundancy_reflns_obs                 ? 
_refine.B_iso_min                                ? 
_refine.B_iso_max                                ? 
_refine.overall_SU_R_Cruickshank_DPI             ? 
_refine.overall_SU_R_free                        ? 
_refine.ls_wR_factor_R_free                      ? 
_refine.ls_wR_factor_R_work                      ? 
_refine.overall_FOM_free_R_set                   ? 
_refine.overall_FOM_work_R_set                   ? 
_refine.pdbx_refine_id                           'X-RAY DIFFRACTION' 
_refine.pdbx_diffrn_id                           1 
_refine.pdbx_TLS_residual_ADP_flag               ? 
_refine.pdbx_overall_phase_error                 ? 
_refine.pdbx_overall_SU_R_free_Cruickshank_DPI   ? 
_refine.pdbx_overall_SU_R_Blow_DPI               ? 
_refine.pdbx_overall_SU_R_free_Blow_DPI          ? 
# 
_refine_hist.pdbx_refine_id                   'X-RAY DIFFRACTION' 
_refine_hist.cycle_id                         LAST 
_refine_hist.pdbx_number_atoms_protein        977 
_refine_hist.pdbx_number_atoms_nucleic_acid   0 
_refine_hist.pdbx_number_atoms_ligand         24 
_refine_hist.number_atoms_solvent             89 
_refine_hist.number_atoms_total               1090 
_refine_hist.d_res_high                       1.80 
_refine_hist.d_res_low                        20.00 
# 
loop_
_refine_ls_restr.type 
_refine_ls_restr.dev_ideal 
_refine_ls_restr.dev_ideal_target 
_refine_ls_restr.weight 
_refine_ls_restr.number 
_refine_ls_restr.pdbx_refine_id 
_refine_ls_restr.pdbx_restraint_function 
r_bond_refined_d         0.009 0.021 ? 980  'X-RAY DIFFRACTION' ? 
r_bond_other_d           0.002 0.020 ? 878  'X-RAY DIFFRACTION' ? 
r_angle_refined_deg      1.203 1.973 ? 1338 'X-RAY DIFFRACTION' ? 
r_angle_other_deg        0.748 3.000 ? 2039 'X-RAY DIFFRACTION' ? 
r_dihedral_angle_1_deg   6.020 5.000 ? 118  'X-RAY DIFFRACTION' ? 
r_chiral_restr           0.072 0.200 ? 146  'X-RAY DIFFRACTION' ? 
r_gen_planes_refined     0.004 0.020 ? 1067 'X-RAY DIFFRACTION' ? 
r_gen_planes_other       0.002 0.020 ? 201  'X-RAY DIFFRACTION' ? 
r_nbd_refined            0.177 0.200 ? 149  'X-RAY DIFFRACTION' ? 
r_nbd_other              0.241 0.200 ? 933  'X-RAY DIFFRACTION' ? 
r_nbtor_other            0.080 0.200 ? 607  'X-RAY DIFFRACTION' ? 
r_xyhbond_nbd_refined    0.134 0.200 ? 60   'X-RAY DIFFRACTION' ? 
r_symmetry_vdw_refined   0.103 0.200 ? 4    'X-RAY DIFFRACTION' ? 
r_symmetry_vdw_other     0.305 0.200 ? 20   'X-RAY DIFFRACTION' ? 
r_symmetry_hbond_refined 0.137 0.200 ? 7    'X-RAY DIFFRACTION' ? 
r_mcbond_it              0.747 1.500 ? 593  'X-RAY DIFFRACTION' ? 
r_mcangle_it             1.400 2.000 ? 947  'X-RAY DIFFRACTION' ? 
r_scbond_it              1.902 3.000 ? 387  'X-RAY DIFFRACTION' ? 
r_scangle_it             2.919 4.500 ? 391  'X-RAY DIFFRACTION' ? 
# 
_refine_ls_shell.pdbx_total_number_of_bins_used   20 
_refine_ls_shell.d_res_high                       1.798 
_refine_ls_shell.d_res_low                        1.845 
_refine_ls_shell.number_reflns_R_work             911 
_refine_ls_shell.R_factor_R_work                  0.146 
_refine_ls_shell.percent_reflns_obs               ? 
_refine_ls_shell.R_factor_R_free                  0.272 
_refine_ls_shell.R_factor_R_free_error            ? 
_refine_ls_shell.percent_reflns_R_free            ? 
_refine_ls_shell.number_reflns_R_free             34 
_refine_ls_shell.number_reflns_obs                ? 
_refine_ls_shell.redundancy_reflns_obs            ? 
_refine_ls_shell.number_reflns_all                ? 
_refine_ls_shell.pdbx_refine_id                   'X-RAY DIFFRACTION' 
_refine_ls_shell.R_factor_all                     ? 
# 
_struct.entry_id                  1U29 
_struct.title                     'Triglycine variant of the ARNO Pleckstrin Homology Domain in complex with Ins(1,4,5)P3' 
_struct.pdbx_model_details        ? 
_struct.pdbx_CASP_flag            ? 
_struct.pdbx_model_type_details   ? 
# 
_struct_keywords.entry_id        1U29 
_struct_keywords.pdbx_keywords   'LIPID BINDING PROTEIN' 
_struct_keywords.text            'PH domain, lipid binding, phosphoinositide, LIPID BINDING PROTEIN' 
# 
loop_
_struct_asym.id 
_struct_asym.pdbx_blank_PDB_chainid_flag 
_struct_asym.pdbx_modified 
_struct_asym.entity_id 
_struct_asym.details 
A N N 1 ? 
B N N 2 ? 
C N N 3 ? 
# 
_struct_biol.id                    1 
_struct_biol.pdbx_parent_biol_id   ? 
_struct_biol.details               ? 
# 
_struct_conf.conf_type_id            HELX_P 
_struct_conf.id                      HELX_P1 
_struct_conf.pdbx_PDB_helix_id       1 
_struct_conf.beg_label_comp_id       THR 
_struct_conf.beg_label_asym_id       A 
_struct_conf.beg_label_seq_id        111 
_struct_conf.pdbx_beg_PDB_ins_code   ? 
_struct_conf.end_label_comp_id       VAL 
_struct_conf.end_label_asym_id       A 
_struct_conf.end_label_seq_id        128 
_struct_conf.pdbx_end_PDB_ins_code   ? 
_struct_conf.beg_auth_comp_id        THR 
_struct_conf.beg_auth_asym_id        A 
_struct_conf.beg_auth_seq_id         360 
_struct_conf.end_auth_comp_id        VAL 
_struct_conf.end_auth_asym_id        A 
_struct_conf.end_auth_seq_id         377 
_struct_conf.pdbx_PDB_helix_class    1 
_struct_conf.details                 ? 
_struct_conf.pdbx_PDB_helix_length   18 
# 
_struct_conf_type.id          HELX_P 
_struct_conf_type.criteria    ? 
_struct_conf_type.reference   ? 
# 
_struct_sheet.id               A 
_struct_sheet.type             ? 
_struct_sheet.number_strands   9 
_struct_sheet.details          ? 
# 
loop_
_struct_sheet_order.sheet_id 
_struct_sheet_order.range_id_1 
_struct_sheet_order.range_id_2 
_struct_sheet_order.offset 
_struct_sheet_order.sense 
A 1 2 ? anti-parallel 
A 2 3 ? anti-parallel 
A 3 4 ? anti-parallel 
A 4 5 ? anti-parallel 
A 5 6 ? anti-parallel 
A 6 7 ? anti-parallel 
A 7 8 ? anti-parallel 
A 8 9 ? anti-parallel 
# 
loop_
_struct_sheet_range.sheet_id 
_struct_sheet_range.id 
_struct_sheet_range.beg_label_comp_id 
_struct_sheet_range.beg_label_asym_id 
_struct_sheet_range.beg_label_seq_id 
_struct_sheet_range.pdbx_beg_PDB_ins_code 
_struct_sheet_range.end_label_comp_id 
_struct_sheet_range.end_label_asym_id 
_struct_sheet_range.end_label_seq_id 
_struct_sheet_range.pdbx_end_PDB_ins_code 
_struct_sheet_range.beg_auth_comp_id 
_struct_sheet_range.beg_auth_asym_id 
_struct_sheet_range.beg_auth_seq_id 
_struct_sheet_range.end_auth_comp_id 
_struct_sheet_range.end_auth_asym_id 
_struct_sheet_range.end_auth_seq_id 
A 1 SER A 61  ? VAL A 65  ? SER A 310 VAL A 314 
A 2 CYS A 73  ? TYR A 77  ? CYS A 322 TYR A 326 
A 3 VAL A 104 ? SER A 108 ? VAL A 353 SER A 357 
A 4 ARG A 13  ? LEU A 20  ? ARG A 262 LEU A 269 
A 5 TRP A 28  ? THR A 36  ? TRP A 277 THR A 285 
A 6 CYS A 39  ? PHE A 43  ? CYS A 288 PHE A 292 
A 7 GLY A 53  ? PRO A 56  ? GLY A 302 PRO A 305 
A 8 CYS A 89  ? THR A 91  ? CYS A 338 THR A 340 
A 9 VAL A 97  ? GLU A 99  ? VAL A 346 GLU A 348 
# 
loop_
_pdbx_struct_sheet_hbond.sheet_id 
_pdbx_struct_sheet_hbond.range_id_1 
_pdbx_struct_sheet_hbond.range_id_2 
_pdbx_struct_sheet_hbond.range_1_label_atom_id 
_pdbx_struct_sheet_hbond.range_1_label_comp_id 
_pdbx_struct_sheet_hbond.range_1_label_asym_id 
_pdbx_struct_sheet_hbond.range_1_label_seq_id 
_pdbx_struct_sheet_hbond.range_1_PDB_ins_code 
_pdbx_struct_sheet_hbond.range_1_auth_atom_id 
_pdbx_struct_sheet_hbond.range_1_auth_comp_id 
_pdbx_struct_sheet_hbond.range_1_auth_asym_id 
_pdbx_struct_sheet_hbond.range_1_auth_seq_id 
_pdbx_struct_sheet_hbond.range_2_label_atom_id 
_pdbx_struct_sheet_hbond.range_2_label_comp_id 
_pdbx_struct_sheet_hbond.range_2_label_asym_id 
_pdbx_struct_sheet_hbond.range_2_label_seq_id 
_pdbx_struct_sheet_hbond.range_2_PDB_ins_code 
_pdbx_struct_sheet_hbond.range_2_auth_atom_id 
_pdbx_struct_sheet_hbond.range_2_auth_comp_id 
_pdbx_struct_sheet_hbond.range_2_auth_asym_id 
_pdbx_struct_sheet_hbond.range_2_auth_seq_id 
A 1 2 N ARG A 63  ? N ARG A 312 O GLU A 75  ? O GLU A 324 
A 2 3 N PHE A 74  ? N PHE A 323 O ILE A 107 ? O ILE A 356 
A 3 4 O SER A 108 ? O SER A 357 N LEU A 18  ? N LEU A 267 
A 4 5 N ARG A 13  ? N ARG A 262 O LEU A 35  ? O LEU A 284 
A 5 6 N ILE A 34  ? N ILE A 283 O TYR A 41  ? O TYR A 290 
A 6 7 N LEU A 40  ? N LEU A 289 O ILE A 55  ? O ILE A 304 
A 7 8 N ILE A 54  ? N ILE A 303 O CYS A 89  ? O CYS A 338 
A 8 9 N LYS A 90  ? N LYS A 339 O VAL A 98  ? O VAL A 347 
# 
_struct_site.id                   AC1 
_struct_site.pdbx_evidence_code   Software 
_struct_site.pdbx_auth_asym_id    A 
_struct_site.pdbx_auth_comp_id    I3P 
_struct_site.pdbx_auth_seq_id     101 
_struct_site.pdbx_auth_ins_code   ? 
_struct_site.pdbx_num_residues    17 
_struct_site.details              'BINDING SITE FOR RESIDUE I3P A 101' 
# 
loop_
_struct_site_gen.id 
_struct_site_gen.site_id 
_struct_site_gen.pdbx_num_res 
_struct_site_gen.label_comp_id 
_struct_site_gen.label_asym_id 
_struct_site_gen.label_seq_id 
_struct_site_gen.pdbx_auth_ins_code 
_struct_site_gen.auth_comp_id 
_struct_site_gen.auth_asym_id 
_struct_site_gen.auth_seq_id 
_struct_site_gen.label_atom_id 
_struct_site_gen.label_alt_id 
_struct_site_gen.symmetry 
_struct_site_gen.details 
1  AC1 17 HOH C .   ? HOH A 18  . ? 1_555 ? 
2  AC1 17 HOH C .   ? HOH A 28  . ? 1_555 ? 
3  AC1 17 HOH C .   ? HOH A 49  . ? 1_555 ? 
4  AC1 17 HOH C .   ? HOH A 88  . ? 1_555 ? 
5  AC1 17 HOH C .   ? HOH A 93  . ? 1_555 ? 
6  AC1 17 HOH C .   ? HOH A 94  . ? 1_555 ? 
7  AC1 17 LYS A 19  ? LYS A 268 . ? 1_555 ? 
8  AC1 17 GLY A 22  ? GLY A 271 . ? 1_555 ? 
9  AC1 17 LYS A 29  ? LYS A 278 . ? 1_555 ? 
10 AC1 17 ARG A 31  ? ARG A 280 . ? 1_555 ? 
11 AC1 17 THR A 36  ? THR A 285 . ? 2_564 ? 
12 AC1 17 ASP A 37  ? ASP A 286 . ? 2_564 ? 
13 AC1 17 TYR A 42  ? TYR A 291 . ? 1_555 ? 
14 AC1 17 ARG A 52  ? ARG A 301 . ? 1_555 ? 
15 AC1 17 LYS A 90  ? LYS A 339 . ? 1_555 ? 
16 AC1 17 ASN A 101 ? ASN A 350 . ? 1_555 ? 
17 AC1 17 HIS A 102 ? HIS A 351 . ? 1_555 ? 
# 
_atom_sites.entry_id                    1U29 
_atom_sites.fract_transf_matrix[1][1]   -0.00448018 
_atom_sites.fract_transf_matrix[1][2]   0.02086433 
_atom_sites.fract_transf_matrix[1][3]   0.00924640 
_atom_sites.fract_transf_matrix[2][1]   0.01739179 
_atom_sites.fract_transf_matrix[2][2]   0.00284387 
_atom_sites.fract_transf_matrix[2][3]   0.00200974 
_atom_sites.fract_transf_matrix[3][1]   0.00066395 
_atom_sites.fract_transf_matrix[3][2]   0.00721072 
_atom_sites.fract_transf_matrix[3][3]   -0.01594914 
_atom_sites.fract_transf_vector[1]      0.375962 
_atom_sites.fract_transf_vector[2]      0.414507 
_atom_sites.fract_transf_vector[3]      0.188435 
# 
loop_
_atom_type.symbol 
C 
N 
O 
P 
S 
# 
loop_
_atom_site.group_PDB 
_atom_site.id 
_atom_site.type_symbol 
_atom_site.label_atom_id 
_atom_site.label_alt_id 
_atom_site.label_comp_id 
_atom_site.label_asym_id 
_atom_site.label_entity_id 
_atom_site.label_seq_id 
_atom_site.pdbx_PDB_ins_code 
_atom_site.Cartn_x 
_atom_site.Cartn_y 
_atom_site.Cartn_z 
_atom_site.occupancy 
_atom_site.B_iso_or_equiv 
_atom_site.pdbx_formal_charge 
_atom_site.auth_seq_id 
_atom_site.auth_comp_id 
_atom_site.auth_asym_id 
_atom_site.auth_atom_id 
_atom_site.pdbx_PDB_model_num 
ATOM   1    N N   . PRO A 1 11  ? 7.347   11.096  -9.618  1.00 28.23 ? 260 PRO A N   1 
ATOM   2    C CA  . PRO A 1 11  ? 6.205   10.518  -8.852  1.00 28.11 ? 260 PRO A CA  1 
ATOM   3    C C   . PRO A 1 11  ? 5.203   11.572  -8.410  1.00 27.79 ? 260 PRO A C   1 
ATOM   4    O O   . PRO A 1 11  ? 5.590   12.727  -8.235  1.00 28.06 ? 260 PRO A O   1 
ATOM   5    C CB  . PRO A 1 11  ? 6.883   9.941   -7.602  1.00 27.71 ? 260 PRO A CB  1 
ATOM   6    C CG  . PRO A 1 11  ? 8.349   9.770   -7.964  1.00 29.03 ? 260 PRO A CG  1 
ATOM   7    C CD  . PRO A 1 11  ? 8.597   10.375  -9.331  1.00 29.02 ? 260 PRO A CD  1 
ATOM   8    N N   . ASP A 1 12  ? 3.950   11.168  -8.228  1.00 27.82 ? 261 ASP A N   1 
ATOM   9    C CA  . ASP A 1 12  ? 2.915   12.024  -7.643  1.00 28.10 ? 261 ASP A CA  1 
ATOM   10   C C   . ASP A 1 12  ? 3.074   12.146  -6.120  1.00 26.94 ? 261 ASP A C   1 
ATOM   11   O O   . ASP A 1 12  ? 2.729   13.166  -5.532  1.00 26.74 ? 261 ASP A O   1 
ATOM   12   C CB  . ASP A 1 12  ? 1.517   11.501  -7.998  1.00 28.82 ? 261 ASP A CB  1 
ATOM   13   C CG  . ASP A 1 12  ? 1.312   11.333  -9.501  1.00 29.84 ? 261 ASP A CG  1 
ATOM   14   O OD1 . ASP A 1 12  ? 1.364   12.346  -10.229 1.00 32.73 ? 261 ASP A OD1 1 
ATOM   15   O OD2 . ASP A 1 12  ? 1.122   10.227  -10.054 1.00 30.92 ? 261 ASP A OD2 1 
ATOM   16   N N   . ARG A 1 13  ? 3.615   11.115  -5.476  1.00 25.84 ? 262 ARG A N   1 
ATOM   17   C CA  . ARG A 1 13  ? 3.973   11.208  -4.067  1.00 24.57 ? 262 ARG A CA  1 
ATOM   18   C C   . ARG A 1 13  ? 4.916   10.078  -3.684  1.00 23.77 ? 262 ARG A C   1 
ATOM   19   O O   . ARG A 1 13  ? 4.854   9.001   -4.260  1.00 22.62 ? 262 ARG A O   1 
ATOM   20   C CB  . ARG A 1 13  ? 2.728   11.180  -3.167  1.00 24.71 ? 262 ARG A CB  1 
ATOM   21   C CG  . ARG A 1 13  ? 3.034   11.535  -1.723  1.00 25.84 ? 262 ARG A CG  1 
ATOM   22   C CD  . ARG A 1 13  ? 1.830   11.733  -0.829  1.00 27.25 ? 262 ARG A CD  1 
ATOM   23   N NE  . ARG A 1 13  ? 2.234   12.357  0.432   1.00 31.00 ? 262 ARG A NE  1 
ATOM   24   C CZ  . ARG A 1 13  ? 2.369   13.670  0.622   1.00 31.61 ? 262 ARG A CZ  1 
ATOM   25   N NH1 . ARG A 1 13  ? 2.114   14.539  -0.351  1.00 32.25 ? 262 ARG A NH1 1 
ATOM   26   N NH2 . ARG A 1 13  ? 2.762   14.125  1.805   1.00 34.30 ? 262 ARG A NH2 1 
ATOM   27   N N   . GLU A 1 14  ? 5.823   10.361  -2.754  1.00 23.37 ? 263 GLU A N   1 
ATOM   28   C CA  . GLU A 1 14  ? 6.717   9.353   -2.212  1.00 23.48 ? 263 GLU A CA  1 
ATOM   29   C C   . GLU A 1 14  ? 6.986   9.605   -0.719  1.00 22.05 ? 263 GLU A C   1 
ATOM   30   O O   . GLU A 1 14  ? 6.885   10.732  -0.226  1.00 21.96 ? 263 GLU A O   1 
ATOM   31   C CB  . GLU A 1 14  ? 8.012   9.250   -3.032  1.00 24.65 ? 263 GLU A CB  1 
ATOM   32   C CG  . GLU A 1 14  ? 8.927   10.445  -2.953  1.00 25.85 ? 263 GLU A CG  1 
ATOM   33   C CD  . GLU A 1 14  ? 10.040  10.462  -4.003  1.00 26.62 ? 263 GLU A CD  1 
ATOM   34   O OE1 . GLU A 1 14  ? 10.229  9.529   -4.819  1.00 29.06 ? 263 GLU A OE1 1 
ATOM   35   O OE2 . GLU A 1 14  ? 10.754  11.446  -4.003  1.00 27.93 ? 263 GLU A OE2 1 
ATOM   36   N N   . GLY A 1 15  ? 7.291   8.541   0.005   1.00 20.92 ? 264 GLY A N   1 
ATOM   37   C CA  . GLY A 1 15  ? 7.529   8.646   1.428   1.00 21.03 ? 264 GLY A CA  1 
ATOM   38   C C   . GLY A 1 15  ? 7.554   7.316   2.138   1.00 20.79 ? 264 GLY A C   1 
ATOM   39   O O   . GLY A 1 15  ? 7.068   6.293   1.632   1.00 20.00 ? 264 GLY A O   1 
ATOM   40   N N   . TRP A 1 16  ? 8.110   7.337   3.338   1.00 20.86 ? 265 TRP A N   1 
ATOM   41   C CA  . TRP A 1 16  ? 8.119   6.165   4.200   1.00 21.04 ? 265 TRP A CA  1 
ATOM   42   C C   . TRP A 1 16  ? 6.761   5.982   4.855   1.00 21.56 ? 265 TRP A C   1 
ATOM   43   O O   . TRP A 1 16  ? 6.159   6.935   5.343   1.00 21.82 ? 265 TRP A O   1 
ATOM   44   C CB  . TRP A 1 16  ? 9.185   6.302   5.291   1.00 20.99 ? 265 TRP A CB  1 
ATOM   45   C CG  . TRP A 1 16  ? 10.568  6.325   4.779   1.00 21.43 ? 265 TRP A CG  1 
ATOM   46   C CD1 . TRP A 1 16  ? 11.379  7.421   4.645   1.00 21.28 ? 265 TRP A CD1 1 
ATOM   47   C CD2 . TRP A 1 16  ? 11.337  5.204   4.346   1.00 22.49 ? 265 TRP A CD2 1 
ATOM   48   N NE1 . TRP A 1 16  ? 12.597  7.041   4.142   1.00 22.72 ? 265 TRP A NE1 1 
ATOM   49   C CE2 . TRP A 1 16  ? 12.601  5.685   3.956   1.00 22.57 ? 265 TRP A CE2 1 
ATOM   50   C CE3 . TRP A 1 16  ? 11.091  3.825   4.261   1.00 22.97 ? 265 TRP A CE3 1 
ATOM   51   C CZ2 . TRP A 1 16  ? 13.607  4.846   3.483   1.00 24.33 ? 265 TRP A CZ2 1 
ATOM   52   C CZ3 . TRP A 1 16  ? 12.080  2.999   3.785   1.00 24.27 ? 265 TRP A CZ3 1 
ATOM   53   C CH2 . TRP A 1 16  ? 13.333  3.514   3.399   1.00 23.44 ? 265 TRP A CH2 1 
ATOM   54   N N   . LEU A 1 17  ? 6.273   4.750   4.810   1.00 21.09 ? 266 LEU A N   1 
ATOM   55   C CA  . LEU A 1 17  ? 5.018   4.354   5.437   1.00 21.00 ? 266 LEU A CA  1 
ATOM   56   C C   . LEU A 1 17  ? 5.233   2.981   6.028   1.00 20.63 ? 266 LEU A C   1 
ATOM   57   O O   . LEU A 1 17  ? 6.094   2.231   5.573   1.00 20.12 ? 266 LEU A O   1 
ATOM   58   C CB  . LEU A 1 17  ? 3.888   4.282   4.408   1.00 20.78 ? 266 LEU A CB  1 
ATOM   59   C CG  . LEU A 1 17  ? 3.471   5.580   3.713   1.00 20.71 ? 266 LEU A CG  1 
ATOM   60   C CD1 . LEU A 1 17  ? 2.503   5.289   2.580   1.00 20.15 ? 266 LEU A CD1 1 
ATOM   61   C CD2 . LEU A 1 17  ? 2.905   6.551   4.717   1.00 23.76 ? 266 LEU A CD2 1 
ATOM   62   N N   . LEU A 1 18  ? 4.477   2.648   7.064   1.00 20.29 ? 267 LEU A N   1 
ATOM   63   C CA  . LEU A 1 18  ? 4.503   1.303   7.610   1.00 20.85 ? 267 LEU A CA  1 
ATOM   64   C C   . LEU A 1 18  ? 3.389   0.501   6.985   1.00 20.92 ? 267 LEU A C   1 
ATOM   65   O O   . LEU A 1 18  ? 2.261   0.986   6.891   1.00 21.34 ? 267 LEU A O   1 
ATOM   66   C CB  . LEU A 1 18  ? 4.288   1.331   9.123   1.00 20.47 ? 267 LEU A CB  1 
ATOM   67   C CG  . LEU A 1 18  ? 5.185   2.243   9.966   1.00 22.50 ? 267 LEU A CG  1 
ATOM   68   C CD1 . LEU A 1 18  ? 4.790   2.140   11.429  1.00 22.82 ? 267 LEU A CD1 1 
ATOM   69   C CD2 . LEU A 1 18  ? 6.630   1.842   9.784   1.00 24.94 ? 267 LEU A CD2 1 
ATOM   70   N N   . LYS A 1 19  ? 3.700   -0.705  6.527   1.00 20.98 ? 268 LYS A N   1 
ATOM   71   C CA  . LYS A 1 19  ? 2.711   -1.591  5.930   1.00 21.58 ? 268 LYS A CA  1 
ATOM   72   C C   . LYS A 1 19  ? 2.497   -2.818  6.813   1.00 21.65 ? 268 LYS A C   1 
ATOM   73   O O   . LYS A 1 19  ? 3.447   -3.432  7.265   1.00 21.76 ? 268 LYS A O   1 
ATOM   74   C CB  . LYS A 1 19  ? 3.177   -2.033  4.533   1.00 21.89 ? 268 LYS A CB  1 
ATOM   75   C CG  . LYS A 1 19  ? 2.380   -3.204  3.939   1.00 23.99 ? 268 LYS A CG  1 
ATOM   76   C CD  . LYS A 1 19  ? 3.009   -3.831  2.691   1.00 25.43 ? 268 LYS A CD  1 
ATOM   77   C CE  . LYS A 1 19  ? 4.445   -4.317  2.864   1.00 24.69 ? 268 LYS A CE  1 
ATOM   78   N NZ  . LYS A 1 19  ? 4.538   -5.688  3.493   1.00 20.12 ? 268 LYS A NZ  1 
ATOM   79   N N   . LEU A 1 20  ? 1.241   -3.191  7.019   1.00 20.75 ? 269 LEU A N   1 
ATOM   80   C CA  . LEU A 1 20  ? 0.927   -4.437  7.719   1.00 21.15 ? 269 LEU A CA  1 
ATOM   81   C C   . LEU A 1 20  ? 1.020   -5.616  6.746   1.00 21.46 ? 269 LEU A C   1 
ATOM   82   O O   . LEU A 1 20  ? 0.503   -5.572  5.637   1.00 20.57 ? 269 LEU A O   1 
ATOM   83   C CB  . LEU A 1 20  ? -0.461  -4.346  8.370   1.00 21.14 ? 269 LEU A CB  1 
ATOM   84   C CG  . LEU A 1 20  ? -0.887  -5.523  9.254   1.00 21.90 ? 269 LEU A CG  1 
ATOM   85   C CD1 . LEU A 1 20  ? 0.086   -5.676  10.401  1.00 21.93 ? 269 LEU A CD1 1 
ATOM   86   C CD2 . LEU A 1 20  ? -2.319  -5.331  9.753   1.00 23.51 ? 269 LEU A CD2 1 
ATOM   87   N N   . GLY A 1 21  ? 1.663   -6.689  7.184   1.00 22.48 ? 270 GLY A N   1 
ATOM   88   C CA  . GLY A 1 21  ? 1.742   -7.899  6.406   1.00 23.14 ? 270 GLY A CA  1 
ATOM   89   C C   . GLY A 1 21  ? 0.394   -8.548  6.158   1.00 23.74 ? 270 GLY A C   1 
ATOM   90   O O   . GLY A 1 21  ? -0.617  -8.184  6.757   1.00 25.01 ? 270 GLY A O   1 
ATOM   91   N N   . GLY A 1 22  ? 0.374   -9.508  5.244   1.00 24.93 ? 271 GLY A N   1 
ATOM   92   C CA  . GLY A 1 22  ? -0.855  -10.172 4.861   1.00 25.19 ? 271 GLY A CA  1 
ATOM   93   C C   . GLY A 1 22  ? -0.981  -11.622 5.274   1.00 26.15 ? 271 GLY A C   1 
ATOM   94   O O   . GLY A 1 22  ? -2.014  -12.255 5.007   1.00 27.65 ? 271 GLY A O   1 
ATOM   95   N N   . GLY A 1 23  ? 0.052   -12.137 5.929   1.00 26.64 ? 272 GLY A N   1 
ATOM   96   C CA  . GLY A 1 23  ? 0.152   -13.552 6.250   1.00 26.86 ? 272 GLY A CA  1 
ATOM   97   C C   . GLY A 1 23  ? -0.371  -13.922 7.627   1.00 27.06 ? 272 GLY A C   1 
ATOM   98   O O   . GLY A 1 23  ? -1.187  -13.200 8.207   1.00 27.61 ? 272 GLY A O   1 
ATOM   99   N N   . ARG A 1 24  ? 0.072   -15.081 8.118   1.00 26.59 ? 273 ARG A N   1 
ATOM   100  C CA  . ARG A 1 24  ? -0.376  -15.616 9.410   1.00 25.87 ? 273 ARG A CA  1 
ATOM   101  C C   . ARG A 1 24  ? -0.056  -14.687 10.582  1.00 25.76 ? 273 ARG A C   1 
ATOM   102  O O   . ARG A 1 24  ? -0.926  -14.392 11.401  1.00 25.55 ? 273 ARG A O   1 
ATOM   103  C CB  . ARG A 1 24  ? 0.234   -17.000 9.660   1.00 26.29 ? 273 ARG A CB  1 
ATOM   104  C CG  . ARG A 1 24  ? -0.095  -17.610 11.016  1.00 25.00 ? 273 ARG A CG  1 
ATOM   105  C CD  . ARG A 1 24  ? -1.569  -17.731 11.312  1.00 24.21 ? 273 ARG A CD  1 
ATOM   106  N NE  . ARG A 1 24  ? -1.857  -18.186 12.680  1.00 23.57 ? 273 ARG A NE  1 
ATOM   107  C CZ  . ARG A 1 24  ? -2.011  -17.377 13.736  1.00 22.29 ? 273 ARG A CZ  1 
ATOM   108  N NH1 . ARG A 1 24  ? -1.899  -16.061 13.607  1.00 23.87 ? 273 ARG A NH1 1 
ATOM   109  N NH2 . ARG A 1 24  ? -2.252  -17.889 14.931  1.00 21.60 ? 273 ARG A NH2 1 
ATOM   110  N N   . VAL A 1 25  ? 1.190   -14.240 10.661  1.00 24.70 ? 274 VAL A N   1 
ATOM   111  C CA  . VAL A 1 25  ? 1.626   -13.330 11.714  1.00 24.61 ? 274 VAL A CA  1 
ATOM   112  C C   . VAL A 1 25  ? 1.813   -11.965 11.072  1.00 24.62 ? 274 VAL A C   1 
ATOM   113  O O   . VAL A 1 25  ? 2.833   -11.689 10.410  1.00 24.09 ? 274 VAL A O   1 
ATOM   114  C CB  . VAL A 1 25  ? 2.923   -13.802 12.409  1.00 24.71 ? 274 VAL A CB  1 
ATOM   115  C CG1 . VAL A 1 25  ? 3.226   -12.950 13.632  1.00 25.22 ? 274 VAL A CG1 1 
ATOM   116  C CG2 . VAL A 1 25  ? 2.814   -15.260 12.789  1.00 24.05 ? 274 VAL A CG2 1 
ATOM   117  N N   . LYS A 1 26  ? 0.809   -11.119 11.243  1.00 25.09 ? 275 LYS A N   1 
ATOM   118  C CA  . LYS A 1 26  ? 0.825   -9.829  10.559  1.00 24.81 ? 275 LYS A CA  1 
ATOM   119  C C   . LYS A 1 26  ? 1.576   -8.830  11.410  1.00 24.94 ? 275 LYS A C   1 
ATOM   120  O O   . LYS A 1 26  ? 1.171   -8.543  12.548  1.00 25.60 ? 275 LYS A O   1 
ATOM   121  C CB  . LYS A 1 26  ? -0.599  -9.351  10.262  1.00 25.27 ? 275 LYS A CB  1 
ATOM   122  C CG  . LYS A 1 26  ? -1.353  -10.281 9.340   1.00 24.71 ? 275 LYS A CG  1 
ATOM   123  C CD  . LYS A 1 26  ? -2.770  -9.790  9.041   1.00 25.03 ? 275 LYS A CD  1 
ATOM   124  C CE  . LYS A 1 26  ? -3.423  -10.625 7.958   1.00 27.24 ? 275 LYS A CE  1 
ATOM   125  N NZ  . LYS A 1 26  ? -3.696  -12.010 8.377   1.00 25.67 ? 275 LYS A NZ  1 
ATOM   126  N N   . THR A 1 27  ? 2.679   -8.324  10.859  1.00 24.36 ? 276 THR A N   1 
ATOM   127  C CA  . THR A 1 27  ? 3.524   -7.315  11.492  1.00 24.38 ? 276 THR A CA  1 
ATOM   128  C C   . THR A 1 27  ? 3.736   -6.125  10.569  1.00 23.67 ? 276 THR A C   1 
ATOM   129  O O   . THR A 1 27  ? 3.532   -6.214  9.362   1.00 23.27 ? 276 THR A O   1 
ATOM   130  C CB  . THR A 1 27  ? 4.893   -7.894  11.885  1.00 24.71 ? 276 THR A CB  1 
ATOM   131  O OG1 . THR A 1 27  ? 5.676   -8.175  10.711  1.00 27.13 ? 276 THR A OG1 1 
ATOM   132  C CG2 . THR A 1 27  ? 4.712   -9.241  12.553  1.00 25.44 ? 276 THR A CG2 1 
ATOM   133  N N   . TRP A 1 28  ? 4.145   -5.022  11.169  1.00 23.30 ? 277 TRP A N   1 
ATOM   134  C CA  . TRP A 1 28  ? 4.395   -3.773  10.465  1.00 23.57 ? 277 TRP A CA  1 
ATOM   135  C C   . TRP A 1 28  ? 5.842   -3.686  10.018  1.00 23.32 ? 277 TRP A C   1 
ATOM   136  O O   . TRP A 1 28  ? 6.762   -4.004  10.785  1.00 24.48 ? 277 TRP A O   1 
ATOM   137  C CB  . TRP A 1 28  ? 4.076   -2.594  11.376  1.00 23.68 ? 277 TRP A CB  1 
ATOM   138  C CG  . TRP A 1 28  ? 2.642   -2.537  11.783  1.00 23.94 ? 277 TRP A CG  1 
ATOM   139  C CD1 . TRP A 1 28  ? 2.077   -3.105  12.881  1.00 23.71 ? 277 TRP A CD1 1 
ATOM   140  C CD2 . TRP A 1 28  ? 1.583   -1.883  11.082  1.00 24.54 ? 277 TRP A CD2 1 
ATOM   141  N NE1 . TRP A 1 28  ? 0.728   -2.848  12.919  1.00 23.60 ? 277 TRP A NE1 1 
ATOM   142  C CE2 . TRP A 1 28  ? 0.399   -2.087  11.828  1.00 24.87 ? 277 TRP A CE2 1 
ATOM   143  C CE3 . TRP A 1 28  ? 1.514   -1.129  9.905   1.00 25.21 ? 277 TRP A CE3 1 
ATOM   144  C CZ2 . TRP A 1 28  ? -0.823  -1.571  11.439  1.00 25.23 ? 277 TRP A CZ2 1 
ATOM   145  C CZ3 . TRP A 1 28  ? 0.303   -0.616  9.527   1.00 23.20 ? 277 TRP A CZ3 1 
ATOM   146  C CH2 . TRP A 1 28  ? -0.852  -0.851  10.279  1.00 25.45 ? 277 TRP A CH2 1 
ATOM   147  N N   . LYS A 1 29  ? 6.038   -3.290  8.761   1.00 23.40 ? 278 LYS A N   1 
ATOM   148  C CA  . LYS A 1 29  ? 7.354   -3.074  8.167   1.00 23.54 ? 278 LYS A CA  1 
ATOM   149  C C   . LYS A 1 29  ? 7.382   -1.688  7.514   1.00 23.21 ? 278 LYS A C   1 
ATOM   150  O O   . LYS A 1 29  ? 6.435   -1.302  6.843   1.00 23.20 ? 278 LYS A O   1 
ATOM   151  C CB  . LYS A 1 29  ? 7.667   -4.116  7.089   1.00 23.78 ? 278 LYS A CB  1 
ATOM   152  C CG  . LYS A 1 29  ? 7.729   -5.571  7.551   1.00 26.31 ? 278 LYS A CG  1 
ATOM   153  C CD  . LYS A 1 29  ? 8.992   -5.871  8.343   1.00 28.30 ? 278 LYS A CD  1 
ATOM   154  C CE  . LYS A 1 29  ? 9.146   -7.386  8.658   1.00 29.22 ? 278 LYS A CE  1 
ATOM   155  N NZ  . LYS A 1 29  ? 10.092  -8.134  7.755   1.00 29.69 ? 278 LYS A NZ  1 
ATOM   156  N N   . ARG A 1 30  ? 8.479   -0.958  7.684   1.00 22.42 ? 279 ARG A N   1 
ATOM   157  C CA  . ARG A 1 30  ? 8.637   0.356   7.059   1.00 22.70 ? 279 ARG A CA  1 
ATOM   158  C C   . ARG A 1 30  ? 9.186   0.204   5.658   1.00 21.98 ? 279 ARG A C   1 
ATOM   159  O O   . ARG A 1 30  ? 10.274  -0.321  5.486   1.00 21.75 ? 279 ARG A O   1 
ATOM   160  C CB  . ARG A 1 30  ? 9.568   1.205   7.935   1.00 23.31 ? 279 ARG A CB  1 
ATOM   161  C CG  . ARG A 1 30  ? 9.915   2.599   7.474   1.00 26.09 ? 279 ARG A CG  1 
ATOM   162  C CD  . ARG A 1 30  ? 10.770  3.306   8.526   1.00 27.85 ? 279 ARG A CD  1 
ATOM   163  N NE  . ARG A 1 30  ? 11.353  4.584   8.127   1.00 29.41 ? 279 ARG A NE  1 
ATOM   164  C CZ  . ARG A 1 30  ? 12.540  4.747   7.538   1.00 29.32 ? 279 ARG A CZ  1 
ATOM   165  N NH1 . ARG A 1 30  ? 13.309  3.713   7.210   1.00 28.67 ? 279 ARG A NH1 1 
ATOM   166  N NH2 . ARG A 1 30  ? 12.952  5.970   7.252   1.00 32.33 ? 279 ARG A NH2 1 
ATOM   167  N N   . ARG A 1 31  ? 8.425   0.646   4.657   1.00 21.17 ? 280 ARG A N   1 
ATOM   168  C CA  . ARG A 1 31  ? 8.856   0.604   3.263   1.00 20.73 ? 280 ARG A CA  1 
ATOM   169  C C   . ARG A 1 31  ? 8.765   1.991   2.655   1.00 20.01 ? 280 ARG A C   1 
ATOM   170  O O   . ARG A 1 31  ? 7.994   2.834   3.116   1.00 19.46 ? 280 ARG A O   1 
ATOM   171  C CB  . ARG A 1 31  ? 7.971   -0.362  2.477   1.00 20.87 ? 280 ARG A CB  1 
ATOM   172  C CG  . ARG A 1 31  ? 7.958   -1.782  3.066   1.00 23.21 ? 280 ARG A CG  1 
ATOM   173  C CD  . ARG A 1 31  ? 9.180   -2.555  2.696   1.00 25.70 ? 280 ARG A CD  1 
ATOM   174  N NE  . ARG A 1 31  ? 9.277   -3.866  3.343   1.00 28.39 ? 280 ARG A NE  1 
ATOM   175  C CZ  . ARG A 1 31  ? 10.122  -4.173  4.332   1.00 29.23 ? 280 ARG A CZ  1 
ATOM   176  N NH1 . ARG A 1 31  ? 10.935  -3.268  4.854   1.00 29.91 ? 280 ARG A NH1 1 
ATOM   177  N NH2 . ARG A 1 31  ? 10.157  -5.414  4.808   1.00 29.34 ? 280 ARG A NH2 1 
ATOM   178  N N   . TRP A 1 32  ? 9.564   2.216   1.613   1.00 19.59 ? 281 TRP A N   1 
ATOM   179  C CA  . TRP A 1 32  ? 9.527   3.444   0.839   1.00 18.42 ? 281 TRP A CA  1 
ATOM   180  C C   . TRP A 1 32  ? 8.468   3.322   -0.260  1.00 18.98 ? 281 TRP A C   1 
ATOM   181  O O   . TRP A 1 32  ? 8.613   2.488   -1.148  1.00 17.16 ? 281 TRP A O   1 
ATOM   182  C CB  . TRP A 1 32  ? 10.907  3.683   0.202   1.00 18.32 ? 281 TRP A CB  1 
ATOM   183  C CG  . TRP A 1 32  ? 11.004  4.914   -0.636  1.00 19.38 ? 281 TRP A CG  1 
ATOM   184  C CD1 . TRP A 1 32  ? 11.121  4.962   -1.988  1.00 21.27 ? 281 TRP A CD1 1 
ATOM   185  C CD2 . TRP A 1 32  ? 11.013  6.276   -0.184  1.00 21.19 ? 281 TRP A CD2 1 
ATOM   186  N NE1 . TRP A 1 32  ? 11.200  6.264   -2.414  1.00 21.32 ? 281 TRP A NE1 1 
ATOM   187  C CE2 . TRP A 1 32  ? 11.138  7.094   -1.324  1.00 21.42 ? 281 TRP A CE2 1 
ATOM   188  C CE3 . TRP A 1 32  ? 10.917  6.890   1.077   1.00 22.31 ? 281 TRP A CE3 1 
ATOM   189  C CZ2 . TRP A 1 32  ? 11.190  8.481   -1.254  1.00 22.03 ? 281 TRP A CZ2 1 
ATOM   190  C CZ3 . TRP A 1 32  ? 10.960  8.282   1.151   1.00 21.33 ? 281 TRP A CZ3 1 
ATOM   191  C CH2 . TRP A 1 32  ? 11.109  9.061   -0.005  1.00 21.54 ? 281 TRP A CH2 1 
ATOM   192  N N   . PHE A 1 33  ? 7.424   4.143   -0.204  1.00 18.31 ? 282 PHE A N   1 
ATOM   193  C CA  . PHE A 1 33  ? 6.294   4.049   -1.133  1.00 19.42 ? 282 PHE A CA  1 
ATOM   194  C C   . PHE A 1 33  ? 6.367   5.143   -2.174  1.00 19.51 ? 282 PHE A C   1 
ATOM   195  O O   . PHE A 1 33  ? 6.738   6.274   -1.862  1.00 19.38 ? 282 PHE A O   1 
ATOM   196  C CB  . PHE A 1 33  ? 4.963   4.165   -0.388  1.00 19.60 ? 282 PHE A CB  1 
ATOM   197  C CG  . PHE A 1 33  ? 4.494   2.880   0.245   1.00 20.07 ? 282 PHE A CG  1 
ATOM   198  C CD1 . PHE A 1 33  ? 5.056   2.423   1.423   1.00 21.90 ? 282 PHE A CD1 1 
ATOM   199  C CD2 . PHE A 1 33  ? 3.508   2.110   -0.359  1.00 20.82 ? 282 PHE A CD2 1 
ATOM   200  C CE1 . PHE A 1 33  ? 4.607   1.230   2.010   1.00 19.60 ? 282 PHE A CE1 1 
ATOM   201  C CE2 . PHE A 1 33  ? 3.067   0.928   0.222   1.00 20.68 ? 282 PHE A CE2 1 
ATOM   202  C CZ  . PHE A 1 33  ? 3.629   0.485   1.407   1.00 20.48 ? 282 PHE A CZ  1 
ATOM   203  N N   . ILE A 1 34  ? 6.034   4.803   -3.416  1.00 18.74 ? 283 ILE A N   1 
ATOM   204  C CA  . ILE A 1 34  ? 5.983   5.773   -4.500  1.00 19.52 ? 283 ILE A CA  1 
ATOM   205  C C   . ILE A 1 34  ? 4.661   5.561   -5.229  1.00 19.29 ? 283 ILE A C   1 
ATOM   206  O O   . ILE A 1 34  ? 4.345   4.447   -5.639  1.00 19.78 ? 283 ILE A O   1 
ATOM   207  C CB  . ILE A 1 34  ? 7.192   5.591   -5.454  1.00 19.52 ? 283 ILE A CB  1 
ATOM   208  C CG1 . ILE A 1 34  ? 8.523   5.686   -4.697  1.00 18.58 ? 283 ILE A CG1 1 
ATOM   209  C CG2 . ILE A 1 34  ? 7.167   6.586   -6.596  1.00 19.78 ? 283 ILE A CG2 1 
ATOM   210  C CD1 . ILE A 1 34  ? 9.714   5.455   -5.589  1.00 19.16 ? 283 ILE A CD1 1 
ATOM   211  N N   . LEU A 1 35  ? 3.874   6.627   -5.339  1.00 20.21 ? 284 LEU A N   1 
ATOM   212  C CA  . LEU A 1 35  ? 2.637   6.645   -6.106  1.00 21.36 ? 284 LEU A CA  1 
ATOM   213  C C   . LEU A 1 35  ? 2.936   7.306   -7.431  1.00 22.50 ? 284 LEU A C   1 
ATOM   214  O O   . LEU A 1 35  ? 3.387   8.443   -7.449  1.00 22.51 ? 284 LEU A O   1 
ATOM   215  C CB  . LEU A 1 35  ? 1.589   7.479   -5.375  1.00 20.93 ? 284 LEU A CB  1 
ATOM   216  C CG  . LEU A 1 35  ? 0.312   7.797   -6.151  1.00 21.75 ? 284 LEU A CG  1 
ATOM   217  C CD1 . LEU A 1 35  ? -0.473  6.556   -6.349  1.00 23.24 ? 284 LEU A CD1 1 
ATOM   218  C CD2 . LEU A 1 35  ? -0.464  8.862   -5.379  1.00 21.42 ? 284 LEU A CD2 1 
ATOM   219  N N   . THR A 1 36  ? 2.685   6.575   -8.511  1.00 24.70 ? 285 THR A N   1 
ATOM   220  C CA  . THR A 1 36  ? 2.846   7.066   -9.878  1.00 26.63 ? 285 THR A CA  1 
ATOM   221  C C   . THR A 1 36  ? 2.112   6.121   -10.858 1.00 27.73 ? 285 THR A C   1 
ATOM   222  O O   . THR A 1 36  ? 2.029   4.921   -10.620 1.00 27.36 ? 285 THR A O   1 
ATOM   223  C CB  . THR A 1 36  ? 4.359   7.180   -10.217 1.00 26.86 ? 285 THR A CB  1 
ATOM   224  O OG1 . THR A 1 36  ? 4.541   7.897   -11.447 1.00 28.66 ? 285 THR A OG1 1 
ATOM   225  C CG2 . THR A 1 36  ? 4.972   5.812   -10.462 1.00 27.71 ? 285 THR A CG2 1 
ATOM   226  N N   . ASP A 1 37  ? 1.585   6.656   -11.960 1.00 29.23 ? 286 ASP A N   1 
ATOM   227  C CA  . ASP A 1 37  ? 0.915   5.833   -12.988 1.00 30.37 ? 286 ASP A CA  1 
ATOM   228  C C   . ASP A 1 37  ? -0.272  5.009   -12.451 1.00 30.00 ? 286 ASP A C   1 
ATOM   229  O O   . ASP A 1 37  ? -0.414  3.843   -12.814 1.00 31.07 ? 286 ASP A O   1 
ATOM   230  C CB  . ASP A 1 37  ? 1.946   4.883   -13.647 1.00 31.12 ? 286 ASP A CB  1 
ATOM   231  C CG  . ASP A 1 37  ? 1.646   4.570   -15.129 1.00 33.22 ? 286 ASP A CG  1 
ATOM   232  O OD1 . ASP A 1 37  ? 0.540   4.855   -15.639 1.00 38.12 ? 286 ASP A OD1 1 
ATOM   233  O OD2 . ASP A 1 37  ? 2.487   4.005   -15.863 1.00 37.24 ? 286 ASP A OD2 1 
ATOM   234  N N   . ASN A 1 38  ? -1.122  5.592   -11.602 1.00 29.47 ? 287 ASN A N   1 
ATOM   235  C CA  . ASN A 1 38  ? -2.276  4.860   -11.049 1.00 28.80 ? 287 ASN A CA  1 
ATOM   236  C C   . ASN A 1 38  ? -1.831  3.551   -10.363 1.00 27.99 ? 287 ASN A C   1 
ATOM   237  O O   . ASN A 1 38  ? -2.545  2.552   -10.341 1.00 26.94 ? 287 ASN A O   1 
ATOM   238  C CB  . ASN A 1 38  ? -3.300  4.565   -12.148 1.00 29.45 ? 287 ASN A CB  1 
ATOM   239  C CG  . ASN A 1 38  ? -3.835  5.824   -12.799 0.00 20.00 ? 287 ASN A CG  1 
ATOM   240  O OD1 . ASN A 1 38  ? -4.090  6.823   -12.125 0.00 20.00 ? 287 ASN A OD1 1 
ATOM   241  N ND2 . ASN A 1 38  ? -4.007  5.781   -14.115 0.00 20.00 ? 287 ASN A ND2 1 
ATOM   242  N N   . CYS A 1 39  ? -0.630  3.584   -9.810  1.00 26.96 ? 288 CYS A N   1 
ATOM   243  C CA  . CYS A 1 39  ? -0.009  2.418   -9.199  1.00 26.94 ? 288 CYS A CA  1 
ATOM   244  C C   . CYS A 1 39  ? 0.717   2.851   -7.944  1.00 25.25 ? 288 CYS A C   1 
ATOM   245  O O   . CYS A 1 39  ? 1.329   3.913   -7.903  1.00 24.01 ? 288 CYS A O   1 
ATOM   246  C CB  . CYS A 1 39  ? 1.034   1.815   -10.138 1.00 27.76 ? 288 CYS A CB  1 
ATOM   247  S SG  . CYS A 1 39  ? 0.417   0.715   -11.400 1.00 35.95 ? 288 CYS A SG  1 
ATOM   248  N N   . LEU A 1 40  ? 0.654   2.016   -6.923  1.00 23.16 ? 289 LEU A N   1 
ATOM   249  C CA  . LEU A 1 40  ? 1.403   2.237   -5.703  1.00 22.27 ? 289 LEU A CA  1 
ATOM   250  C C   . LEU A 1 40  ? 2.484   1.188   -5.609  1.00 22.09 ? 289 LEU A C   1 
ATOM   251  O O   . LEU A 1 40  ? 2.198   -0.006  -5.546  1.00 22.81 ? 289 LEU A O   1 
ATOM   252  C CB  . LEU A 1 40  ? 0.484   2.115   -4.491  1.00 21.52 ? 289 LEU A CB  1 
ATOM   253  C CG  . LEU A 1 40  ? 1.096   2.496   -3.152  1.00 21.66 ? 289 LEU A CG  1 
ATOM   254  C CD1 . LEU A 1 40  ? 1.530   3.970   -3.113  1.00 21.61 ? 289 LEU A CD1 1 
ATOM   255  C CD2 . LEU A 1 40  ? 0.088   2.194   -2.063  1.00 23.58 ? 289 LEU A CD2 1 
ATOM   256  N N   . TYR A 1 41  ? 3.723   1.654   -5.530  1.00 21.83 ? 290 TYR A N   1 
ATOM   257  C CA  . TYR A 1 41  ? 4.903   0.828   -5.452  1.00 21.43 ? 290 TYR A CA  1 
ATOM   258  C C   . TYR A 1 41  ? 5.518   0.986   -4.071  1.00 21.41 ? 290 TYR A C   1 
ATOM   259  O O   . TYR A 1 41  ? 5.358   2.032   -3.438  1.00 21.45 ? 290 TYR A O   1 
ATOM   260  C CB  . TYR A 1 41  ? 5.919   1.320   -6.485  1.00 21.95 ? 290 TYR A CB  1 
ATOM   261  C CG  . TYR A 1 41  ? 5.463   1.172   -7.921  1.00 21.76 ? 290 TYR A CG  1 
ATOM   262  C CD1 . TYR A 1 41  ? 4.804   2.199   -8.585  1.00 22.58 ? 290 TYR A CD1 1 
ATOM   263  C CD2 . TYR A 1 41  ? 5.713   0.006   -8.616  1.00 22.74 ? 290 TYR A CD2 1 
ATOM   264  C CE1 . TYR A 1 41  ? 4.398   2.054   -9.908  1.00 24.04 ? 290 TYR A CE1 1 
ATOM   265  C CE2 . TYR A 1 41  ? 5.304   -0.146  -9.936  1.00 23.64 ? 290 TYR A CE2 1 
ATOM   266  C CZ  . TYR A 1 41  ? 4.645   0.868   -10.573 1.00 25.33 ? 290 TYR A CZ  1 
ATOM   267  O OH  . TYR A 1 41  ? 4.237   0.702   -11.895 1.00 24.69 ? 290 TYR A OH  1 
ATOM   268  N N   . TYR A 1 42  ? 6.203   -0.035  -3.585  1.00 20.86 ? 291 TYR A N   1 
ATOM   269  C CA  . TYR A 1 42  ? 7.062   0.153   -2.426  1.00 21.08 ? 291 TYR A CA  1 
ATOM   270  C C   . TYR A 1 42  ? 8.412   -0.553  -2.596  1.00 20.87 ? 291 TYR A C   1 
ATOM   271  O O   . TYR A 1 42  ? 8.534   -1.501  -3.349  1.00 20.67 ? 291 TYR A O   1 
ATOM   272  C CB  . TYR A 1 42  ? 6.344   -0.246  -1.138  1.00 21.60 ? 291 TYR A CB  1 
ATOM   273  C CG  . TYR A 1 42  ? 6.146   -1.724  -0.925  1.00 22.24 ? 291 TYR A CG  1 
ATOM   274  C CD1 . TYR A 1 42  ? 7.177   -2.511  -0.396  1.00 23.94 ? 291 TYR A CD1 1 
ATOM   275  C CD2 . TYR A 1 42  ? 4.920   -2.335  -1.189  1.00 24.48 ? 291 TYR A CD2 1 
ATOM   276  C CE1 . TYR A 1 42  ? 7.008   -3.855  -0.167  1.00 24.26 ? 291 TYR A CE1 1 
ATOM   277  C CE2 . TYR A 1 42  ? 4.741   -3.703  -0.971  1.00 25.57 ? 291 TYR A CE2 1 
ATOM   278  C CZ  . TYR A 1 42  ? 5.790   -4.451  -0.457  1.00 26.25 ? 291 TYR A CZ  1 
ATOM   279  O OH  . TYR A 1 42  ? 5.616   -5.794  -0.227  1.00 29.76 ? 291 TYR A OH  1 
ATOM   280  N N   . PHE A 1 43  ? 9.414   -0.036  -1.893  1.00 20.60 ? 292 PHE A N   1 
ATOM   281  C CA  . PHE A 1 43  ? 10.794  -0.470  -2.014  1.00 20.64 ? 292 PHE A CA  1 
ATOM   282  C C   . PHE A 1 43  ? 11.390  -0.590  -0.629  1.00 21.44 ? 292 PHE A C   1 
ATOM   283  O O   . PHE A 1 43  ? 10.895  0.023   0.320   1.00 21.21 ? 292 PHE A O   1 
ATOM   284  C CB  . PHE A 1 43  ? 11.625  0.580   -2.761  1.00 20.17 ? 292 PHE A CB  1 
ATOM   285  C CG  . PHE A 1 43  ? 11.098  0.944   -4.117  1.00 20.85 ? 292 PHE A CG  1 
ATOM   286  C CD1 . PHE A 1 43  ? 9.952   1.723   -4.243  1.00 21.14 ? 292 PHE A CD1 1 
ATOM   287  C CD2 . PHE A 1 43  ? 11.759  0.552   -5.270  1.00 23.23 ? 292 PHE A CD2 1 
ATOM   288  C CE1 . PHE A 1 43  ? 9.469   2.076   -5.471  1.00 20.01 ? 292 PHE A CE1 1 
ATOM   289  C CE2 . PHE A 1 43  ? 11.256  0.896   -6.524  1.00 21.13 ? 292 PHE A CE2 1 
ATOM   290  C CZ  . PHE A 1 43  ? 10.119  1.659   -6.626  1.00 21.12 ? 292 PHE A CZ  1 
ATOM   291  N N   . GLU A 1 44  ? 12.487  -1.331  -0.523  1.00 22.58 ? 293 GLU A N   1 
ATOM   292  C CA  . GLU A 1 44  ? 13.226  -1.432  0.737   1.00 24.04 ? 293 GLU A CA  1 
ATOM   293  C C   . GLU A 1 44  ? 14.020  -0.152  1.008   1.00 24.44 ? 293 GLU A C   1 
ATOM   294  O O   . GLU A 1 44  ? 13.983  0.369   2.126   1.00 25.04 ? 293 GLU A O   1 
ATOM   295  C CB  . GLU A 1 44  ? 14.169  -2.634  0.728   1.00 25.16 ? 293 GLU A CB  1 
ATOM   296  C CG  . GLU A 1 44  ? 14.525  -3.114  2.128   1.00 28.03 ? 293 GLU A CG  1 
ATOM   297  C CD  . GLU A 1 44  ? 15.738  -4.017  2.166   1.00 31.58 ? 293 GLU A CD  1 
ATOM   298  O OE1 . GLU A 1 44  ? 16.121  -4.559  1.112   1.00 33.19 ? 293 GLU A OE1 1 
ATOM   299  O OE2 . GLU A 1 44  ? 16.310  -4.172  3.263   1.00 34.93 ? 293 GLU A OE2 1 
ATOM   300  N N   . TYR A 1 45  ? 14.706  0.357   -0.018  1.00 24.57 ? 294 TYR A N   1 
ATOM   301  C CA  . TYR A 1 45  ? 15.471  1.615   0.088   1.00 25.57 ? 294 TYR A CA  1 
ATOM   302  C C   . TYR A 1 45  ? 15.032  2.631   -0.947  1.00 24.86 ? 294 TYR A C   1 
ATOM   303  O O   . TYR A 1 45  ? 14.591  2.264   -2.030  1.00 24.71 ? 294 TYR A O   1 
ATOM   304  C CB  . TYR A 1 45  ? 16.940  1.348   -0.150  1.00 26.43 ? 294 TYR A CB  1 
ATOM   305  C CG  . TYR A 1 45  ? 17.540  0.397   0.841   1.00 29.92 ? 294 TYR A CG  1 
ATOM   306  C CD1 . TYR A 1 45  ? 18.005  -0.852  0.448   1.00 33.93 ? 294 TYR A CD1 1 
ATOM   307  C CD2 . TYR A 1 45  ? 17.611  0.733   2.190   1.00 34.33 ? 294 TYR A CD2 1 
ATOM   308  C CE1 . TYR A 1 45  ? 18.554  -1.733  1.377   1.00 34.86 ? 294 TYR A CE1 1 
ATOM   309  C CE2 . TYR A 1 45  ? 18.155  -0.133  3.114   1.00 35.58 ? 294 TYR A CE2 1 
ATOM   310  C CZ  . TYR A 1 45  ? 18.618  -1.363  2.710   1.00 36.35 ? 294 TYR A CZ  1 
ATOM   311  O OH  . TYR A 1 45  ? 19.156  -2.216  3.652   1.00 37.86 ? 294 TYR A OH  1 
ATOM   312  N N   . THR A 1 46  ? 15.244  3.905   -0.645  1.00 24.37 ? 295 THR A N   1 
ATOM   313  C CA  . THR A 1 46  ? 14.784  4.991   -1.520  1.00 24.88 ? 295 THR A CA  1 
ATOM   314  C C   . THR A 1 46  ? 15.401  4.999   -2.916  1.00 25.47 ? 295 THR A C   1 
ATOM   315  O O   . THR A 1 46  ? 14.832  5.595   -3.819  1.00 25.98 ? 295 THR A O   1 
ATOM   316  C CB  . THR A 1 46  ? 14.988  6.385   -0.871  1.00 24.78 ? 295 THR A CB  1 
ATOM   317  O OG1 . THR A 1 46  ? 16.387  6.739   -0.861  1.00 24.54 ? 295 THR A OG1 1 
ATOM   318  C CG2 . THR A 1 46  ? 14.543  6.401   0.600   1.00 25.99 ? 295 THR A CG2 1 
ATOM   319  N N   . THR A 1 47  ? 16.555  4.352   -3.088  1.00 25.75 ? 296 THR A N   1 
ATOM   320  C CA  . THR A 1 47  ? 17.277  4.365   -4.359  1.00 26.15 ? 296 THR A CA  1 
ATOM   321  C C   . THR A 1 47  ? 17.105  3.081   -5.144  1.00 26.37 ? 296 THR A C   1 
ATOM   322  O O   . THR A 1 47  ? 17.674  2.951   -6.234  1.00 27.07 ? 296 THR A O   1 
ATOM   323  C CB  . THR A 1 47  ? 18.797  4.579   -4.141  1.00 25.94 ? 296 THR A CB  1 
ATOM   324  O OG1 . THR A 1 47  ? 19.259  3.778   -3.042  1.00 27.43 ? 296 THR A OG1 1 
ATOM   325  C CG2 . THR A 1 47  ? 19.110  6.034   -3.766  1.00 26.72 ? 296 THR A CG2 1 
ATOM   326  N N   . ASP A 1 48  ? 16.339  2.129   -4.611  1.00 26.31 ? 297 ASP A N   1 
ATOM   327  C CA  . ASP A 1 48  ? 16.254  0.811   -5.229  1.00 26.53 ? 297 ASP A CA  1 
ATOM   328  C C   . ASP A 1 48  ? 15.600  1.003   -6.574  1.00 27.17 ? 297 ASP A C   1 
ATOM   329  O O   . ASP A 1 48  ? 14.582  1.674   -6.672  1.00 27.30 ? 297 ASP A O   1 
ATOM   330  C CB  . ASP A 1 48  ? 15.384  -0.150  -4.423  1.00 26.22 ? 297 ASP A CB  1 
ATOM   331  C CG  . ASP A 1 48  ? 16.128  -0.841  -3.299  1.00 26.83 ? 297 ASP A CG  1 
ATOM   332  O OD1 . ASP A 1 48  ? 17.378  -0.725  -3.173  1.00 24.11 ? 297 ASP A OD1 1 
ATOM   333  O OD2 . ASP A 1 48  ? 15.500  -1.535  -2.481  1.00 27.73 ? 297 ASP A OD2 1 
ATOM   334  N N   . LYS A 1 49  ? 16.181  0.420   -7.614  1.00 27.90 ? 298 LYS A N   1 
ATOM   335  C CA  . LYS A 1 49  ? 15.629  0.607   -8.950  1.00 28.67 ? 298 LYS A CA  1 
ATOM   336  C C   . LYS A 1 49  ? 14.328  -0.168  -9.123  1.00 28.47 ? 298 LYS A C   1 
ATOM   337  O O   . LYS A 1 49  ? 13.378  0.340   -9.746  1.00 29.21 ? 298 LYS A O   1 
ATOM   338  C CB  . LYS A 1 49  ? 16.645  0.181   -10.014 1.00 28.83 ? 298 LYS A CB  1 
ATOM   339  C CG  . LYS A 1 49  ? 17.967  0.925   -9.903  1.00 31.15 ? 298 LYS A CG  1 
ATOM   340  C CD  . LYS A 1 49  ? 18.818  0.829   -11.163 1.00 33.83 ? 298 LYS A CD  1 
ATOM   341  C CE  . LYS A 1 49  ? 19.448  2.186   -11.500 1.00 34.92 ? 298 LYS A CE  1 
ATOM   342  N NZ  . LYS A 1 49  ? 20.715  2.021   -12.284 1.00 37.08 ? 298 LYS A NZ  1 
ATOM   343  N N   . GLU A 1 50  ? 14.276  -1.381  -8.572  1.00 28.21 ? 299 GLU A N   1 
ATOM   344  C CA  . GLU A 1 50  ? 13.114  -2.258  -8.719  1.00 28.09 ? 299 GLU A CA  1 
ATOM   345  C C   . GLU A 1 50  ? 12.274  -2.333  -7.448  1.00 26.98 ? 299 GLU A C   1 
ATOM   346  O O   . GLU A 1 50  ? 12.801  -2.467  -6.339  1.00 26.17 ? 299 GLU A O   1 
ATOM   347  C CB  . GLU A 1 50  ? 13.545  -3.677  -9.094  1.00 29.12 ? 299 GLU A CB  1 
ATOM   348  C CG  . GLU A 1 50  ? 14.363  -3.788  -10.374 1.00 31.37 ? 299 GLU A CG  1 
ATOM   349  C CD  . GLU A 1 50  ? 13.740  -3.056  -11.551 1.00 34.85 ? 299 GLU A CD  1 
ATOM   350  O OE1 . GLU A 1 50  ? 12.499  -3.154  -11.753 1.00 36.88 ? 299 GLU A OE1 1 
ATOM   351  O OE2 . GLU A 1 50  ? 14.503  -2.375  -12.280 1.00 36.42 ? 299 GLU A OE2 1 
ATOM   352  N N   . PRO A 1 51  ? 10.955  -2.282  -7.602  1.00 26.32 ? 300 PRO A N   1 
ATOM   353  C CA  . PRO A 1 51  ? 10.065  -2.300  -6.437  1.00 25.82 ? 300 PRO A CA  1 
ATOM   354  C C   . PRO A 1 51  ? 9.995   -3.689  -5.813  1.00 25.90 ? 300 PRO A C   1 
ATOM   355  O O   . PRO A 1 51  ? 10.041  -4.691  -6.531  1.00 25.86 ? 300 PRO A O   1 
ATOM   356  C CB  . PRO A 1 51  ? 8.717   -1.889  -7.022  1.00 26.25 ? 300 PRO A CB  1 
ATOM   357  C CG  . PRO A 1 51  ? 8.765   -2.307  -8.450  1.00 26.34 ? 300 PRO A CG  1 
ATOM   358  C CD  . PRO A 1 51  ? 10.215  -2.190  -8.874  1.00 26.13 ? 300 PRO A CD  1 
ATOM   359  N N   . ARG A 1 52  ? 9.924   -3.739  -4.492  1.00 25.55 ? 301 ARG A N   1 
ATOM   360  C CA  . ARG A 1 52  ? 9.632   -4.972  -3.806  1.00 25.92 ? 301 ARG A CA  1 
ATOM   361  C C   . ARG A 1 52  ? 8.164   -5.351  -3.973  1.00 25.08 ? 301 ARG A C   1 
ATOM   362  O O   . ARG A 1 52  ? 7.834   -6.524  -3.966  1.00 26.39 ? 301 ARG A O   1 
ATOM   363  C CB  . ARG A 1 52  ? 9.984   -4.866  -2.324  1.00 26.33 ? 301 ARG A CB  1 
ATOM   364  C CG  . ARG A 1 52  ? 9.975   -6.212  -1.626  1.00 30.55 ? 301 ARG A CG  1 
ATOM   365  C CD  . ARG A 1 52  ? 10.608  -6.209  -0.257  1.00 35.62 ? 301 ARG A CD  1 
ATOM   366  N NE  . ARG A 1 52  ? 12.052  -6.428  -0.303  1.00 39.93 ? 301 ARG A NE  1 
ATOM   367  C CZ  . ARG A 1 52  ? 12.832  -6.483  0.768   1.00 42.75 ? 301 ARG A CZ  1 
ATOM   368  N NH1 . ARG A 1 52  ? 12.321  -6.367  1.991   1.00 44.36 ? 301 ARG A NH1 1 
ATOM   369  N NH2 . ARG A 1 52  ? 14.135  -6.669  0.623   1.00 44.27 ? 301 ARG A NH2 1 
ATOM   370  N N   . GLY A 1 53  ? 7.293   -4.358  -4.117  1.00 23.90 ? 302 GLY A N   1 
ATOM   371  C CA  . GLY A 1 53  ? 5.864   -4.597  -4.264  1.00 23.51 ? 302 GLY A CA  1 
ATOM   372  C C   . GLY A 1 53  ? 5.191   -3.623  -5.218  1.00 22.60 ? 302 GLY A C   1 
ATOM   373  O O   . GLY A 1 53  ? 5.567   -2.459  -5.322  1.00 22.12 ? 302 GLY A O   1 
ATOM   374  N N   . ILE A 1 54  ? 4.190   -4.129  -5.937  1.00 22.10 ? 303 ILE A N   1 
ATOM   375  C CA  . ILE A 1 54  ? 3.440   -3.352  -6.923  1.00 22.30 ? 303 ILE A CA  1 
ATOM   376  C C   . ILE A 1 54  ? 1.967   -3.568  -6.635  1.00 21.68 ? 303 ILE A C   1 
ATOM   377  O O   . ILE A 1 54  ? 1.494   -4.705  -6.642  1.00 23.68 ? 303 ILE A O   1 
ATOM   378  C CB  . ILE A 1 54  ? 3.752   -3.810  -8.377  1.00 22.78 ? 303 ILE A CB  1 
ATOM   379  C CG1 . ILE A 1 54  ? 5.248   -3.693  -8.681  1.00 21.86 ? 303 ILE A CG1 1 
ATOM   380  C CG2 . ILE A 1 54  ? 2.986   -2.945  -9.377  1.00 22.94 ? 303 ILE A CG2 1 
ATOM   381  C CD1 . ILE A 1 54  ? 5.674   -4.429  -9.902  1.00 24.24 ? 303 ILE A CD1 1 
ATOM   382  N N   . ILE A 1 55  ? 1.246   -2.478  -6.394  1.00 21.76 ? 304 ILE A N   1 
ATOM   383  C CA  . ILE A 1 55  ? -0.173  -2.539  -6.077  1.00 21.92 ? 304 ILE A CA  1 
ATOM   384  C C   . ILE A 1 55  ? -0.951  -1.642  -7.031  1.00 21.76 ? 304 ILE A C   1 
ATOM   385  O O   . ILE A 1 55  ? -1.088  -0.460  -6.776  1.00 22.07 ? 304 ILE A O   1 
ATOM   386  C CB  . ILE A 1 55  ? -0.438  -2.091  -4.615  1.00 22.03 ? 304 ILE A CB  1 
ATOM   387  C CG1 . ILE A 1 55  ? 0.458   -2.840  -3.619  1.00 22.26 ? 304 ILE A CG1 1 
ATOM   388  C CG2 . ILE A 1 55  ? -1.905  -2.278  -4.258  1.00 22.10 ? 304 ILE A CG2 1 
ATOM   389  C CD1 . ILE A 1 55  ? 0.606   -2.132  -2.289  1.00 22.99 ? 304 ILE A CD1 1 
ATOM   390  N N   . PRO A 1 56  ? -1.451  -2.185  -8.143  1.00 23.01 ? 305 PRO A N   1 
ATOM   391  C CA  . PRO A 1 56  ? -2.303  -1.393  -9.043  1.00 22.89 ? 305 PRO A CA  1 
ATOM   392  C C   . PRO A 1 56  ? -3.540  -0.876  -8.296  1.00 22.96 ? 305 PRO A C   1 
ATOM   393  O O   . PRO A 1 56  ? -4.131  -1.615  -7.499  1.00 22.10 ? 305 PRO A O   1 
ATOM   394  C CB  . PRO A 1 56  ? -2.689  -2.386  -10.155 1.00 23.52 ? 305 PRO A CB  1 
ATOM   395  C CG  . PRO A 1 56  ? -1.675  -3.499  -10.063 1.00 23.83 ? 305 PRO A CG  1 
ATOM   396  C CD  . PRO A 1 56  ? -1.226  -3.553  -8.639  1.00 23.00 ? 305 PRO A CD  1 
ATOM   397  N N   . LEU A 1 57  ? -3.909  0.381   -8.525  1.00 23.81 ? 306 LEU A N   1 
ATOM   398  C CA  . LEU A 1 57  ? -5.017  1.022   -7.778  1.00 24.06 ? 306 LEU A CA  1 
ATOM   399  C C   . LEU A 1 57  ? -6.397  0.858   -8.443  1.00 24.98 ? 306 LEU A C   1 
ATOM   400  O O   . LEU A 1 57  ? -7.439  1.170   -7.844  1.00 25.04 ? 306 LEU A O   1 
ATOM   401  C CB  . LEU A 1 57  ? -4.699  2.500   -7.535  1.00 24.44 ? 306 LEU A CB  1 
ATOM   402  C CG  . LEU A 1 57  ? -3.478  2.747   -6.647  1.00 24.73 ? 306 LEU A CG  1 
ATOM   403  C CD1 . LEU A 1 57  ? -3.148  4.233   -6.617  1.00 25.16 ? 306 LEU A CD1 1 
ATOM   404  C CD2 . LEU A 1 57  ? -3.701  2.206   -5.235  1.00 25.79 ? 306 LEU A CD2 1 
ATOM   405  N N   . GLU A 1 58  ? -6.401  0.377   -9.676  1.00 25.62 ? 307 GLU A N   1 
ATOM   406  C CA  . GLU A 1 58  ? -7.639  0.082   -10.394 1.00 26.22 ? 307 GLU A CA  1 
ATOM   407  C C   . GLU A 1 58  ? -8.559  -0.828  -9.560  1.00 26.25 ? 307 GLU A C   1 
ATOM   408  O O   . GLU A 1 58  ? -8.140  -1.856  -9.038  1.00 26.71 ? 307 GLU A O   1 
ATOM   409  C CB  . GLU A 1 58  ? -7.332  -0.564  -11.747 1.00 26.78 ? 307 GLU A CB  1 
ATOM   410  C CG  . GLU A 1 58  ? -6.492  0.303   -12.671 0.00 20.00 ? 307 GLU A CG  1 
ATOM   411  C CD  . GLU A 1 58  ? -6.209  -0.368  -14.001 0.00 20.00 ? 307 GLU A CD  1 
ATOM   412  O OE1 . GLU A 1 58  ? -6.670  -1.512  -14.199 0.00 20.00 ? 307 GLU A OE1 1 
ATOM   413  O OE2 . GLU A 1 58  ? -5.526  0.250   -14.845 0.00 20.00 ? 307 GLU A OE2 1 
ATOM   414  N N   . ASN A 1 59  ? -9.809  -0.396  -9.416  1.00 26.42 ? 308 ASN A N   1 
ATOM   415  C CA  . ASN A 1 59  ? -10.836 -1.091  -8.651  1.00 26.06 ? 308 ASN A CA  1 
ATOM   416  C C   . ASN A 1 59  ? -10.659 -1.117  -7.133  1.00 24.83 ? 308 ASN A C   1 
ATOM   417  O O   . ASN A 1 59  ? -11.458 -1.729  -6.439  1.00 24.75 ? 308 ASN A O   1 
ATOM   418  C CB  . ASN A 1 59  ? -11.057 -2.501  -9.185  1.00 26.35 ? 308 ASN A CB  1 
ATOM   419  C CG  . ASN A 1 59  ? -11.345 -2.504  -10.663 1.00 29.60 ? 308 ASN A CG  1 
ATOM   420  O OD1 . ASN A 1 59  ? -12.226 -1.773  -11.135 1.00 33.63 ? 308 ASN A OD1 1 
ATOM   421  N ND2 . ASN A 1 59  ? -10.579 -3.281  -11.414 1.00 31.46 ? 308 ASN A ND2 1 
ATOM   422  N N   . LEU A 1 60  ? -9.644  -0.425  -6.621  1.00 24.00 ? 309 LEU A N   1 
ATOM   423  C CA  . LEU A 1 60  ? -9.432  -0.326  -5.183  1.00 23.40 ? 309 LEU A CA  1 
ATOM   424  C C   . LEU A 1 60  ? -10.003 0.975   -4.677  1.00 23.92 ? 309 LEU A C   1 
ATOM   425  O O   . LEU A 1 60  ? -10.024 1.973   -5.396  1.00 24.53 ? 309 LEU A O   1 
ATOM   426  C CB  . LEU A 1 60  ? -7.954  -0.386  -4.830  1.00 23.34 ? 309 LEU A CB  1 
ATOM   427  C CG  . LEU A 1 60  ? -7.222  -1.666  -5.217  1.00 22.51 ? 309 LEU A CG  1 
ATOM   428  C CD1 . LEU A 1 60  ? -5.852  -1.709  -4.549  1.00 22.08 ? 309 LEU A CD1 1 
ATOM   429  C CD2 . LEU A 1 60  ? -8.042  -2.890  -4.882  1.00 21.04 ? 309 LEU A CD2 1 
ATOM   430  N N   . SER A 1 61  ? -10.458 0.951   -3.434  1.00 23.69 ? 310 SER A N   1 
ATOM   431  C CA  . SER A 1 61  ? -10.871 2.162   -2.749  1.00 23.87 ? 310 SER A CA  1 
ATOM   432  C C   . SER A 1 61  ? -10.055 2.292   -1.494  1.00 23.48 ? 310 SER A C   1 
ATOM   433  O O   . SER A 1 61  ? -9.301  1.387   -1.136  1.00 21.44 ? 310 SER A O   1 
ATOM   434  C CB  . SER A 1 61  ? -12.355 2.103   -2.426  1.00 24.12 ? 310 SER A CB  1 
ATOM   435  O OG  . SER A 1 61  ? -13.083 2.047   -3.639  1.00 27.60 ? 310 SER A OG  1 
ATOM   436  N N   . ILE A 1 62  ? -10.198 3.434   -0.838  1.00 23.16 ? 311 ILE A N   1 
ATOM   437  C CA  . ILE A 1 62  ? -9.400  3.755   0.331   1.00 24.03 ? 311 ILE A CA  1 
ATOM   438  C C   . ILE A 1 62  ? -10.325 4.193   1.434   1.00 24.62 ? 311 ILE A C   1 
ATOM   439  O O   . ILE A 1 62  ? -11.323 4.867   1.191   1.00 22.85 ? 311 ILE A O   1 
ATOM   440  C CB  . ILE A 1 62  ? -8.359  4.846   -0.023  1.00 24.76 ? 311 ILE A CB  1 
ATOM   441  C CG1 . ILE A 1 62  ? -7.351  5.024   1.105   1.00 25.80 ? 311 ILE A CG1 1 
ATOM   442  C CG2 . ILE A 1 62  ? -9.014  6.160   -0.370  1.00 25.22 ? 311 ILE A CG2 1 
ATOM   443  C CD1 . ILE A 1 62  ? -6.022  5.631   0.610   1.00 27.03 ? 311 ILE A CD1 1 
ATOM   444  N N   . ARG A 1 63  ? -10.031 3.748   2.648   1.00 24.80 ? 312 ARG A N   1 
ATOM   445  C CA  . ARG A 1 63  ? -10.803 4.142   3.806   1.00 25.59 ? 312 ARG A CA  1 
ATOM   446  C C   . ARG A 1 63  ? -9.881  4.411   4.974   1.00 26.10 ? 312 ARG A C   1 
ATOM   447  O O   . ARG A 1 63  ? -8.799  3.827   5.075   1.00 26.11 ? 312 ARG A O   1 
ATOM   448  C CB  . ARG A 1 63  ? -11.840 3.074   4.164   1.00 25.68 ? 312 ARG A CB  1 
ATOM   449  C CG  . ARG A 1 63  ? -11.267 1.672   4.422   1.00 25.42 ? 312 ARG A CG  1 
ATOM   450  C CD  . ARG A 1 63  ? -12.318 0.636   4.772   1.00 27.38 ? 312 ARG A CD  1 
ATOM   451  N NE  . ARG A 1 63  ? -11.766 -0.720  4.792   1.00 25.80 ? 312 ARG A NE  1 
ATOM   452  C CZ  . ARG A 1 63  ? -12.467 -1.832  4.578   1.00 26.83 ? 312 ARG A CZ  1 
ATOM   453  N NH1 . ARG A 1 63  ? -13.756 -1.779  4.293   1.00 26.55 ? 312 ARG A NH1 1 
ATOM   454  N NH2 . ARG A 1 63  ? -11.873 -3.017  4.626   1.00 27.32 ? 312 ARG A NH2 1 
ATOM   455  N N   . GLU A 1 64  ? -10.285 5.345   5.823   1.00 26.23 ? 313 GLU A N   1 
ATOM   456  C CA  . GLU A 1 64  ? -9.615  5.555   7.100   1.00 27.45 ? 313 GLU A CA  1 
ATOM   457  C C   . GLU A 1 64  ? -10.019 4.413   8.022   1.00 27.62 ? 313 GLU A C   1 
ATOM   458  O O   . GLU A 1 64  ? -11.113 3.858   7.915   1.00 26.94 ? 313 GLU A O   1 
ATOM   459  C CB  . GLU A 1 64  ? -9.976  6.905   7.718   1.00 28.37 ? 313 GLU A CB  1 
ATOM   460  C CG  . GLU A 1 64  ? -9.270  8.076   7.045   1.00 29.80 ? 313 GLU A CG  1 
ATOM   461  C CD  . GLU A 1 64  ? -9.699  9.432   7.558   1.00 33.48 ? 313 GLU A CD  1 
ATOM   462  O OE1 . GLU A 1 64  ? -10.904 9.629   7.839   1.00 35.04 ? 313 GLU A OE1 1 
ATOM   463  O OE2 . GLU A 1 64  ? -8.816  10.316  7.655   1.00 37.50 ? 313 GLU A OE2 1 
ATOM   464  N N   . VAL A 1 65  ? -9.094  4.020   8.888   1.00 27.72 ? 314 VAL A N   1 
ATOM   465  C CA  . VAL A 1 65  ? -9.367  3.007   9.888   1.00 28.19 ? 314 VAL A CA  1 
ATOM   466  C C   . VAL A 1 65  ? -8.603  3.333   11.155  1.00 28.87 ? 314 VAL A C   1 
ATOM   467  O O   . VAL A 1 65  ? -7.556  3.972   11.116  1.00 27.71 ? 314 VAL A O   1 
ATOM   468  C CB  . VAL A 1 65  ? -8.954  1.593   9.416   1.00 27.81 ? 314 VAL A CB  1 
ATOM   469  C CG1 . VAL A 1 65  ? -9.721  1.180   8.152   1.00 28.72 ? 314 VAL A CG1 1 
ATOM   470  C CG2 . VAL A 1 65  ? -7.437  1.506   9.187   1.00 26.40 ? 314 VAL A CG2 1 
ATOM   471  N N   . ASP A 1 66  ? -9.143  2.896   12.289  1.00 29.73 ? 315 ASP A N   1 
ATOM   472  C CA  . ASP A 1 66  ? -8.431  3.002   13.542  1.00 30.54 ? 315 ASP A CA  1 
ATOM   473  C C   . ASP A 1 66  ? -7.785  1.660   13.863  1.00 30.56 ? 315 ASP A C   1 
ATOM   474  O O   . ASP A 1 66  ? -8.338  0.602   13.575  1.00 30.81 ? 315 ASP A O   1 
ATOM   475  C CB  . ASP A 1 66  ? -9.370  3.478   14.657  1.00 31.14 ? 315 ASP A CB  1 
ATOM   476  C CG  . ASP A 1 66  ? -9.943  4.844   14.369  1.00 32.02 ? 315 ASP A CG  1 
ATOM   477  O OD1 . ASP A 1 66  ? -9.160  5.793   14.137  1.00 32.68 ? 315 ASP A OD1 1 
ATOM   478  O OD2 . ASP A 1 66  ? -11.163 5.069   14.304  1.00 34.78 ? 315 ASP A OD2 1 
ATOM   479  N N   . ASP A 1 67  ? -6.593  1.728   14.437  1.00 30.45 ? 316 ASP A N   1 
ATOM   480  C CA  . ASP A 1 67  ? -5.777  0.557   14.721  1.00 30.50 ? 316 ASP A CA  1 
ATOM   481  C C   . ASP A 1 67  ? -5.268  0.639   16.165  1.00 30.70 ? 316 ASP A C   1 
ATOM   482  O O   . ASP A 1 67  ? -4.833  1.700   16.599  1.00 30.79 ? 316 ASP A O   1 
ATOM   483  C CB  . ASP A 1 67  ? -4.592  0.528   13.760  1.00 30.39 ? 316 ASP A CB  1 
ATOM   484  C CG  . ASP A 1 67  ? -3.831  -0.774  13.816  1.00 29.49 ? 316 ASP A CG  1 
ATOM   485  O OD1 . ASP A 1 67  ? -2.884  -0.868  14.626  1.00 31.86 ? 316 ASP A OD1 1 
ATOM   486  O OD2 . ASP A 1 67  ? -4.107  -1.757  13.108  1.00 28.99 ? 316 ASP A OD2 1 
ATOM   487  N N   . PRO A 1 68  ? -5.320  -0.469  16.906  1.00 31.69 ? 317 PRO A N   1 
ATOM   488  C CA  . PRO A 1 68  ? -4.911  -0.461  18.321  1.00 32.16 ? 317 PRO A CA  1 
ATOM   489  C C   . PRO A 1 68  ? -3.409  -0.235  18.589  1.00 32.46 ? 317 PRO A C   1 
ATOM   490  O O   . PRO A 1 68  ? -3.043  0.181   19.699  1.00 32.48 ? 317 PRO A O   1 
ATOM   491  C CB  . PRO A 1 68  ? -5.340  -1.846  18.828  1.00 32.06 ? 317 PRO A CB  1 
ATOM   492  C CG  . PRO A 1 68  ? -5.532  -2.696  17.628  1.00 32.14 ? 317 PRO A CG  1 
ATOM   493  C CD  . PRO A 1 68  ? -5.770  -1.802  16.463  1.00 31.62 ? 317 PRO A CD  1 
ATOM   494  N N   . ARG A 1 69  ? -2.559  -0.499  17.594  1.00 32.57 ? 318 ARG A N   1 
ATOM   495  C CA  . ARG A 1 69  ? -1.110  -0.412  17.760  1.00 32.57 ? 318 ARG A CA  1 
ATOM   496  C C   . ARG A 1 69  ? -0.439  0.783   17.052  1.00 32.48 ? 318 ARG A C   1 
ATOM   497  O O   . ARG A 1 69  ? 0.470   1.387   17.623  1.00 33.14 ? 318 ARG A O   1 
ATOM   498  C CB  . ARG A 1 69  ? -0.432  -1.675  17.227  1.00 32.75 ? 318 ARG A CB  1 
ATOM   499  C CG  . ARG A 1 69  ? -0.871  -2.954  17.922  0.00 20.00 ? 318 ARG A CG  1 
ATOM   500  C CD  . ARG A 1 69  ? 0.007   -4.129  17.521  0.00 20.00 ? 318 ARG A CD  1 
ATOM   501  N NE  . ARG A 1 69  ? -0.401  -5.367  18.180  0.00 20.00 ? 318 ARG A NE  1 
ATOM   502  C CZ  . ARG A 1 69  ? 0.199   -6.539  18.004  0.00 20.00 ? 318 ARG A CZ  1 
ATOM   503  N NH1 . ARG A 1 69  ? 1.238   -6.637  17.186  0.00 20.00 ? 318 ARG A NH1 1 
ATOM   504  N NH2 . ARG A 1 69  ? -0.242  -7.613  18.646  0.00 20.00 ? 318 ARG A NH2 1 
ATOM   505  N N   . LYS A 1 70  ? -0.886  1.141   15.843  1.00 31.74 ? 319 LYS A N   1 
ATOM   506  C CA  . LYS A 1 70  ? -0.222  2.198   15.058  1.00 30.99 ? 319 LYS A CA  1 
ATOM   507  C C   . LYS A 1 70  ? -1.144  3.372   14.748  1.00 30.10 ? 319 LYS A C   1 
ATOM   508  O O   . LYS A 1 70  ? -2.333  3.173   14.538  1.00 29.42 ? 319 LYS A O   1 
ATOM   509  C CB  . LYS A 1 70  ? 0.320   1.627   13.747  1.00 31.44 ? 319 LYS A CB  1 
ATOM   510  C CG  . LYS A 1 70  ? 1.335   0.515   13.928  1.00 30.79 ? 319 LYS A CG  1 
ATOM   511  C CD  . LYS A 1 70  ? 2.643   1.009   14.539  1.00 30.82 ? 319 LYS A CD  1 
ATOM   512  C CE  . LYS A 1 70  ? 3.604   -0.143  14.783  1.00 31.29 ? 319 LYS A CE  1 
ATOM   513  N NZ  . LYS A 1 70  ? 4.947   0.328   15.231  1.00 32.82 ? 319 LYS A NZ  1 
ATOM   514  N N   . PRO A 1 71  ? -0.595  4.587   14.686  1.00 29.22 ? 320 PRO A N   1 
ATOM   515  C CA  . PRO A 1 71  ? -1.398  5.775   14.390  1.00 28.61 ? 320 PRO A CA  1 
ATOM   516  C C   . PRO A 1 71  ? -1.600  6.027   12.897  1.00 27.84 ? 320 PRO A C   1 
ATOM   517  O O   . PRO A 1 71  ? -0.925  5.422   12.055  1.00 27.76 ? 320 PRO A O   1 
ATOM   518  C CB  . PRO A 1 71  ? -0.572  6.905   15.002  1.00 28.69 ? 320 PRO A CB  1 
ATOM   519  C CG  . PRO A 1 71  ? 0.846   6.451   14.877  1.00 29.29 ? 320 PRO A CG  1 
ATOM   520  C CD  . PRO A 1 71  ? 0.825   4.944   14.896  1.00 29.10 ? 320 PRO A CD  1 
ATOM   521  N N   . ASN A 1 72  ? -2.551  6.902   12.585  1.00 26.66 ? 321 ASN A N   1 
ATOM   522  C CA  . ASN A 1 72  ? -2.690  7.493   11.251  1.00 25.98 ? 321 ASN A CA  1 
ATOM   523  C C   . ASN A 1 72  ? -2.854  6.488   10.121  1.00 25.31 ? 321 ASN A C   1 
ATOM   524  O O   . ASN A 1 72  ? -2.179  6.602   9.090   1.00 24.76 ? 321 ASN A O   1 
ATOM   525  C CB  . ASN A 1 72  ? -1.493  8.397   10.936  1.00 26.12 ? 321 ASN A CB  1 
ATOM   526  C CG  . ASN A 1 72  ? -1.139  9.333   12.084  1.00 27.51 ? 321 ASN A CG  1 
ATOM   527  O OD1 . ASN A 1 72  ? -1.969  10.138  12.501  1.00 29.68 ? 321 ASN A OD1 1 
ATOM   528  N ND2 . ASN A 1 72  ? 0.084   9.210   12.616  1.00 29.09 ? 321 ASN A ND2 1 
ATOM   529  N N   . CYS A 1 73  ? -3.797  5.565   10.269  1.00 25.13 ? 322 CYS A N   1 
ATOM   530  C CA  . CYS A 1 73  ? -3.918  4.467   9.314   1.00 24.44 ? 322 CYS A CA  1 
ATOM   531  C C   . CYS A 1 73  ? -4.994  4.673   8.251   1.00 24.74 ? 322 CYS A C   1 
ATOM   532  O O   . CYS A 1 73  ? -6.002  5.359   8.467   1.00 24.34 ? 322 CYS A O   1 
ATOM   533  C CB  . CYS A 1 73  ? -4.184  3.135   10.011  1.00 25.09 ? 322 CYS A CB  1 
ATOM   534  S SG  . CYS A 1 73  ? -2.854  2.551   11.088  1.00 25.04 ? 322 CYS A SG  1 
ATOM   535  N N   . PHE A 1 74  ? -4.751  4.066   7.097   1.00 23.74 ? 323 PHE A N   1 
ATOM   536  C CA  . PHE A 1 74  ? -5.785  3.880   6.074   1.00 23.82 ? 323 PHE A CA  1 
ATOM   537  C C   . PHE A 1 74  ? -5.647  2.489   5.478   1.00 23.33 ? 323 PHE A C   1 
ATOM   538  O O   . PHE A 1 74  ? -4.650  1.798   5.713   1.00 22.84 ? 323 PHE A O   1 
ATOM   539  C CB  . PHE A 1 74  ? -5.723  4.954   4.984   1.00 24.07 ? 323 PHE A CB  1 
ATOM   540  C CG  . PHE A 1 74  ? -4.418  5.012   4.229   1.00 24.37 ? 323 PHE A CG  1 
ATOM   541  C CD1 . PHE A 1 74  ? -4.216  4.250   3.081   1.00 25.34 ? 323 PHE A CD1 1 
ATOM   542  C CD2 . PHE A 1 74  ? -3.400  5.851   4.650   1.00 26.26 ? 323 PHE A CD2 1 
ATOM   543  C CE1 . PHE A 1 74  ? -3.007  4.324   2.380   1.00 25.52 ? 323 PHE A CE1 1 
ATOM   544  C CE2 . PHE A 1 74  ? -2.212  5.921   3.974   1.00 25.39 ? 323 PHE A CE2 1 
ATOM   545  C CZ  . PHE A 1 74  ? -2.008  5.170   2.818   1.00 26.20 ? 323 PHE A CZ  1 
ATOM   546  N N   . GLU A 1 75  ? -6.665  2.078   4.729   1.00 22.99 ? 324 GLU A N   1 
ATOM   547  C CA  . GLU A 1 75  ? -6.667  0.797   4.037   1.00 23.26 ? 324 GLU A CA  1 
ATOM   548  C C   . GLU A 1 75  ? -7.021  0.973   2.588   1.00 22.61 ? 324 GLU A C   1 
ATOM   549  O O   . GLU A 1 75  ? -7.891  1.776   2.243   1.00 22.40 ? 324 GLU A O   1 
ATOM   550  C CB  . GLU A 1 75  ? -7.673  -0.181  4.654   1.00 23.66 ? 324 GLU A CB  1 
ATOM   551  C CG  . GLU A 1 75  ? -7.128  -1.020  5.776   1.00 26.49 ? 324 GLU A CG  1 
ATOM   552  C CD  . GLU A 1 75  ? -8.194  -1.837  6.465   1.00 27.40 ? 324 GLU A CD  1 
ATOM   553  O OE1 . GLU A 1 75  ? -9.364  -1.871  6.005   1.00 26.32 ? 324 GLU A OE1 1 
ATOM   554  O OE2 . GLU A 1 75  ? -7.845  -2.473  7.463   1.00 29.55 ? 324 GLU A OE2 1 
ATOM   555  N N   . LEU A 1 76  ? -6.317  0.222   1.745   1.00 22.10 ? 325 LEU A N   1 
ATOM   556  C CA  . LEU A 1 76  ? -6.735  -0.066  0.399   1.00 21.77 ? 325 LEU A CA  1 
ATOM   557  C C   . LEU A 1 76  ? -7.539  -1.369  0.436   1.00 21.62 ? 325 LEU A C   1 
ATOM   558  O O   . LEU A 1 76  ? -7.133  -2.347  1.054   1.00 21.34 ? 325 LEU A O   1 
ATOM   559  C CB  . LEU A 1 76  ? -5.518  -0.229  -0.515  1.00 22.18 ? 325 LEU A CB  1 
ATOM   560  C CG  . LEU A 1 76  ? -4.476  0.887   -0.526  1.00 23.63 ? 325 LEU A CG  1 
ATOM   561  C CD1 . LEU A 1 76  ? -3.312  0.477   -1.432  1.00 23.18 ? 325 LEU A CD1 1 
ATOM   562  C CD2 . LEU A 1 76  ? -5.069  2.187   -1.006  1.00 27.07 ? 325 LEU A CD2 1 
ATOM   563  N N   . TYR A 1 77  ? -8.676  -1.388  -0.231  1.00 21.39 ? 326 TYR A N   1 
ATOM   564  C CA  . TYR A 1 77  ? -9.542  -2.561  -0.168  1.00 20.96 ? 326 TYR A CA  1 
ATOM   565  C C   . TYR A 1 77  ? -10.432 -2.616  -1.385  1.00 21.59 ? 326 TYR A C   1 
ATOM   566  O O   . TYR A 1 77  ? -10.536 -1.646  -2.132  1.00 21.20 ? 326 TYR A O   1 
ATOM   567  C CB  . TYR A 1 77  ? -10.396 -2.504  1.102   1.00 21.00 ? 326 TYR A CB  1 
ATOM   568  C CG  . TYR A 1 77  ? -11.514 -1.461  1.065   1.00 21.54 ? 326 TYR A CG  1 
ATOM   569  C CD1 . TYR A 1 77  ? -12.846 -1.843  0.963   1.00 22.24 ? 326 TYR A CD1 1 
ATOM   570  C CD2 . TYR A 1 77  ? -11.225 -0.104  1.151   1.00 21.05 ? 326 TYR A CD2 1 
ATOM   571  C CE1 . TYR A 1 77  ? -13.861 -0.877  0.925   1.00 23.85 ? 326 TYR A CE1 1 
ATOM   572  C CE2 . TYR A 1 77  ? -12.216 0.852   1.126   1.00 21.62 ? 326 TYR A CE2 1 
ATOM   573  C CZ  . TYR A 1 77  ? -13.528 0.465   1.022   1.00 20.10 ? 326 TYR A CZ  1 
ATOM   574  O OH  . TYR A 1 77  ? -14.524 1.437   0.971   1.00 21.25 ? 326 TYR A OH  1 
ATOM   575  N N   . ILE A 1 78  ? -11.091 -3.750  -1.567  1.00 22.05 ? 327 ILE A N   1 
ATOM   576  C CA  . ILE A 1 78  ? -12.079 -3.910  -2.625  1.00 23.32 ? 327 ILE A CA  1 
ATOM   577  C C   . ILE A 1 78  ? -13.466 -3.767  -2.003  1.00 24.65 ? 327 ILE A C   1 
ATOM   578  O O   . ILE A 1 78  ? -13.802 -4.542  -1.114  1.00 24.69 ? 327 ILE A O   1 
ATOM   579  C CB  . ILE A 1 78  ? -11.904 -5.296  -3.295  1.00 23.65 ? 327 ILE A CB  1 
ATOM   580  C CG1 . ILE A 1 78  ? -10.531 -5.370  -3.982  1.00 25.09 ? 327 ILE A CG1 1 
ATOM   581  C CG2 . ILE A 1 78  ? -13.015 -5.531  -4.298  1.00 24.94 ? 327 ILE A CG2 1 
ATOM   582  C CD1 . ILE A 1 78  ? -10.165 -6.725  -4.484  1.00 25.64 ? 327 ILE A CD1 1 
ATOM   583  N N   . PRO A 1 79  ? -14.260 -2.782  -2.437  1.00 25.53 ? 328 PRO A N   1 
ATOM   584  C CA  . PRO A 1 79  ? -15.610 -2.600  -1.886  1.00 26.62 ? 328 PRO A CA  1 
ATOM   585  C C   . PRO A 1 79  ? -16.480 -3.847  -2.084  1.00 27.08 ? 328 PRO A C   1 
ATOM   586  O O   . PRO A 1 79  ? -16.349 -4.499  -3.121  1.00 27.68 ? 328 PRO A O   1 
ATOM   587  C CB  . PRO A 1 79  ? -16.158 -1.428  -2.703  1.00 26.38 ? 328 PRO A CB  1 
ATOM   588  C CG  . PRO A 1 79  ? -14.944 -0.688  -3.159  1.00 26.65 ? 328 PRO A CG  1 
ATOM   589  C CD  . PRO A 1 79  ? -13.946 -1.764  -3.456  1.00 25.89 ? 328 PRO A CD  1 
ATOM   590  N N   . ASN A 1 80  ? -17.328 -4.172  -1.111  1.00 27.89 ? 329 ASN A N   1 
ATOM   591  C CA  . ASN A 1 80  ? -18.287 -5.278  -1.244  1.00 28.81 ? 329 ASN A CA  1 
ATOM   592  C C   . ASN A 1 80  ? -17.567 -6.580  -1.589  1.00 30.72 ? 329 ASN A C   1 
ATOM   593  O O   . ASN A 1 80  ? -18.135 -7.462  -2.250  1.00 31.10 ? 329 ASN A O   1 
ATOM   594  C CB  . ASN A 1 80  ? -19.315 -4.976  -2.349  1.00 28.49 ? 329 ASN A CB  1 
ATOM   595  C CG  . ASN A 1 80  ? -19.778 -3.534  -2.347  1.00 26.60 ? 329 ASN A CG  1 
ATOM   596  O OD1 . ASN A 1 80  ? -20.083 -2.988  -1.303  1.00 26.12 ? 329 ASN A OD1 1 
ATOM   597  N ND2 . ASN A 1 80  ? -19.831 -2.917  -3.522  1.00 25.43 ? 329 ASN A ND2 1 
ATOM   598  N N   . ASN A 1 81  ? -16.312 -6.678  -1.160  1.00 32.81 ? 330 ASN A N   1 
ATOM   599  C CA  . ASN A 1 81  ? -15.444 -7.778  -1.557  1.00 34.45 ? 330 ASN A CA  1 
ATOM   600  C C   . ASN A 1 81  ? -16.115 -9.079  -1.160  1.00 35.51 ? 330 ASN A C   1 
ATOM   601  O O   . ASN A 1 81  ? -16.472 -9.262  0.009   1.00 36.58 ? 330 ASN A O   1 
ATOM   602  C CB  . ASN A 1 81  ? -14.070 -7.646  -0.881  1.00 34.30 ? 330 ASN A CB  1 
ATOM   603  C CG  . ASN A 1 81  ? -12.995 -8.492  -1.538  1.00 35.89 ? 330 ASN A CG  1 
ATOM   604  O OD1 . ASN A 1 81  ? -13.205 -9.087  -2.600  1.00 37.83 ? 330 ASN A OD1 1 
ATOM   605  N ND2 . ASN A 1 81  ? -11.821 -8.544  -0.903  1.00 34.39 ? 330 ASN A ND2 1 
ATOM   606  N N   . LYS A 1 82  ? -16.315 -9.947  -2.153  1.00 36.80 ? 331 LYS A N   1 
ATOM   607  C CA  . LYS A 1 82  ? -16.852 -11.285 -1.943  1.00 37.53 ? 331 LYS A CA  1 
ATOM   608  C C   . LYS A 1 82  ? -15.736 -12.297 -1.631  1.00 37.84 ? 331 LYS A C   1 
ATOM   609  O O   . LYS A 1 82  ? -15.897 -13.492 -1.896  1.00 38.61 ? 331 LYS A O   1 
ATOM   610  C CB  . LYS A 1 82  ? -17.651 -11.740 -3.166  1.00 37.90 ? 331 LYS A CB  1 
ATOM   611  C CG  . LYS A 1 82  ? -18.836 -10.846 -3.500  0.00 20.00 ? 331 LYS A CG  1 
ATOM   612  C CD  . LYS A 1 82  ? -19.722 -11.478 -4.561  0.00 20.00 ? 331 LYS A CD  1 
ATOM   613  C CE  . LYS A 1 82  ? -20.906 -10.586 -4.895  0.00 20.00 ? 331 LYS A CE  1 
ATOM   614  N NZ  . LYS A 1 82  ? -21.784 -11.193 -5.933  0.00 20.00 ? 331 LYS A NZ  1 
ATOM   615  N N   . GLY A 1 83  ? -14.616 -11.806 -1.089  1.00 37.65 ? 332 GLY A N   1 
ATOM   616  C CA  . GLY A 1 83  ? -13.526 -12.625 -0.588  1.00 37.46 ? 332 GLY A CA  1 
ATOM   617  C C   . GLY A 1 83  ? -12.280 -12.688 -1.463  1.00 36.51 ? 332 GLY A C   1 
ATOM   618  O O   . GLY A 1 83  ? -11.377 -13.458 -1.147  1.00 37.38 ? 332 GLY A O   1 
ATOM   619  N N   . GLN A 1 84  ? -12.227 -11.894 -2.539  1.00 35.19 ? 333 GLN A N   1 
ATOM   620  C CA  . GLN A 1 84  ? -11.109 -11.911 -3.490  1.00 33.74 ? 333 GLN A CA  1 
ATOM   621  C C   . GLN A 1 84  ? -9.872  -11.135 -3.004  1.00 32.69 ? 333 GLN A C   1 
ATOM   622  O O   . GLN A 1 84  ? -9.986  -10.100 -2.342  1.00 32.52 ? 333 GLN A O   1 
ATOM   623  C CB  . GLN A 1 84  ? -11.541 -11.330 -4.838  1.00 33.80 ? 333 GLN A CB  1 
ATOM   624  C CG  . GLN A 1 84  ? -12.684 -12.083 -5.499  0.00 20.00 ? 333 GLN A CG  1 
ATOM   625  C CD  . GLN A 1 84  ? -13.086 -11.480 -6.831  0.00 20.00 ? 333 GLN A CD  1 
ATOM   626  O OE1 . GLN A 1 84  ? -12.509 -10.486 -7.271  0.00 20.00 ? 333 GLN A OE1 1 
ATOM   627  N NE2 . GLN A 1 84  ? -14.047 -11.916 -7.636  0.00 20.00 ? 333 GLN A NE2 1 
ATOM   628  N N   . LEU A 1 85  ? -8.694  -11.647 -3.339  1.00 31.12 ? 334 LEU A N   1 
ATOM   629  C CA  . LEU A 1 85  ? -7.449  -10.941 -3.055  1.00 29.83 ? 334 LEU A CA  1 
ATOM   630  C C   . LEU A 1 85  ? -7.253  -9.771  -4.021  1.00 28.33 ? 334 LEU A C   1 
ATOM   631  O O   . LEU A 1 85  ? -7.708  -9.796  -5.174  1.00 27.62 ? 334 LEU A O   1 
ATOM   632  C CB  . LEU A 1 85  ? -6.246  -11.887 -3.124  1.00 30.39 ? 334 LEU A CB  1 
ATOM   633  C CG  . LEU A 1 85  ? -6.278  -13.127 -2.223  1.00 31.33 ? 334 LEU A CG  1 
ATOM   634  C CD1 . LEU A 1 85  ? -5.146  -14.076 -2.591  1.00 33.25 ? 334 LEU A CD1 1 
ATOM   635  C CD2 . LEU A 1 85  ? -6.231  -12.749 -0.749  1.00 32.16 ? 334 LEU A CD2 1 
ATOM   636  N N   . ILE A 1 86  ? -6.588  -8.739  -3.526  1.00 27.08 ? 335 ILE A N   1 
ATOM   637  C CA  . ILE A 1 86  ? -6.178  -7.606  -4.335  1.00 26.34 ? 335 ILE A CA  1 
ATOM   638  C C   . ILE A 1 86  ? -5.082  -8.076  -5.282  1.00 26.68 ? 335 ILE A C   1 
ATOM   639  O O   . ILE A 1 86  ? -4.132  -8.752  -4.859  1.00 25.73 ? 335 ILE A O   1 
ATOM   640  C CB  . ILE A 1 86  ? -5.675  -6.452  -3.421  1.00 26.26 ? 335 ILE A CB  1 
ATOM   641  C CG1 . ILE A 1 86  ? -6.847  -5.827  -2.663  1.00 26.16 ? 335 ILE A CG1 1 
ATOM   642  C CG2 . ILE A 1 86  ? -4.953  -5.373  -4.226  1.00 24.97 ? 335 ILE A CG2 1 
ATOM   643  C CD1 . ILE A 1 86  ? -6.425  -4.968  -1.510  1.00 26.54 ? 335 ILE A CD1 1 
ATOM   644  N N   . LYS A 1 87  ? -5.241  -7.740  -6.560  1.00 26.90 ? 336 LYS A N   1 
ATOM   645  C CA  . LYS A 1 87  ? -4.214  -7.986  -7.561  1.00 27.89 ? 336 LYS A CA  1 
ATOM   646  C C   . LYS A 1 87  ? -2.967  -7.163  -7.230  1.00 28.09 ? 336 LYS A C   1 
ATOM   647  O O   . LYS A 1 87  ? -3.031  -5.940  -7.116  1.00 27.80 ? 336 LYS A O   1 
ATOM   648  C CB  . LYS A 1 87  ? -4.747  -7.682  -8.962  1.00 27.93 ? 336 LYS A CB  1 
ATOM   649  C CG  . LYS A 1 87  ? -5.950  -8.521  -9.364  0.00 20.00 ? 336 LYS A CG  1 
ATOM   650  C CD  . LYS A 1 87  ? -6.276  -8.348  -10.838 0.00 20.00 ? 336 LYS A CD  1 
ATOM   651  C CE  . LYS A 1 87  ? -7.479  -9.186  -11.239 0.00 20.00 ? 336 LYS A CE  1 
ATOM   652  N NZ  . LYS A 1 87  ? -7.810  -9.028  -12.682 0.00 20.00 ? 336 LYS A NZ  1 
ATOM   653  N N   . ALA A 1 88  ? -1.847  -7.855  -7.062  1.00 28.48 ? 337 ALA A N   1 
ATOM   654  C CA  . ALA A 1 88  ? -0.578  -7.221  -6.742  1.00 28.76 ? 337 ALA A CA  1 
ATOM   655  C C   . ALA A 1 88  ? 0.588   -8.197  -6.931  1.00 29.98 ? 337 ALA A C   1 
ATOM   656  O O   . ALA A 1 88  ? 0.398   -9.416  -7.034  1.00 28.56 ? 337 ALA A O   1 
ATOM   657  C CB  . ALA A 1 88  ? -0.601  -6.685  -5.312  1.00 28.43 ? 337 ALA A CB  1 
ATOM   658  N N   . CYS A 1 89  ? 1.788   -7.637  -7.018  1.00 31.33 ? 338 CYS A N   1 
ATOM   659  C CA  . CYS A 1 89  ? 3.035   -8.401  -7.029  1.00 33.63 ? 338 CYS A CA  1 
ATOM   660  C C   . CYS A 1 89  ? 3.858   -8.080  -5.796  1.00 34.60 ? 338 CYS A C   1 
ATOM   661  O O   . CYS A 1 89  ? 3.699   -7.030  -5.178  1.00 34.16 ? 338 CYS A O   1 
ATOM   662  C CB  . CYS A 1 89  ? 3.866   -8.050  -8.253  1.00 34.05 ? 338 CYS A CB  1 
ATOM   663  S SG  . CYS A 1 89  ? 2.978   -8.220  -9.796  1.00 39.59 ? 338 CYS A SG  1 
ATOM   664  N N   . LYS A 1 90  ? 4.747   -9.002  -5.454  1.00 35.79 ? 339 LYS A N   1 
ATOM   665  C CA  . LYS A 1 90  ? 5.638   -8.865  -4.308  1.00 36.96 ? 339 LYS A CA  1 
ATOM   666  C C   . LYS A 1 90  ? 6.867   -9.713  -4.589  1.00 38.00 ? 339 LYS A C   1 
ATOM   667  O O   . LYS A 1 90  ? 6.743   -10.811 -5.123  1.00 38.60 ? 339 LYS A O   1 
ATOM   668  C CB  . LYS A 1 90  ? 4.935   -9.330  -3.035  1.00 36.84 ? 339 LYS A CB  1 
ATOM   669  C CG  . LYS A 1 90  ? 5.757   -9.156  -1.776  1.00 37.06 ? 339 LYS A CG  1 
ATOM   670  C CD  . LYS A 1 90  ? 6.476   -10.450 -1.411  1.00 37.59 ? 339 LYS A CD  1 
ATOM   671  C CE  . LYS A 1 90  ? 7.222   -10.304 -0.118  1.00 38.88 ? 339 LYS A CE  1 
ATOM   672  N NZ  . LYS A 1 90  ? 6.256   -9.926  0.920   1.00 39.48 ? 339 LYS A NZ  1 
ATOM   673  N N   . THR A 1 91  ? 8.048   -9.206  -4.238  1.00 39.03 ? 340 THR A N   1 
ATOM   674  C CA  . THR A 1 91  ? 9.311   -9.891  -4.504  1.00 39.89 ? 340 THR A CA  1 
ATOM   675  C C   . THR A 1 91  ? 9.871   -10.503 -3.228  1.00 40.53 ? 340 THR A C   1 
ATOM   676  O O   . THR A 1 91  ? 10.004  -9.829  -2.200  1.00 40.54 ? 340 THR A O   1 
ATOM   677  C CB  . THR A 1 91  ? 10.330  -8.919  -5.129  1.00 39.90 ? 340 THR A CB  1 
ATOM   678  O OG1 . THR A 1 91  ? 9.760   -8.335  -6.303  1.00 40.26 ? 340 THR A OG1 1 
ATOM   679  C CG2 . THR A 1 91  ? 11.563  -9.656  -5.655  1.00 40.29 ? 340 THR A CG2 1 
ATOM   680  N N   . GLU A 1 92  ? 10.205  -11.788 -3.318  1.00 41.22 ? 341 GLU A N   1 
ATOM   681  C CA  . GLU A 1 92  ? 10.750  -12.552 -2.207  1.00 41.95 ? 341 GLU A CA  1 
ATOM   682  C C   . GLU A 1 92  ? 12.264  -12.366 -2.161  1.00 42.56 ? 341 GLU A C   1 
ATOM   683  O O   . GLU A 1 92  ? 12.861  -11.818 -3.098  1.00 42.36 ? 341 GLU A O   1 
ATOM   684  C CB  . GLU A 1 92  ? 10.416  -14.037 -2.382  1.00 42.05 ? 341 GLU A CB  1 
ATOM   685  C CG  . GLU A 1 92  ? 8.922   -14.341 -2.443  1.00 42.22 ? 341 GLU A CG  1 
ATOM   686  C CD  . GLU A 1 92  ? 8.300   -14.574 -1.074  1.00 42.15 ? 341 GLU A CD  1 
ATOM   687  O OE1 . GLU A 1 92  ? 8.742   -13.939 -0.090  1.00 43.00 ? 341 GLU A OE1 1 
ATOM   688  O OE2 . GLU A 1 92  ? 7.362   -15.394 -0.981  1.00 41.58 ? 341 GLU A OE2 1 
ATOM   689  N N   . ALA A 1 93  ? 12.876  -12.832 -1.076  1.00 43.33 ? 342 ALA A N   1 
ATOM   690  C CA  . ALA A 1 93  ? 14.326  -12.728 -0.888  1.00 43.97 ? 342 ALA A CA  1 
ATOM   691  C C   . ALA A 1 93  ? 15.121  -13.217 -2.103  1.00 44.47 ? 342 ALA A C   1 
ATOM   692  O O   . ALA A 1 93  ? 16.074  -12.556 -2.533  1.00 44.81 ? 342 ALA A O   1 
ATOM   693  C CB  . ALA A 1 93  ? 14.753  -13.487 0.370   1.00 44.18 ? 342 ALA A CB  1 
ATOM   694  N N   . ASP A 1 94  ? 14.707  -14.349 -2.678  1.00 44.64 ? 343 ASP A N   1 
ATOM   695  C CA  . ASP A 1 94  ? 15.469  -14.999 -3.752  1.00 44.73 ? 343 ASP A CA  1 
ATOM   696  C C   . ASP A 1 94  ? 15.167  -14.467 -5.168  1.00 44.77 ? 343 ASP A C   1 
ATOM   697  O O   . ASP A 1 94  ? 15.531  -15.101 -6.162  1.00 45.10 ? 343 ASP A O   1 
ATOM   698  C CB  . ASP A 1 94  ? 15.192  -16.504 -3.771  1.00 44.74 ? 343 ASP A CB  1 
ATOM   699  C CG  . ASP A 1 94  ? 15.575  -17.183 -2.470  0.00 20.00 ? 343 ASP A CG  1 
ATOM   700  O OD1 . ASP A 1 94  ? 16.382  -16.603 -1.712  0.00 20.00 ? 343 ASP A OD1 1 
ATOM   701  O OD2 . ASP A 1 94  ? 15.069  -18.294 -2.208  0.00 20.00 ? 343 ASP A OD2 1 
ATOM   702  N N   . GLY A 1 95  ? 14.517  -13.305 -5.256  1.00 44.54 ? 344 GLY A N   1 
ATOM   703  C CA  . GLY A 1 95  ? 14.224  -12.666 -6.530  1.00 44.37 ? 344 GLY A CA  1 
ATOM   704  C C   . GLY A 1 95  ? 12.913  -13.079 -7.179  1.00 44.20 ? 344 GLY A C   1 
ATOM   705  O O   . GLY A 1 95  ? 12.554  -12.557 -8.237  1.00 44.20 ? 344 GLY A O   1 
ATOM   706  N N   . ARG A 1 96  ? 12.182  -14.003 -6.559  1.00 43.81 ? 345 ARG A N   1 
ATOM   707  C CA  . ARG A 1 96  ? 10.974  -14.552 -7.181  1.00 43.61 ? 345 ARG A CA  1 
ATOM   708  C C   . ARG A 1 96  ? 9.819   -13.551 -7.134  1.00 42.91 ? 345 ARG A C   1 
ATOM   709  O O   . ARG A 1 96  ? 9.506   -13.019 -6.073  1.00 42.81 ? 345 ARG A O   1 
ATOM   710  C CB  . ARG A 1 96  ? 10.533  -15.848 -6.494  1.00 43.70 ? 345 ARG A CB  1 
ATOM   711  C CG  . ARG A 1 96  ? 11.633  -16.912 -6.337  1.00 45.03 ? 345 ARG A CG  1 
ATOM   712  C CD  . ARG A 1 96  ? 11.621  -17.593 -4.980  1.00 46.51 ? 345 ARG A CD  1 
ATOM   713  N NE  . ARG A 1 96  ? 10.245  -17.876 -4.572  1.00 48.16 ? 345 ARG A NE  1 
ATOM   714  C CZ  . ARG A 1 96  ? 9.792   -17.858 -3.321  1.00 49.64 ? 345 ARG A CZ  1 
ATOM   715  N NH1 . ARG A 1 96  ? 10.597  -17.592 -2.293  1.00 50.07 ? 345 ARG A NH1 1 
ATOM   716  N NH2 . ARG A 1 96  ? 8.509   -18.119 -3.093  1.00 50.45 ? 345 ARG A NH2 1 
ATOM   717  N N   . VAL A 1 97  ? 9.195   -13.308 -8.287  1.00 42.21 ? 346 VAL A N   1 
ATOM   718  C CA  . VAL A 1 97  ? 7.997   -12.468 -8.366  1.00 41.53 ? 346 VAL A CA  1 
ATOM   719  C C   . VAL A 1 97  ? 6.768   -13.329 -8.092  1.00 40.79 ? 346 VAL A C   1 
ATOM   720  O O   . VAL A 1 97  ? 6.492   -14.259 -8.845  1.00 41.01 ? 346 VAL A O   1 
ATOM   721  C CB  . VAL A 1 97  ? 7.889   -11.766 -9.732  1.00 41.75 ? 346 VAL A CB  1 
ATOM   722  C CG1 . VAL A 1 97  ? 6.578   -11.000 -9.835  0.00 20.00 ? 346 VAL A CG1 1 
ATOM   723  C CG2 . VAL A 1 97  ? 9.075   -10.839 -9.950  0.00 20.00 ? 346 VAL A CG2 1 
ATOM   724  N N   . VAL A 1 98  ? 6.044   -13.016 -7.017  1.00 39.67 ? 347 VAL A N   1 
ATOM   725  C CA  . VAL A 1 98  ? 4.873   -13.786 -6.590  1.00 38.51 ? 347 VAL A CA  1 
ATOM   726  C C   . VAL A 1 98  ? 3.645   -12.893 -6.465  1.00 37.75 ? 347 VAL A C   1 
ATOM   727  O O   . VAL A 1 98  ? 3.748   -11.672 -6.464  1.00 36.97 ? 347 VAL A O   1 
ATOM   728  C CB  . VAL A 1 98  ? 5.113   -14.500 -5.227  1.00 38.53 ? 347 VAL A CB  1 
ATOM   729  C CG1 . VAL A 1 98  ? 6.273   -15.485 -5.330  1.00 38.62 ? 347 VAL A CG1 1 
ATOM   730  C CG2 . VAL A 1 98  ? 5.379   -13.498 -4.105  1.00 38.14 ? 347 VAL A CG2 1 
ATOM   731  N N   . GLU A 1 99  ? 2.479   -13.514 -6.354  1.00 37.00 ? 348 GLU A N   1 
ATOM   732  C CA  . GLU A 1 99  ? 1.249   -12.765 -6.135  1.00 36.46 ? 348 GLU A CA  1 
ATOM   733  C C   . GLU A 1 99  ? 1.195   -12.254 -4.699  1.00 35.18 ? 348 GLU A C   1 
ATOM   734  O O   . GLU A 1 99  ? 1.676   -12.916 -3.768  1.00 34.46 ? 348 GLU A O   1 
ATOM   735  C CB  . GLU A 1 99  ? 0.025   -13.639 -6.423  1.00 36.75 ? 348 GLU A CB  1 
ATOM   736  C CG  . GLU A 1 99  ? -0.153  -13.995 -7.892  1.00 39.24 ? 348 GLU A CG  1 
ATOM   737  C CD  . GLU A 1 99  ? -1.425  -14.785 -8.153  1.00 41.88 ? 348 GLU A CD  1 
ATOM   738  O OE1 . GLU A 1 99  ? -1.960  -15.400 -7.196  1.00 44.08 ? 348 GLU A OE1 1 
ATOM   739  O OE2 . GLU A 1 99  ? -1.891  -14.796 -9.317  1.00 44.71 ? 348 GLU A OE2 1 
ATOM   740  N N   . GLY A 1 100 ? 0.612   -11.067 -4.529  1.00 34.06 ? 349 GLY A N   1 
ATOM   741  C CA  . GLY A 1 100 ? 0.350   -10.518 -3.217  1.00 33.29 ? 349 GLY A CA  1 
ATOM   742  C C   . GLY A 1 100 ? -0.667  -11.406 -2.529  1.00 32.54 ? 349 GLY A C   1 
ATOM   743  O O   . GLY A 1 100 ? -1.435  -12.120 -3.184  1.00 32.33 ? 349 GLY A O   1 
ATOM   744  N N   . ASN A 1 101 ? -0.659  -11.376 -1.206  1.00 31.79 ? 350 ASN A N   1 
ATOM   745  C CA  . ASN A 1 101 ? -1.506  -12.273 -0.420  1.00 30.58 ? 350 ASN A CA  1 
ATOM   746  C C   . ASN A 1 101 ? -2.620  -11.523 0.300   1.00 29.10 ? 350 ASN A C   1 
ATOM   747  O O   . ASN A 1 101 ? -3.265  -12.079 1.170   1.00 28.91 ? 350 ASN A O   1 
ATOM   748  C CB  . ASN A 1 101 ? -0.653  -13.089 0.584   1.00 31.28 ? 350 ASN A CB  1 
ATOM   749  C CG  . ASN A 1 101 ? 0.113   -12.218 1.601   1.00 32.42 ? 350 ASN A CG  1 
ATOM   750  O OD1 . ASN A 1 101 ? -0.010  -10.995 1.632   1.00 37.89 ? 350 ASN A OD1 1 
ATOM   751  N ND2 . ASN A 1 101 ? 0.909   -12.867 2.437   1.00 36.35 ? 350 ASN A ND2 1 
ATOM   752  N N   . HIS A 1 102 ? -2.856  -10.271 -0.099  1.00 27.16 ? 351 HIS A N   1 
ATOM   753  C CA  . HIS A 1 102 ? -3.652  -9.327  0.701   1.00 25.92 ? 351 HIS A CA  1 
ATOM   754  C C   . HIS A 1 102 ? -5.126  -9.231  0.306   1.00 25.84 ? 351 HIS A C   1 
ATOM   755  O O   . HIS A 1 102 ? -5.450  -9.127  -0.854  1.00 25.16 ? 351 HIS A O   1 
ATOM   756  C CB  . HIS A 1 102 ? -3.088  -7.905  0.567   1.00 25.18 ? 351 HIS A CB  1 
ATOM   757  C CG  . HIS A 1 102 ? -1.866  -7.654  1.386   1.00 24.02 ? 351 HIS A CG  1 
ATOM   758  N ND1 . HIS A 1 102 ? -1.889  -6.908  2.541   1.00 21.77 ? 351 HIS A ND1 1 
ATOM   759  C CD2 . HIS A 1 102 ? -0.581  -8.028  1.202   1.00 21.98 ? 351 HIS A CD2 1 
ATOM   760  C CE1 . HIS A 1 102 ? -0.670  -6.838  3.039   1.00 21.63 ? 351 HIS A CE1 1 
ATOM   761  N NE2 . HIS A 1 102 ? 0.142   -7.521  2.256   1.00 21.48 ? 351 HIS A NE2 1 
ATOM   762  N N   . MET A 1 103 ? -5.997  -9.222  1.305   1.00 25.68 ? 352 MET A N   1 
ATOM   763  C CA  . MET A 1 103 ? -7.381  -8.811  1.132   1.00 26.92 ? 352 MET A CA  1 
ATOM   764  C C   . MET A 1 103 ? -7.447  -7.286  1.245   1.00 24.73 ? 352 MET A C   1 
ATOM   765  O O   . MET A 1 103 ? -8.232  -6.605  0.553   1.00 25.20 ? 352 MET A O   1 
ATOM   766  C CB  . MET A 1 103 ? -8.246  -9.457  2.213   1.00 27.77 ? 352 MET A CB  1 
ATOM   767  C CG  . MET A 1 103 ? -8.464  -10.958 2.000   1.00 32.63 ? 352 MET A CG  1 
ATOM   768  S SD  . MET A 1 103 ? -10.061 -11.279 1.259   1.00 43.05 ? 352 MET A SD  1 
ATOM   769  C CE  . MET A 1 103 ? -11.127 -10.679 2.607   1.00 42.02 ? 352 MET A CE  1 
ATOM   770  N N   . VAL A 1 104 ? -6.628  -6.758  2.138   1.00 23.70 ? 353 VAL A N   1 
ATOM   771  C CA  . VAL A 1 104 ? -6.501  -5.310  2.319   1.00 23.14 ? 353 VAL A CA  1 
ATOM   772  C C   . VAL A 1 104 ? -5.029  -4.969  2.484   1.00 21.59 ? 353 VAL A C   1 
ATOM   773  O O   . VAL A 1 104 ? -4.229  -5.812  2.926   1.00 19.90 ? 353 VAL A O   1 
ATOM   774  C CB  . VAL A 1 104 ? -7.266  -4.813  3.580   1.00 23.41 ? 353 VAL A CB  1 
ATOM   775  C CG1 . VAL A 1 104 ? -8.744  -5.170  3.491   1.00 25.58 ? 353 VAL A CG1 1 
ATOM   776  C CG2 . VAL A 1 104 ? -6.657  -5.379  4.872   1.00 25.20 ? 353 VAL A CG2 1 
ATOM   777  N N   . TYR A 1 105 ? -4.667  -3.736  2.135   1.00 20.24 ? 354 TYR A N   1 
ATOM   778  C CA  . TYR A 1 105 ? -3.425  -3.155  2.606   1.00 19.84 ? 354 TYR A CA  1 
ATOM   779  C C   . TYR A 1 105 ? -3.710  -2.107  3.665   1.00 20.28 ? 354 TYR A C   1 
ATOM   780  O O   . TYR A 1 105 ? -4.221  -1.035  3.372   1.00 20.31 ? 354 TYR A O   1 
ATOM   781  C CB  . TYR A 1 105 ? -2.602  -2.546  1.460   1.00 19.64 ? 354 TYR A CB  1 
ATOM   782  C CG  . TYR A 1 105 ? -2.066  -3.596  0.533   1.00 18.40 ? 354 TYR A CG  1 
ATOM   783  C CD1 . TYR A 1 105 ? -2.856  -4.118  -0.495  1.00 17.15 ? 354 TYR A CD1 1 
ATOM   784  C CD2 . TYR A 1 105 ? -0.778  -4.084  0.676   1.00 20.67 ? 354 TYR A CD2 1 
ATOM   785  C CE1 . TYR A 1 105 ? -2.391  -5.094  -1.330  1.00 20.26 ? 354 TYR A CE1 1 
ATOM   786  C CE2 . TYR A 1 105 ? -0.301  -5.067  -0.163  1.00 21.21 ? 354 TYR A CE2 1 
ATOM   787  C CZ  . TYR A 1 105 ? -1.105  -5.568  -1.167  1.00 21.38 ? 354 TYR A CZ  1 
ATOM   788  O OH  . TYR A 1 105 ? -0.636  -6.555  -2.014  1.00 21.11 ? 354 TYR A OH  1 
ATOM   789  N N   . ARG A 1 106 ? -3.354  -2.424  4.903   1.00 20.48 ? 355 ARG A N   1 
ATOM   790  C CA  . ARG A 1 106 ? -3.390  -1.466  5.983   1.00 20.00 ? 355 ARG A CA  1 
ATOM   791  C C   . ARG A 1 106 ? -2.043  -0.788  6.069   1.00 20.51 ? 355 ARG A C   1 
ATOM   792  O O   . ARG A 1 106 ? -1.009  -1.442  6.119   1.00 19.87 ? 355 ARG A O   1 
ATOM   793  C CB  . ARG A 1 106 ? -3.747  -2.123  7.320   1.00 20.61 ? 355 ARG A CB  1 
ATOM   794  C CG  . ARG A 1 106 ? -4.080  -1.102  8.386   1.00 20.69 ? 355 ARG A CG  1 
ATOM   795  C CD  . ARG A 1 106 ? -4.613  -1.707  9.702   1.00 22.73 ? 355 ARG A CD  1 
ATOM   796  N NE  . ARG A 1 106 ? -6.049  -1.986  9.601   1.00 25.05 ? 355 ARG A NE  1 
ATOM   797  C CZ  . ARG A 1 106 ? -6.945  -1.780  10.578  1.00 24.83 ? 355 ARG A CZ  1 
ATOM   798  N NH1 . ARG A 1 106 ? -6.569  -1.325  11.755  1.00 26.62 ? 355 ARG A NH1 1 
ATOM   799  N NH2 . ARG A 1 106 ? -8.234  -2.035  10.366  1.00 25.21 ? 355 ARG A NH2 1 
ATOM   800  N N   . ILE A 1 107 ? -2.082  0.531   6.066   1.00 20.73 ? 356 ILE A N   1 
ATOM   801  C CA  . ILE A 1 107 ? -0.892  1.377   6.032   1.00 21.72 ? 356 ILE A CA  1 
ATOM   802  C C   . ILE A 1 107 ? -0.951  2.421   7.146   1.00 22.17 ? 356 ILE A C   1 
ATOM   803  O O   . ILE A 1 107 ? -2.004  2.999   7.425   1.00 23.36 ? 356 ILE A O   1 
ATOM   804  C CB  . ILE A 1 107 ? -0.783  2.072   4.658   1.00 22.07 ? 356 ILE A CB  1 
ATOM   805  C CG1 . ILE A 1 107 ? -0.740  1.032   3.538   1.00 23.14 ? 356 ILE A CG1 1 
ATOM   806  C CG2 . ILE A 1 107 ? 0.438   2.976   4.615   1.00 20.91 ? 356 ILE A CG2 1 
ATOM   807  C CD1 . ILE A 1 107 ? -0.631  1.617   2.152   1.00 26.94 ? 356 ILE A CD1 1 
ATOM   808  N N   . SER A 1 108 ? 0.193   2.690   7.758   1.00 22.34 ? 357 SER A N   1 
ATOM   809  C CA  . SER A 1 108 ? 0.299   3.670   8.818   1.00 22.73 ? 357 SER A CA  1 
ATOM   810  C C   . SER A 1 108 ? 1.270   4.781   8.430   1.00 23.05 ? 357 SER A C   1 
ATOM   811  O O   . SER A 1 108 ? 2.434   4.544   8.085   1.00 22.73 ? 357 SER A O   1 
ATOM   812  C CB  . SER A 1 108 ? 0.725   2.998   10.128  1.00 22.49 ? 357 SER A CB  1 
ATOM   813  O OG  . SER A 1 108 ? 1.085   3.958   11.109  1.00 22.93 ? 357 SER A OG  1 
ATOM   814  N N   . ALA A 1 109 ? 0.777   6.006   8.519   1.00 24.02 ? 358 ALA A N   1 
ATOM   815  C CA  . ALA A 1 109 ? 1.572   7.178   8.213   1.00 24.71 ? 358 ALA A CA  1 
ATOM   816  C C   . ALA A 1 109 ? 2.150   7.778   9.501   1.00 25.61 ? 358 ALA A C   1 
ATOM   817  O O   . ALA A 1 109 ? 1.585   7.604   10.593  1.00 24.99 ? 358 ALA A O   1 
ATOM   818  C CB  . ALA A 1 109 ? 0.741   8.193   7.453   1.00 24.80 ? 358 ALA A CB  1 
ATOM   819  N N   . PRO A 1 110 ? 3.288   8.457   9.370   1.00 26.97 ? 359 PRO A N   1 
ATOM   820  C CA  . PRO A 1 110 ? 3.989   9.045   10.530  1.00 28.16 ? 359 PRO A CA  1 
ATOM   821  C C   . PRO A 1 110 ? 3.227   10.148  11.254  1.00 28.86 ? 359 PRO A C   1 
ATOM   822  O O   . PRO A 1 110 ? 3.340   10.249  12.484  1.00 29.45 ? 359 PRO A O   1 
ATOM   823  C CB  . PRO A 1 110 ? 5.273   9.623   9.927   1.00 27.77 ? 359 PRO A CB  1 
ATOM   824  C CG  . PRO A 1 110 ? 5.087   9.652   8.459   1.00 28.20 ? 359 PRO A CG  1 
ATOM   825  C CD  . PRO A 1 110 ? 4.024   8.666   8.109   1.00 27.16 ? 359 PRO A CD  1 
ATOM   826  N N   . THR A 1 111 ? 2.511   10.976  10.497  1.00 29.43 ? 360 THR A N   1 
ATOM   827  C CA  . THR A 1 111 ? 1.669   12.036  11.059  1.00 29.70 ? 360 THR A CA  1 
ATOM   828  C C   . THR A 1 111 ? 0.272   12.003  10.457  1.00 30.38 ? 360 THR A C   1 
ATOM   829  O O   . THR A 1 111 ? 0.040   11.375  9.429   1.00 29.89 ? 360 THR A O   1 
ATOM   830  C CB  . THR A 1 111 ? 2.305   13.439  10.831  1.00 29.60 ? 360 THR A CB  1 
ATOM   831  O OG1 . THR A 1 111 ? 2.363   13.748  9.427   1.00 29.53 ? 360 THR A OG1 1 
ATOM   832  C CG2 . THR A 1 111 ? 3.747   13.466  11.276  1.00 29.08 ? 360 THR A CG2 1 
ATOM   833  N N   . GLN A 1 112 ? -0.664  12.671  11.123  1.00 30.82 ? 361 GLN A N   1 
ATOM   834  C CA  . GLN A 1 112 ? -2.004  12.874  10.570  1.00 31.47 ? 361 GLN A CA  1 
ATOM   835  C C   . GLN A 1 112 ? -1.938  13.621  9.235   1.00 30.87 ? 361 GLN A C   1 
ATOM   836  O O   . GLN A 1 112 ? -2.662  13.276  8.299   1.00 31.01 ? 361 GLN A O   1 
ATOM   837  C CB  . GLN A 1 112 ? -2.894  13.641  11.562  1.00 31.76 ? 361 GLN A CB  1 
ATOM   838  C CG  . GLN A 1 112 ? -4.392  13.593  11.210  1.00 34.54 ? 361 GLN A CG  1 
ATOM   839  C CD  . GLN A 1 112 ? -5.308  14.044  12.344  1.00 37.74 ? 361 GLN A CD  1 
ATOM   840  O OE1 . GLN A 1 112 ? -5.797  15.177  12.339  1.00 40.05 ? 361 GLN A OE1 1 
ATOM   841  N NE2 . GLN A 1 112 ? -5.555  13.157  13.305  1.00 39.04 ? 361 GLN A NE2 1 
ATOM   842  N N   . GLU A 1 113 ? -1.076  14.634  9.149   1.00 30.73 ? 362 GLU A N   1 
ATOM   843  C CA  . GLU A 1 113 ? -0.887  15.410  7.915   1.00 30.64 ? 362 GLU A CA  1 
ATOM   844  C C   . GLU A 1 113 ? -0.402  14.543  6.732   1.00 30.50 ? 362 GLU A C   1 
ATOM   845  O O   . GLU A 1 113 ? -0.838  14.713  5.590   1.00 29.39 ? 362 GLU A O   1 
ATOM   846  C CB  . GLU A 1 113 ? 0.119   16.541  8.142   1.00 30.96 ? 362 GLU A CB  1 
ATOM   847  C CG  . GLU A 1 113 ? -0.294  17.532  9.218   0.00 20.00 ? 362 GLU A CG  1 
ATOM   848  C CD  . GLU A 1 113 ? 0.726   18.637  9.414   0.00 20.00 ? 362 GLU A CD  1 
ATOM   849  O OE1 . GLU A 1 113 ? 1.756   18.626  8.708   0.00 20.00 ? 362 GLU A OE1 1 
ATOM   850  O OE2 . GLU A 1 113 ? 0.494   19.513  10.273  0.00 20.00 ? 362 GLU A OE2 1 
ATOM   851  N N   . GLU A 1 114 ? 0.491   13.602  7.020   1.00 30.12 ? 363 GLU A N   1 
ATOM   852  C CA  . GLU A 1 114 ? 1.005   12.704  5.994   1.00 29.75 ? 363 GLU A CA  1 
ATOM   853  C C   . GLU A 1 114 ? -0.092  11.743  5.554   1.00 28.43 ? 363 GLU A C   1 
ATOM   854  O O   . GLU A 1 114 ? -0.251  11.482  4.362   1.00 28.77 ? 363 GLU A O   1 
ATOM   855  C CB  . GLU A 1 114 ? 2.239   11.935  6.495   1.00 30.32 ? 363 GLU A CB  1 
ATOM   856  C CG  . GLU A 1 114 ? 3.540   12.713  6.368   1.00 33.25 ? 363 GLU A CG  1 
ATOM   857  C CD  . GLU A 1 114 ? 3.983   12.874  4.923   1.00 36.82 ? 363 GLU A CD  1 
ATOM   858  O OE1 . GLU A 1 114 ? 4.110   11.853  4.211   1.00 40.11 ? 363 GLU A OE1 1 
ATOM   859  O OE2 . GLU A 1 114 ? 4.196   14.025  4.492   1.00 40.26 ? 363 GLU A OE2 1 
ATOM   860  N N   . LYS A 1 115 ? -0.863  11.231  6.504   1.00 27.74 ? 364 LYS A N   1 
ATOM   861  C CA  . LYS A 1 115 ? -1.984  10.363  6.182   1.00 26.62 ? 364 LYS A CA  1 
ATOM   862  C C   . LYS A 1 115 ? -2.961  11.098  5.259   1.00 26.66 ? 364 LYS A C   1 
ATOM   863  O O   . LYS A 1 115 ? -3.329  10.595  4.209   1.00 26.13 ? 364 LYS A O   1 
ATOM   864  C CB  . LYS A 1 115 ? -2.691  9.880   7.461   1.00 26.26 ? 364 LYS A CB  1 
ATOM   865  C CG  . LYS A 1 115 ? -3.863  8.911   7.208   1.00 25.93 ? 364 LYS A CG  1 
ATOM   866  C CD  . LYS A 1 115 ? -4.836  8.855   8.397   1.00 27.51 ? 364 LYS A CD  1 
ATOM   867  C CE  . LYS A 1 115 ? -5.708  10.087  8.470   1.00 28.88 ? 364 LYS A CE  1 
ATOM   868  N NZ  . LYS A 1 115 ? -6.575  10.082  9.696   1.00 28.52 ? 364 LYS A NZ  1 
ATOM   869  N N   . ASP A 1 116 ? -3.348  12.309  5.628   1.00 26.56 ? 365 ASP A N   1 
ATOM   870  C CA  . ASP A 1 116 ? -4.288  13.069  4.809   1.00 26.68 ? 365 ASP A CA  1 
ATOM   871  C C   . ASP A 1 116 ? -3.769  13.314  3.393   1.00 26.50 ? 365 ASP A C   1 
ATOM   872  O O   . ASP A 1 116 ? -4.530  13.212  2.432   1.00 26.50 ? 365 ASP A O   1 
ATOM   873  C CB  . ASP A 1 116 ? -4.645  14.403  5.484   1.00 27.13 ? 365 ASP A CB  1 
ATOM   874  C CG  . ASP A 1 116 ? -5.511  14.226  6.716   1.00 28.02 ? 365 ASP A CG  1 
ATOM   875  O OD1 . ASP A 1 116 ? -6.069  13.135  6.924   1.00 30.68 ? 365 ASP A OD1 1 
ATOM   876  O OD2 . ASP A 1 116 ? -5.700  15.143  7.547   1.00 33.16 ? 365 ASP A OD2 1 
ATOM   877  N N   . GLU A 1 117 ? -2.476  13.606  3.266   1.00 26.46 ? 366 GLU A N   1 
ATOM   878  C CA  . GLU A 1 117 ? -1.874  13.916  1.971   1.00 26.15 ? 366 GLU A CA  1 
ATOM   879  C C   . GLU A 1 117 ? -1.756  12.665  1.096   1.00 24.95 ? 366 GLU A C   1 
ATOM   880  O O   . GLU A 1 117 ? -1.967  12.730  -0.097  1.00 23.42 ? 366 GLU A O   1 
ATOM   881  C CB  . GLU A 1 117 ? -0.504  14.589  2.149   1.00 26.94 ? 366 GLU A CB  1 
ATOM   882  C CG  . GLU A 1 117 ? -0.553  16.005  2.740   1.00 29.04 ? 366 GLU A CG  1 
ATOM   883  C CD  . GLU A 1 117 ? -0.574  17.115  1.706   1.00 34.84 ? 366 GLU A CD  1 
ATOM   884  O OE1 . GLU A 1 117 ? -1.377  17.054  0.744   1.00 35.34 ? 366 GLU A OE1 1 
ATOM   885  O OE2 . GLU A 1 117 ? 0.208   18.078  1.878   1.00 39.22 ? 366 GLU A OE2 1 
ATOM   886  N N   . TRP A 1 118 ? -1.440  11.521  1.701   1.00 23.33 ? 367 TRP A N   1 
ATOM   887  C CA  . TRP A 1 118 ? -1.413  10.264  0.956   1.00 22.81 ? 367 TRP A CA  1 
ATOM   888  C C   . TRP A 1 118 ? -2.804  9.897   0.476   1.00 22.74 ? 367 TRP A C   1 
ATOM   889  O O   . TRP A 1 118 ? -2.987  9.433   -0.640  1.00 22.23 ? 367 TRP A O   1 
ATOM   890  C CB  . TRP A 1 118 ? -0.857  9.126   1.823   1.00 22.41 ? 367 TRP A CB  1 
ATOM   891  C CG  . TRP A 1 118 ? 0.626   9.031   1.725   1.00 22.34 ? 367 TRP A CG  1 
ATOM   892  C CD1 . TRP A 1 118 ? 1.548   9.493   2.612   1.00 22.06 ? 367 TRP A CD1 1 
ATOM   893  C CD2 . TRP A 1 118 ? 1.359   8.470   0.645   1.00 20.69 ? 367 TRP A CD2 1 
ATOM   894  N NE1 . TRP A 1 118 ? 2.818   9.231   2.160   1.00 21.99 ? 367 TRP A NE1 1 
ATOM   895  C CE2 . TRP A 1 118 ? 2.726   8.617   0.939   1.00 20.94 ? 367 TRP A CE2 1 
ATOM   896  C CE3 . TRP A 1 118 ? 0.996   7.863   -0.557  1.00 20.87 ? 367 TRP A CE3 1 
ATOM   897  C CZ2 . TRP A 1 118 ? 3.731   8.141   0.091   1.00 21.31 ? 367 TRP A CZ2 1 
ATOM   898  C CZ3 . TRP A 1 118 ? 1.986   7.418   -1.407  1.00 21.38 ? 367 TRP A CZ3 1 
ATOM   899  C CH2 . TRP A 1 118 ? 3.339   7.543   -1.075  1.00 20.02 ? 367 TRP A CH2 1 
ATOM   900  N N   . ILE A 1 119 ? -3.797  10.109  1.322   1.00 23.24 ? 368 ILE A N   1 
ATOM   901  C CA  . ILE A 1 119 ? -5.159  9.780   0.938   1.00 23.39 ? 368 ILE A CA  1 
ATOM   902  C C   . ILE A 1 119 ? -5.630  10.622  -0.240  1.00 23.93 ? 368 ILE A C   1 
ATOM   903  O O   . ILE A 1 119 ? -6.211  10.085  -1.154  1.00 23.97 ? 368 ILE A O   1 
ATOM   904  C CB  . ILE A 1 119 ? -6.111  9.883   2.147   1.00 23.20 ? 368 ILE A CB  1 
ATOM   905  C CG1 . ILE A 1 119 ? -5.845  8.710   3.082   1.00 22.51 ? 368 ILE A CG1 1 
ATOM   906  C CG2 . ILE A 1 119 ? -7.566  9.830   1.706   1.00 24.19 ? 368 ILE A CG2 1 
ATOM   907  C CD1 . ILE A 1 119 ? -6.501  8.833   4.421   1.00 23.18 ? 368 ILE A CD1 1 
ATOM   908  N N   . LYS A 1 120 ? -5.365  11.929  -0.223  1.00 24.71 ? 369 LYS A N   1 
ATOM   909  C CA  . LYS A 1 120 ? -5.804  12.819  -1.304  1.00 25.96 ? 369 LYS A CA  1 
ATOM   910  C C   . LYS A 1 120 ? -5.093  12.458  -2.601  1.00 26.82 ? 369 LYS A C   1 
ATOM   911  O O   . LYS A 1 120 ? -5.716  12.424  -3.653  1.00 27.12 ? 369 LYS A O   1 
ATOM   912  C CB  . LYS A 1 120 ? -5.576  14.282  -0.919  1.00 26.17 ? 369 LYS A CB  1 
ATOM   913  C CG  . LYS A 1 120 ? -6.322  14.718  0.331   0.00 20.00 ? 369 LYS A CG  1 
ATOM   914  C CD  . LYS A 1 120 ? -6.251  16.226  0.518   0.00 20.00 ? 369 LYS A CD  1 
ATOM   915  C CE  . LYS A 1 120 ? -6.999  16.663  1.767   0.00 20.00 ? 369 LYS A CE  1 
ATOM   916  N NZ  . LYS A 1 120 ? -6.938  18.137  1.963   0.00 20.00 ? 369 LYS A NZ  1 
ATOM   917  N N   . SER A 1 121 ? -3.790  12.199  -2.512  1.00 27.29 ? 370 SER A N   1 
ATOM   918  C CA  . SER A 1 121 ? -2.997  11.775  -3.666  1.00 27.55 ? 370 SER A CA  1 
ATOM   919  C C   . SER A 1 121 ? -3.526  10.474  -4.282  1.00 28.34 ? 370 SER A C   1 
ATOM   920  O O   . SER A 1 121 ? -3.659  10.375  -5.500  1.00 28.42 ? 370 SER A O   1 
ATOM   921  C CB  . SER A 1 121 ? -1.523  11.604  -3.276  1.00 27.21 ? 370 SER A CB  1 
ATOM   922  O OG  . SER A 1 121 ? -0.952  12.847  -2.900  1.00 28.18 ? 370 SER A OG  1 
ATOM   923  N N   . ILE A 1 122 ? -3.875  9.502   -3.441  1.00 29.89 ? 371 ILE A N   1 
ATOM   924  C CA  . ILE A 1 122 ? -4.323  8.184   -3.907  1.00 31.13 ? 371 ILE A CA  1 
ATOM   925  C C   . ILE A 1 122 ? -5.731  8.269   -4.513  1.00 32.97 ? 371 ILE A C   1 
ATOM   926  O O   . ILE A 1 122 ? -6.048  7.568   -5.471  1.00 32.85 ? 371 ILE A O   1 
ATOM   927  C CB  . ILE A 1 122 ? -4.274  7.140   -2.747  1.00 30.84 ? 371 ILE A CB  1 
ATOM   928  C CG1 . ILE A 1 122 ? -2.830  6.704   -2.476  1.00 30.06 ? 371 ILE A CG1 1 
ATOM   929  C CG2 . ILE A 1 122 ? -5.122  5.887   -3.067  1.00 31.54 ? 371 ILE A CG2 1 
ATOM   930  C CD1 . ILE A 1 122 ? -2.660  5.886   -1.218  1.00 29.12 ? 371 ILE A CD1 1 
ATOM   931  N N   . GLN A 1 123 ? -6.569  9.127   -3.950  1.00 35.01 ? 372 GLN A N   1 
ATOM   932  C CA  . GLN A 1 123 ? -7.921  9.318   -4.467  1.00 36.75 ? 372 GLN A CA  1 
ATOM   933  C C   . GLN A 1 123 ? -7.891  10.008  -5.828  1.00 38.69 ? 372 GLN A C   1 
ATOM   934  O O   . GLN A 1 123 ? -8.745  9.753   -6.675  1.00 39.56 ? 372 GLN A O   1 
ATOM   935  C CB  . GLN A 1 123 ? -8.759  10.133  -3.488  1.00 36.51 ? 372 GLN A CB  1 
ATOM   936  C CG  . GLN A 1 123 ? -9.144  9.350   -2.242  1.00 36.97 ? 372 GLN A CG  1 
ATOM   937  C CD  . GLN A 1 123 ? -9.816  10.212  -1.186  1.00 35.51 ? 372 GLN A CD  1 
ATOM   938  O OE1 . GLN A 1 123 ? -9.557  11.417  -1.089  1.00 36.20 ? 372 GLN A OE1 1 
ATOM   939  N NE2 . GLN A 1 123 ? -10.670 9.596   -0.387  1.00 32.32 ? 372 GLN A NE2 1 
ATOM   940  N N   . ALA A 1 124 ? -6.903  10.870  -6.035  1.00 40.77 ? 373 ALA A N   1 
ATOM   941  C CA  . ALA A 1 124 ? -6.743  11.564  -7.307  1.00 42.47 ? 373 ALA A CA  1 
ATOM   942  C C   . ALA A 1 124 ? -6.274  10.613  -8.422  1.00 44.25 ? 373 ALA A C   1 
ATOM   943  O O   . ALA A 1 124 ? -6.583  10.832  -9.596  1.00 44.78 ? 373 ALA A O   1 
ATOM   944  C CB  . ALA A 1 124 ? -5.774  12.726  -7.153  1.00 42.43 ? 373 ALA A CB  1 
ATOM   945  N N   . ALA A 1 125 ? -5.541  9.563   -8.056  1.00 46.16 ? 374 ALA A N   1 
ATOM   946  C CA  . ALA A 1 125 ? -5.020  8.604   -9.028  1.00 47.72 ? 374 ALA A CA  1 
ATOM   947  C C   . ALA A 1 125 ? -6.098  7.643   -9.537  1.00 49.37 ? 374 ALA A C   1 
ATOM   948  O O   . ALA A 1 125 ? -6.224  7.438   -10.748 1.00 49.69 ? 374 ALA A O   1 
ATOM   949  C CB  . ALA A 1 125 ? -3.850  7.813   -8.423  1.00 47.65 ? 374 ALA A CB  1 
ATOM   950  N N   . VAL A 1 126 ? -6.876  7.070   -8.616  1.00 51.14 ? 375 VAL A N   1 
ATOM   951  C CA  . VAL A 1 126 ? -7.854  6.024   -8.954  1.00 52.42 ? 375 VAL A CA  1 
ATOM   952  C C   . VAL A 1 126 ? -9.058  6.584   -9.733  1.00 53.50 ? 375 VAL A C   1 
ATOM   953  O O   . VAL A 1 126 ? -9.570  5.932   -10.652 1.00 53.80 ? 375 VAL A O   1 
ATOM   954  C CB  . VAL A 1 126 ? -8.383  5.258   -7.693  1.00 52.58 ? 375 VAL A CB  1 
ATOM   955  C CG1 . VAL A 1 126 ? -9.045  3.940   -8.102  1.00 52.62 ? 375 VAL A CG1 1 
ATOM   956  C CG2 . VAL A 1 126 ? -7.273  4.993   -6.671  1.00 52.56 ? 375 VAL A CG2 1 
ATOM   957  N N   . SER A 1 127 ? -9.497  7.788   -9.362  1.00 54.60 ? 376 SER A N   1 
ATOM   958  C CA  . SER A 1 127 ? -10.679 8.421   -9.959  1.00 55.35 ? 376 SER A CA  1 
ATOM   959  C C   . SER A 1 127 ? -10.524 8.719   -11.452 1.00 56.03 ? 376 SER A C   1 
ATOM   960  O O   . SER A 1 127 ? -11.477 8.558   -12.221 1.00 56.21 ? 376 SER A O   1 
ATOM   961  C CB  . SER A 1 127 ? -11.008 9.729   -9.237  1.00 55.42 ? 376 SER A CB  1 
ATOM   962  O OG  . SER A 1 127 ? -9.957  10.669  -9.380  0.00 20.00 ? 376 SER A OG  1 
ATOM   963  N N   . VAL A 1 128 ? -9.325  9.159   -11.847 1.00 56.90 ? 377 VAL A N   1 
ATOM   964  C CA  . VAL A 1 128 ? -9.021  9.501   -13.238 1.00 57.35 ? 377 VAL A CA  1 
ATOM   965  C C   . VAL A 1 128 ? -7.914  8.604   -13.811 1.00 57.78 ? 377 VAL A C   1 
ATOM   966  O O   . VAL A 1 128 ? -6.744  8.994   -13.855 1.00 58.08 ? 377 VAL A O   1 
ATOM   967  C CB  . VAL A 1 128 ? -8.565  10.966  -13.373 1.00 57.35 ? 377 VAL A CB  1 
ATOM   968  C CG1 . VAL A 1 128 ? -8.139  11.262  -14.801 0.00 20.00 ? 377 VAL A CG1 1 
ATOM   969  C CG2 . VAL A 1 128 ? -9.674  11.911  -12.933 0.00 20.00 ? 377 VAL A CG2 1 
ATOM   970  N N   . ASP A 1 129 ? -8.297  7.403   -14.243 1.00 58.14 ? 378 ASP A N   1 
ATOM   971  C CA  . ASP A 1 129 ? -7.373  6.475   -14.903 1.00 58.34 ? 378 ASP A CA  1 
ATOM   972  C C   . ASP A 1 129 ? -8.125  5.339   -15.602 1.00 58.40 ? 378 ASP A C   1 
ATOM   973  O O   . ASP A 1 129 ? -8.978  4.682   -15.003 1.00 58.48 ? 378 ASP A O   1 
ATOM   974  C CB  . ASP A 1 129 ? -6.371  5.907   -13.895 1.00 58.37 ? 378 ASP A CB  1 
ATOM   975  C CG  . ASP A 1 129 ? -5.249  5.136   -14.559 0.00 20.00 ? 378 ASP A CG  1 
ATOM   976  O OD1 . ASP A 1 129 ? -5.425  4.714   -15.722 0.00 20.00 ? 378 ASP A OD1 1 
ATOM   977  O OD2 . ASP A 1 129 ? -4.192  4.953   -13.917 0.00 20.00 ? 378 ASP A OD2 1 
HETATM 978  C C1  . I3P B 2 .   ? 6.514   -11.409 5.572   1.00 27.73 ? 101 I3P A C1  1 
HETATM 979  C C2  . I3P B 2 .   ? 7.749   -10.558 5.766   1.00 26.50 ? 101 I3P A C2  1 
HETATM 980  C C3  . I3P B 2 .   ? 8.124   -9.825  4.488   1.00 26.67 ? 101 I3P A C3  1 
HETATM 981  C C4  . I3P B 2 .   ? 6.986   -8.932  4.015   1.00 24.82 ? 101 I3P A C4  1 
HETATM 982  C C5  . I3P B 2 .   ? 5.685   -9.722  3.958   1.00 25.90 ? 101 I3P A C5  1 
HETATM 983  C C6  . I3P B 2 .   ? 5.327   -10.540 5.195   1.00 25.62 ? 101 I3P A C6  1 
HETATM 984  O O1  . I3P B 2 .   ? 6.187   -12.074 6.779   1.00 29.63 ? 101 I3P A O1  1 
HETATM 985  O O2  . I3P B 2 .   ? 7.503   -9.609  6.788   1.00 28.88 ? 101 I3P A O2  1 
HETATM 986  O O3  . I3P B 2 .   ? 9.257   -9.045  4.758   1.00 27.41 ? 101 I3P A O3  1 
HETATM 987  O O4  . I3P B 2 .   ? 7.223   -8.508  2.668   1.00 26.70 ? 101 I3P A O4  1 
HETATM 988  O O5  . I3P B 2 .   ? 4.661   -8.781  3.673   1.00 23.38 ? 101 I3P A O5  1 
HETATM 989  O O6  . I3P B 2 .   ? 4.217   -11.386 4.918   1.00 26.94 ? 101 I3P A O6  1 
HETATM 990  P P1  . I3P B 2 .   ? 6.645   -13.592 7.023   1.00 31.86 ? 101 I3P A P1  1 
HETATM 991  O O11 . I3P B 2 .   ? 5.931   -13.993 8.380   1.00 30.73 ? 101 I3P A O11 1 
HETATM 992  O O12 . I3P B 2 .   ? 8.226   -13.591 7.215   1.00 35.26 ? 101 I3P A O12 1 
HETATM 993  O O13 . I3P B 2 .   ? 6.176   -14.521 5.830   1.00 32.60 ? 101 I3P A O13 1 
HETATM 994  P P4  . I3P B 2 .   ? 7.938   -7.120  2.267   1.00 26.34 ? 101 I3P A P4  1 
HETATM 995  O O41 . I3P B 2 .   ? 7.752   -7.089  0.720   1.00 27.04 ? 101 I3P A O41 1 
HETATM 996  O O42 . I3P B 2 .   ? 7.288   -5.888  3.016   1.00 26.38 ? 101 I3P A O42 1 
HETATM 997  O O43 . I3P B 2 .   ? 9.466   -7.153  2.682   1.00 27.01 ? 101 I3P A O43 1 
HETATM 998  P P5  . I3P B 2 .   ? 3.412   -9.151  2.755   1.00 25.97 ? 101 I3P A P5  1 
HETATM 999  O O51 . I3P B 2 .   ? 2.668   -7.802  2.429   1.00 25.37 ? 101 I3P A O51 1 
HETATM 1000 O O52 . I3P B 2 .   ? 3.947   -9.824  1.430   1.00 24.16 ? 101 I3P A O52 1 
HETATM 1001 O O53 . I3P B 2 .   ? 2.407   -10.147 3.455   1.00 24.09 ? 101 I3P A O53 1 
HETATM 1002 O O   . HOH C 3 .   ? -2.054  -4.931  5.120   1.00 20.75 ? 1   HOH A O   1 
HETATM 1003 O O   . HOH C 3 .   ? 9.418   13.853  -4.076  1.00 27.09 ? 2   HOH A O   1 
HETATM 1004 O O   . HOH C 3 .   ? 16.721  3.902   2.079   1.00 28.04 ? 3   HOH A O   1 
HETATM 1005 O O   . HOH C 3 .   ? 4.774   5.744   9.444   1.00 28.35 ? 4   HOH A O   1 
HETATM 1006 O O   . HOH C 3 .   ? -2.322  -8.606  -2.608  1.00 26.15 ? 5   HOH A O   1 
HETATM 1007 O O   . HOH C 3 .   ? 9.226   9.986   4.165   1.00 23.05 ? 6   HOH A O   1 
HETATM 1008 O O   . HOH C 3 .   ? -10.959 -6.129  0.178   1.00 25.98 ? 7   HOH A O   1 
HETATM 1009 O O   . HOH C 3 .   ? 19.460  1.208   -3.397  1.00 29.94 ? 8   HOH A O   1 
HETATM 1010 O O   . HOH C 3 .   ? 13.197  -2.537  -3.442  1.00 25.28 ? 9   HOH A O   1 
HETATM 1011 O O   . HOH C 3 .   ? 4.619   -5.854  6.250   1.00 27.83 ? 10  HOH A O   1 
HETATM 1012 O O   . HOH C 3 .   ? 14.976  8.440   3.333   1.00 27.09 ? 11  HOH A O   1 
HETATM 1013 O O   . HOH C 3 .   ? -4.133  7.995   14.679  1.00 31.27 ? 12  HOH A O   1 
HETATM 1014 O O   . HOH C 3 .   ? -3.268  -7.498  5.964   1.00 25.05 ? 13  HOH A O   1 
HETATM 1015 O O   . HOH C 3 .   ? -5.156  -4.089  -7.526  1.00 29.55 ? 14  HOH A O   1 
HETATM 1016 O O   . HOH C 3 .   ? 7.599   11.776  2.448   1.00 32.74 ? 15  HOH A O   1 
HETATM 1017 O O   . HOH C 3 .   ? 3.276   5.396   11.982  1.00 27.10 ? 16  HOH A O   1 
HETATM 1018 O O   . HOH C 3 .   ? 4.946   -5.173  14.122  1.00 25.80 ? 17  HOH A O   1 
HETATM 1019 O O   . HOH C 3 .   ? 5.611   -12.173 10.235  1.00 28.51 ? 18  HOH A O   1 
HETATM 1020 O O   . HOH C 3 .   ? -1.396  -20.847 13.136  1.00 21.93 ? 19  HOH A O   1 
HETATM 1021 O O   . HOH C 3 .   ? -5.232  -7.182  8.134   1.00 30.26 ? 20  HOH A O   1 
HETATM 1022 O O   . HOH C 3 .   ? -7.337  7.119   10.007  1.00 28.72 ? 21  HOH A O   1 
HETATM 1023 O O   . HOH C 3 .   ? -13.010 6.249   5.494   1.00 28.29 ? 22  HOH A O   1 
HETATM 1024 O O   . HOH C 3 .   ? -5.669  5.726   12.365  1.00 29.53 ? 23  HOH A O   1 
HETATM 1025 O O   . HOH C 3 .   ? 3.781   -9.802  8.415   1.00 36.15 ? 24  HOH A O   1 
HETATM 1026 O O   . HOH C 3 .   ? -12.565 -6.408  2.382   1.00 38.61 ? 25  HOH A O   1 
HETATM 1027 O O   . HOH C 3 .   ? -4.789  10.261  11.787  1.00 32.59 ? 26  HOH A O   1 
HETATM 1028 O O   . HOH C 3 .   ? -14.747 -5.231  1.354   1.00 36.48 ? 27  HOH A O   1 
HETATM 1029 O O   . HOH C 3 .   ? 5.405   -7.832  7.701   1.00 35.48 ? 28  HOH A O   1 
HETATM 1030 O O   . HOH C 3 .   ? -5.069  -8.765  4.196   1.00 32.30 ? 29  HOH A O   1 
HETATM 1031 O O   . HOH C 3 .   ? -2.770  -10.984 -5.149  1.00 35.27 ? 31  HOH A O   1 
HETATM 1032 O O   . HOH C 3 .   ? -11.291 -2.324  8.215   1.00 32.38 ? 32  HOH A O   1 
HETATM 1033 O O   . HOH C 3 .   ? -4.251  -11.415 3.715   1.00 42.13 ? 33  HOH A O   1 
HETATM 1034 O O   . HOH C 3 .   ? -13.981 3.883   1.234   1.00 40.51 ? 34  HOH A O   1 
HETATM 1035 O O   . HOH C 3 .   ? -4.879  4.272   14.629  1.00 31.02 ? 35  HOH A O   1 
HETATM 1036 O O   . HOH C 3 .   ? 14.791  0.126   4.504   1.00 36.91 ? 36  HOH A O   1 
HETATM 1037 O O   . HOH C 3 .   ? -6.356  -3.561  -10.062 1.00 30.93 ? 37  HOH A O   1 
HETATM 1038 O O   . HOH C 3 .   ? -9.532  6.822   11.796  1.00 37.32 ? 38  HOH A O   1 
HETATM 1039 O O   . HOH C 3 .   ? 16.612  -3.712  -1.574  1.00 41.12 ? 39  HOH A O   1 
HETATM 1040 O O   . HOH C 3 .   ? -18.633 -3.825  -5.962  1.00 35.21 ? 40  HOH A O   1 
HETATM 1041 O O   . HOH C 3 .   ? -6.500  8.005   13.337  1.00 34.50 ? 41  HOH A O   1 
HETATM 1042 O O   . HOH C 3 .   ? 12.838  0.632   6.678   1.00 35.08 ? 42  HOH A O   1 
HETATM 1043 O O   . HOH C 3 .   ? -20.081 -2.986  1.531   1.00 37.86 ? 43  HOH A O   1 
HETATM 1044 O O   . HOH C 3 .   ? 0.974   -6.201  -10.079 1.00 49.58 ? 44  HOH A O   1 
HETATM 1045 O O   . HOH C 3 .   ? 17.021  7.955   1.776   1.00 37.88 ? 45  HOH A O   1 
HETATM 1046 O O   . HOH C 3 .   ? -1.743  15.307  -1.519  1.00 40.36 ? 46  HOH A O   1 
HETATM 1047 O O   . HOH C 3 .   ? 10.607  -1.973  9.404   1.00 27.85 ? 47  HOH A O   1 
HETATM 1048 O O   . HOH C 3 .   ? -0.263  13.655  13.927  1.00 40.09 ? 48  HOH A O   1 
HETATM 1049 O O   . HOH C 3 .   ? 3.504   -14.426 8.587   1.00 32.82 ? 49  HOH A O   1 
HETATM 1050 O O   . HOH C 3 .   ? -10.476 2.255   -10.533 1.00 33.80 ? 50  HOH A O   1 
HETATM 1051 O O   . HOH C 3 .   ? -9.886  -15.402 -1.880  1.00 36.42 ? 52  HOH A O   1 
HETATM 1052 O O   . HOH C 3 .   ? -8.733  -4.838  8.055   1.00 36.15 ? 53  HOH A O   1 
HETATM 1053 O O   . HOH C 3 .   ? -8.636  11.868  4.971   1.00 40.87 ? 54  HOH A O   1 
HETATM 1054 O O   . HOH C 3 .   ? 12.997  -0.285  9.112   1.00 39.60 ? 55  HOH A O   1 
HETATM 1055 O O   . HOH C 3 .   ? -7.208  -8.750  6.297   1.00 44.45 ? 59  HOH A O   1 
HETATM 1056 O O   . HOH C 3 .   ? -4.138  0.632   -11.854 1.00 36.85 ? 60  HOH A O   1 
HETATM 1057 O O   . HOH C 3 .   ? 5.423   -7.788  15.658  1.00 36.78 ? 62  HOH A O   1 
HETATM 1058 O O   . HOH C 3 .   ? 21.541  1.200   -1.718  1.00 34.88 ? 63  HOH A O   1 
HETATM 1059 O O   . HOH C 3 .   ? 6.583   -18.808 -5.829  1.00 47.43 ? 64  HOH A O   1 
HETATM 1060 O O   . HOH C 3 .   ? -14.099 -1.888  -6.841  1.00 36.17 ? 65  HOH A O   1 
HETATM 1061 O O   . HOH C 3 .   ? 3.593   -1.485  -13.012 1.00 33.09 ? 66  HOH A O   1 
HETATM 1062 O O   . HOH C 3 .   ? 12.383  11.751  -6.447  1.00 36.54 ? 67  HOH A O   1 
HETATM 1063 O O   . HOH C 3 .   ? -8.248  -5.305  -10.721 1.00 41.42 ? 68  HOH A O   1 
HETATM 1064 O O   . HOH C 3 .   ? -11.564 0.753   11.777  1.00 41.58 ? 69  HOH A O   1 
HETATM 1065 O O   . HOH C 3 .   ? -15.854 -3.589  3.032   1.00 38.68 ? 70  HOH A O   1 
HETATM 1066 O O   . HOH C 3 .   ? 6.416   -5.780  18.173  1.00 47.42 ? 71  HOH A O   1 
HETATM 1067 O O   . HOH C 3 .   ? -7.222  12.791  9.471   1.00 43.36 ? 72  HOH A O   1 
HETATM 1068 O O   . HOH C 3 .   ? 12.313  -6.900  6.865   1.00 44.85 ? 73  HOH A O   1 
HETATM 1069 O O   . HOH C 3 .   ? -4.953  -15.071 11.078  1.00 41.08 ? 74  HOH A O   1 
HETATM 1070 O O   . HOH C 3 .   ? -3.994  -16.084 8.933   1.00 39.83 ? 75  HOH A O   1 
HETATM 1071 O O   . HOH C 3 .   ? -3.304  -13.005 10.909  1.00 40.96 ? 76  HOH A O   1 
HETATM 1072 O O   . HOH C 3 .   ? 3.964   7.434   13.587  1.00 38.49 ? 77  HOH A O   1 
HETATM 1073 O O   . HOH C 3 .   ? 0.803   10.764  14.769  1.00 41.54 ? 78  HOH A O   1 
HETATM 1074 O O   . HOH C 3 .   ? -13.697 4.093   7.150   1.00 33.91 ? 79  HOH A O   1 
HETATM 1075 O O   . HOH C 3 .   ? -1.646  -14.975 -2.891  1.00 41.59 ? 81  HOH A O   1 
HETATM 1076 O O   . HOH C 3 .   ? 16.000  -2.454  5.367   1.00 54.16 ? 82  HOH A O   1 
HETATM 1077 O O   . HOH C 3 .   ? 13.782  -3.593  5.996   1.00 36.94 ? 83  HOH A O   1 
HETATM 1078 O O   . HOH C 3 .   ? 17.629  -1.709  7.250   1.00 47.16 ? 84  HOH A O   1 
HETATM 1079 O O   . HOH C 3 .   ? 12.962  -6.081  -6.371  1.00 46.71 ? 85  HOH A O   1 
HETATM 1080 O O   . HOH C 3 .   ? 10.632  -10.103 1.575   1.00 35.41 ? 86  HOH A O   1 
HETATM 1081 O O   . HOH C 3 .   ? 1.912   -7.204  -2.277  1.00 32.58 ? 87  HOH A O   1 
HETATM 1082 O O   . HOH C 3 .   ? 3.060   -6.681  -0.018  1.00 27.46 ? 88  HOH A O   1 
HETATM 1083 O O   . HOH C 3 .   ? 8.346   12.140  -11.766 1.00 42.22 ? 89  HOH A O   1 
HETATM 1084 O O   . HOH C 3 .   ? 2.688   -11.855 6.951   1.00 30.76 ? 93  HOH A O   1 
HETATM 1085 O O   . HOH C 3 .   ? 9.905   -13.413 4.675   1.00 43.25 ? 94  HOH A O   1 
HETATM 1086 O O   . HOH C 3 .   ? 10.265  -1.281  -12.179 1.00 27.78 ? 96  HOH A O   1 
HETATM 1087 O O   . HOH C 3 .   ? 13.878  -5.001  -2.057  1.00 54.40 ? 97  HOH A O   1 
HETATM 1088 O O   . HOH C 3 .   ? -14.554 -0.869  -9.318  1.00 40.47 ? 98  HOH A O   1 
HETATM 1089 O O   . HOH C 3 .   ? 1.542   -3.316  -12.839 1.00 53.46 ? 102 HOH A O   1 
HETATM 1090 O O   . HOH C 3 .   ? 3.238   -9.127  16.556  1.00 37.22 ? 103 HOH A O   1 
# 
loop_
_pdbx_poly_seq_scheme.asym_id 
_pdbx_poly_seq_scheme.entity_id 
_pdbx_poly_seq_scheme.seq_id 
_pdbx_poly_seq_scheme.mon_id 
_pdbx_poly_seq_scheme.ndb_seq_num 
_pdbx_poly_seq_scheme.pdb_seq_num 
_pdbx_poly_seq_scheme.auth_seq_num 
_pdbx_poly_seq_scheme.pdb_mon_id 
_pdbx_poly_seq_scheme.auth_mon_id 
_pdbx_poly_seq_scheme.pdb_strand_id 
_pdbx_poly_seq_scheme.pdb_ins_code 
_pdbx_poly_seq_scheme.hetero 
A 1 1   MET 1   250 ?   ?   ?   A . n 
A 1 2   GLY 2   251 ?   ?   ?   A . n 
A 1 3   HIS 3   252 ?   ?   ?   A . n 
A 1 4   HIS 4   253 ?   ?   ?   A . n 
A 1 5   HIS 5   254 ?   ?   ?   A . n 
A 1 6   HIS 6   255 ?   ?   ?   A . n 
A 1 7   HIS 7   256 ?   ?   ?   A . n 
A 1 8   HIS 8   257 ?   ?   ?   A . n 
A 1 9   GLY 9   258 ?   ?   ?   A . n 
A 1 10  SER 10  259 ?   ?   ?   A . n 
A 1 11  PRO 11  260 260 PRO PRO A . n 
A 1 12  ASP 12  261 261 ASP ASP A . n 
A 1 13  ARG 13  262 262 ARG ARG A . n 
A 1 14  GLU 14  263 263 GLU GLU A . n 
A 1 15  GLY 15  264 264 GLY GLY A . n 
A 1 16  TRP 16  265 265 TRP TRP A . n 
A 1 17  LEU 17  266 266 LEU LEU A . n 
A 1 18  LEU 18  267 267 LEU LEU A . n 
A 1 19  LYS 19  268 268 LYS LYS A . n 
A 1 20  LEU 20  269 269 LEU LEU A . n 
A 1 21  GLY 21  270 270 GLY GLY A . n 
A 1 22  GLY 22  271 271 GLY GLY A . n 
A 1 23  GLY 23  272 272 GLY GLY A . n 
A 1 24  ARG 24  273 273 ARG ARG A . n 
A 1 25  VAL 25  274 274 VAL VAL A . n 
A 1 26  LYS 26  275 275 LYS LYS A . n 
A 1 27  THR 27  276 276 THR THR A . n 
A 1 28  TRP 28  277 277 TRP TRP A . n 
A 1 29  LYS 29  278 278 LYS LYS A . n 
A 1 30  ARG 30  279 279 ARG ARG A . n 
A 1 31  ARG 31  280 280 ARG ARG A . n 
A 1 32  TRP 32  281 281 TRP TRP A . n 
A 1 33  PHE 33  282 282 PHE PHE A . n 
A 1 34  ILE 34  283 283 ILE ILE A . n 
A 1 35  LEU 35  284 284 LEU LEU A . n 
A 1 36  THR 36  285 285 THR THR A . n 
A 1 37  ASP 37  286 286 ASP ASP A . n 
A 1 38  ASN 38  287 287 ASN ASN A . n 
A 1 39  CYS 39  288 288 CYS CYS A . n 
A 1 40  LEU 40  289 289 LEU LEU A . n 
A 1 41  TYR 41  290 290 TYR TYR A . n 
A 1 42  TYR 42  291 291 TYR TYR A . n 
A 1 43  PHE 43  292 292 PHE PHE A . n 
A 1 44  GLU 44  293 293 GLU GLU A . n 
A 1 45  TYR 45  294 294 TYR TYR A . n 
A 1 46  THR 46  295 295 THR THR A . n 
A 1 47  THR 47  296 296 THR THR A . n 
A 1 48  ASP 48  297 297 ASP ASP A . n 
A 1 49  LYS 49  298 298 LYS LYS A . n 
A 1 50  GLU 50  299 299 GLU GLU A . n 
A 1 51  PRO 51  300 300 PRO PRO A . n 
A 1 52  ARG 52  301 301 ARG ARG A . n 
A 1 53  GLY 53  302 302 GLY GLY A . n 
A 1 54  ILE 54  303 303 ILE ILE A . n 
A 1 55  ILE 55  304 304 ILE ILE A . n 
A 1 56  PRO 56  305 305 PRO PRO A . n 
A 1 57  LEU 57  306 306 LEU LEU A . n 
A 1 58  GLU 58  307 307 GLU GLU A . n 
A 1 59  ASN 59  308 308 ASN ASN A . n 
A 1 60  LEU 60  309 309 LEU LEU A . n 
A 1 61  SER 61  310 310 SER SER A . n 
A 1 62  ILE 62  311 311 ILE ILE A . n 
A 1 63  ARG 63  312 312 ARG ARG A . n 
A 1 64  GLU 64  313 313 GLU GLU A . n 
A 1 65  VAL 65  314 314 VAL VAL A . n 
A 1 66  ASP 66  315 315 ASP ASP A . n 
A 1 67  ASP 67  316 316 ASP ASP A . n 
A 1 68  PRO 68  317 317 PRO PRO A . n 
A 1 69  ARG 69  318 318 ARG ARG A . n 
A 1 70  LYS 70  319 319 LYS LYS A . n 
A 1 71  PRO 71  320 320 PRO PRO A . n 
A 1 72  ASN 72  321 321 ASN ASN A . n 
A 1 73  CYS 73  322 322 CYS CYS A . n 
A 1 74  PHE 74  323 323 PHE PHE A . n 
A 1 75  GLU 75  324 324 GLU GLU A . n 
A 1 76  LEU 76  325 325 LEU LEU A . n 
A 1 77  TYR 77  326 326 TYR TYR A . n 
A 1 78  ILE 78  327 327 ILE ILE A . n 
A 1 79  PRO 79  328 328 PRO PRO A . n 
A 1 80  ASN 80  329 329 ASN ASN A . n 
A 1 81  ASN 81  330 330 ASN ASN A . n 
A 1 82  LYS 82  331 331 LYS LYS A . n 
A 1 83  GLY 83  332 332 GLY GLY A . n 
A 1 84  GLN 84  333 333 GLN GLN A . n 
A 1 85  LEU 85  334 334 LEU LEU A . n 
A 1 86  ILE 86  335 335 ILE ILE A . n 
A 1 87  LYS 87  336 336 LYS LYS A . n 
A 1 88  ALA 88  337 337 ALA ALA A . n 
A 1 89  CYS 89  338 338 CYS CYS A . n 
A 1 90  LYS 90  339 339 LYS LYS A . n 
A 1 91  THR 91  340 340 THR THR A . n 
A 1 92  GLU 92  341 341 GLU GLU A . n 
A 1 93  ALA 93  342 342 ALA ALA A . n 
A 1 94  ASP 94  343 343 ASP ASP A . n 
A 1 95  GLY 95  344 344 GLY GLY A . n 
A 1 96  ARG 96  345 345 ARG ARG A . n 
A 1 97  VAL 97  346 346 VAL VAL A . n 
A 1 98  VAL 98  347 347 VAL VAL A . n 
A 1 99  GLU 99  348 348 GLU GLU A . n 
A 1 100 GLY 100 349 349 GLY GLY A . n 
A 1 101 ASN 101 350 350 ASN ASN A . n 
A 1 102 HIS 102 351 351 HIS HIS A . n 
A 1 103 MET 103 352 352 MET MET A . n 
A 1 104 VAL 104 353 353 VAL VAL A . n 
A 1 105 TYR 105 354 354 TYR TYR A . n 
A 1 106 ARG 106 355 355 ARG ARG A . n 
A 1 107 ILE 107 356 356 ILE ILE A . n 
A 1 108 SER 108 357 357 SER SER A . n 
A 1 109 ALA 109 358 358 ALA ALA A . n 
A 1 110 PRO 110 359 359 PRO PRO A . n 
A 1 111 THR 111 360 360 THR THR A . n 
A 1 112 GLN 112 361 361 GLN GLN A . n 
A 1 113 GLU 113 362 362 GLU GLU A . n 
A 1 114 GLU 114 363 363 GLU GLU A . n 
A 1 115 LYS 115 364 364 LYS LYS A . n 
A 1 116 ASP 116 365 365 ASP ASP A . n 
A 1 117 GLU 117 366 366 GLU GLU A . n 
A 1 118 TRP 118 367 367 TRP TRP A . n 
A 1 119 ILE 119 368 368 ILE ILE A . n 
A 1 120 LYS 120 369 369 LYS LYS A . n 
A 1 121 SER 121 370 370 SER SER A . n 
A 1 122 ILE 122 371 371 ILE ILE A . n 
A 1 123 GLN 123 372 372 GLN GLN A . n 
A 1 124 ALA 124 373 373 ALA ALA A . n 
A 1 125 ALA 125 374 374 ALA ALA A . n 
A 1 126 VAL 126 375 375 VAL VAL A . n 
A 1 127 SER 127 376 376 SER SER A . n 
A 1 128 VAL 128 377 377 VAL VAL A . n 
A 1 129 ASP 129 378 378 ASP ASP A . n 
# 
loop_
_pdbx_nonpoly_scheme.asym_id 
_pdbx_nonpoly_scheme.entity_id 
_pdbx_nonpoly_scheme.mon_id 
_pdbx_nonpoly_scheme.ndb_seq_num 
_pdbx_nonpoly_scheme.pdb_seq_num 
_pdbx_nonpoly_scheme.auth_seq_num 
_pdbx_nonpoly_scheme.pdb_mon_id 
_pdbx_nonpoly_scheme.auth_mon_id 
_pdbx_nonpoly_scheme.pdb_strand_id 
_pdbx_nonpoly_scheme.pdb_ins_code 
B 2 I3P 1  101 101 I3P I3P A . 
C 3 HOH 1  1   1   HOH HOH A . 
C 3 HOH 2  2   2   HOH HOH A . 
C 3 HOH 3  3   3   HOH HOH A . 
C 3 HOH 4  4   4   HOH HOH A . 
C 3 HOH 5  5   5   HOH HOH A . 
C 3 HOH 6  6   6   HOH HOH A . 
C 3 HOH 7  7   7   HOH HOH A . 
C 3 HOH 8  8   8   HOH HOH A . 
C 3 HOH 9  9   9   HOH HOH A . 
C 3 HOH 10 10  10  HOH HOH A . 
C 3 HOH 11 11  11  HOH HOH A . 
C 3 HOH 12 12  12  HOH HOH A . 
C 3 HOH 13 13  13  HOH HOH A . 
C 3 HOH 14 14  14  HOH HOH A . 
C 3 HOH 15 15  15  HOH HOH A . 
C 3 HOH 16 16  16  HOH HOH A . 
C 3 HOH 17 17  17  HOH HOH A . 
C 3 HOH 18 18  18  HOH HOH A . 
C 3 HOH 19 19  19  HOH HOH A . 
C 3 HOH 20 20  20  HOH HOH A . 
C 3 HOH 21 21  21  HOH HOH A . 
C 3 HOH 22 22  22  HOH HOH A . 
C 3 HOH 23 23  23  HOH HOH A . 
C 3 HOH 24 24  24  HOH HOH A . 
C 3 HOH 25 25  25  HOH HOH A . 
C 3 HOH 26 26  26  HOH HOH A . 
C 3 HOH 27 27  27  HOH HOH A . 
C 3 HOH 28 28  28  HOH HOH A . 
C 3 HOH 29 29  29  HOH HOH A . 
C 3 HOH 30 31  31  HOH HOH A . 
C 3 HOH 31 32  32  HOH HOH A . 
C 3 HOH 32 33  33  HOH HOH A . 
C 3 HOH 33 34  34  HOH HOH A . 
C 3 HOH 34 35  35  HOH HOH A . 
C 3 HOH 35 36  36  HOH HOH A . 
C 3 HOH 36 37  37  HOH HOH A . 
C 3 HOH 37 38  38  HOH HOH A . 
C 3 HOH 38 39  39  HOH HOH A . 
C 3 HOH 39 40  40  HOH HOH A . 
C 3 HOH 40 41  41  HOH HOH A . 
C 3 HOH 41 42  42  HOH HOH A . 
C 3 HOH 42 43  43  HOH HOH A . 
C 3 HOH 43 44  44  HOH HOH A . 
C 3 HOH 44 45  45  HOH HOH A . 
C 3 HOH 45 46  46  HOH HOH A . 
C 3 HOH 46 47  47  HOH HOH A . 
C 3 HOH 47 48  48  HOH HOH A . 
C 3 HOH 48 49  49  HOH HOH A . 
C 3 HOH 49 50  50  HOH HOH A . 
C 3 HOH 50 52  52  HOH HOH A . 
C 3 HOH 51 53  53  HOH HOH A . 
C 3 HOH 52 54  54  HOH HOH A . 
C 3 HOH 53 55  55  HOH HOH A . 
C 3 HOH 54 59  59  HOH HOH A . 
C 3 HOH 55 60  60  HOH HOH A . 
C 3 HOH 56 62  62  HOH HOH A . 
C 3 HOH 57 63  63  HOH HOH A . 
C 3 HOH 58 64  64  HOH HOH A . 
C 3 HOH 59 65  65  HOH HOH A . 
C 3 HOH 60 66  66  HOH HOH A . 
C 3 HOH 61 67  67  HOH HOH A . 
C 3 HOH 62 68  68  HOH HOH A . 
C 3 HOH 63 69  69  HOH HOH A . 
C 3 HOH 64 70  70  HOH HOH A . 
C 3 HOH 65 71  71  HOH HOH A . 
C 3 HOH 66 72  72  HOH HOH A . 
C 3 HOH 67 73  73  HOH HOH A . 
C 3 HOH 68 74  74  HOH HOH A . 
C 3 HOH 69 75  75  HOH HOH A . 
C 3 HOH 70 76  76  HOH HOH A . 
C 3 HOH 71 77  77  HOH HOH A . 
C 3 HOH 72 78  78  HOH HOH A . 
C 3 HOH 73 79  79  HOH HOH A . 
C 3 HOH 74 81  81  HOH HOH A . 
C 3 HOH 75 82  82  HOH HOH A . 
C 3 HOH 76 83  83  HOH HOH A . 
C 3 HOH 77 84  84  HOH HOH A . 
C 3 HOH 78 85  85  HOH HOH A . 
C 3 HOH 79 86  86  HOH HOH A . 
C 3 HOH 80 87  87  HOH HOH A . 
C 3 HOH 81 88  88  HOH HOH A . 
C 3 HOH 82 89  89  HOH HOH A . 
C 3 HOH 83 93  93  HOH HOH A . 
C 3 HOH 84 94  94  HOH HOH A . 
C 3 HOH 85 96  96  HOH HOH A . 
C 3 HOH 86 97  97  HOH HOH A . 
C 3 HOH 87 98  98  HOH HOH A . 
C 3 HOH 88 102 102 HOH HOH A . 
C 3 HOH 89 103 103 HOH HOH A . 
# 
_pdbx_struct_assembly.id                   1 
_pdbx_struct_assembly.details              author_defined_assembly 
_pdbx_struct_assembly.method_details       ? 
_pdbx_struct_assembly.oligomeric_details   monomeric 
_pdbx_struct_assembly.oligomeric_count     1 
# 
_pdbx_struct_assembly_gen.assembly_id       1 
_pdbx_struct_assembly_gen.oper_expression   1 
_pdbx_struct_assembly_gen.asym_id_list      A,B,C 
# 
_pdbx_struct_oper_list.id                   1 
_pdbx_struct_oper_list.type                 'identity operation' 
_pdbx_struct_oper_list.name                 1_555 
_pdbx_struct_oper_list.symmetry_operation   x,y,z 
_pdbx_struct_oper_list.matrix[1][1]         1.0000000000 
_pdbx_struct_oper_list.matrix[1][2]         0.0000000000 
_pdbx_struct_oper_list.matrix[1][3]         0.0000000000 
_pdbx_struct_oper_list.vector[1]            0.0000000000 
_pdbx_struct_oper_list.matrix[2][1]         0.0000000000 
_pdbx_struct_oper_list.matrix[2][2]         1.0000000000 
_pdbx_struct_oper_list.matrix[2][3]         0.0000000000 
_pdbx_struct_oper_list.vector[2]            0.0000000000 
_pdbx_struct_oper_list.matrix[3][1]         0.0000000000 
_pdbx_struct_oper_list.matrix[3][2]         0.0000000000 
_pdbx_struct_oper_list.matrix[3][3]         1.0000000000 
_pdbx_struct_oper_list.vector[3]            0.0000000000 
# 
loop_
_pdbx_audit_revision_history.ordinal 
_pdbx_audit_revision_history.data_content_type 
_pdbx_audit_revision_history.major_revision 
_pdbx_audit_revision_history.minor_revision 
_pdbx_audit_revision_history.revision_date 
1 'Structure model' 1 0 2005-02-01 
2 'Structure model' 1 1 2008-04-30 
3 'Structure model' 1 2 2011-07-13 
4 'Structure model' 1 3 2023-08-23 
# 
_pdbx_audit_revision_details.ordinal             1 
_pdbx_audit_revision_details.revision_ordinal    1 
_pdbx_audit_revision_details.data_content_type   'Structure model' 
_pdbx_audit_revision_details.provider            repository 
_pdbx_audit_revision_details.type                'Initial release' 
_pdbx_audit_revision_details.description         ? 
_pdbx_audit_revision_details.details             ? 
# 
loop_
_pdbx_audit_revision_group.ordinal 
_pdbx_audit_revision_group.revision_ordinal 
_pdbx_audit_revision_group.data_content_type 
_pdbx_audit_revision_group.group 
1 2 'Structure model' 'Version format compliance' 
2 3 'Structure model' 'Version format compliance' 
3 4 'Structure model' 'Data collection'           
4 4 'Structure model' 'Database references'       
5 4 'Structure model' 'Derived calculations'      
6 4 'Structure model' 'Refinement description'    
# 
loop_
_pdbx_audit_revision_category.ordinal 
_pdbx_audit_revision_category.revision_ordinal 
_pdbx_audit_revision_category.data_content_type 
_pdbx_audit_revision_category.category 
1 4 'Structure model' chem_comp_atom                
2 4 'Structure model' chem_comp_bond                
3 4 'Structure model' database_2                    
4 4 'Structure model' pdbx_initial_refinement_model 
5 4 'Structure model' struct_ref_seq_dif            
6 4 'Structure model' struct_site                   
# 
loop_
_pdbx_audit_revision_item.ordinal 
_pdbx_audit_revision_item.revision_ordinal 
_pdbx_audit_revision_item.data_content_type 
_pdbx_audit_revision_item.item 
1 4 'Structure model' '_database_2.pdbx_DOI'                
2 4 'Structure model' '_database_2.pdbx_database_accession' 
3 4 'Structure model' '_struct_ref_seq_dif.details'         
4 4 'Structure model' '_struct_site.pdbx_auth_asym_id'      
5 4 'Structure model' '_struct_site.pdbx_auth_comp_id'      
6 4 'Structure model' '_struct_site.pdbx_auth_seq_id'       
# 
loop_
_software.name 
_software.classification 
_software.version 
_software.citation_id 
_software.pdbx_ordinal 
REFMAC    refinement       5.1.19 ? 1 
DENZO     'data reduction' .      ? 2 
SCALEPACK 'data scaling'   .      ? 3 
AMoRE     phasing          .      ? 4 
# 
_pdbx_validate_close_contact.id               1 
_pdbx_validate_close_contact.PDB_model_num    1 
_pdbx_validate_close_contact.auth_atom_id_1   CB 
_pdbx_validate_close_contact.auth_asym_id_1   A 
_pdbx_validate_close_contact.auth_comp_id_1   ASN 
_pdbx_validate_close_contact.auth_seq_id_1    287 
_pdbx_validate_close_contact.PDB_ins_code_1   ? 
_pdbx_validate_close_contact.label_alt_id_1   ? 
_pdbx_validate_close_contact.auth_atom_id_2   OD2 
_pdbx_validate_close_contact.auth_asym_id_2   A 
_pdbx_validate_close_contact.auth_comp_id_2   ASP 
_pdbx_validate_close_contact.auth_seq_id_2    378 
_pdbx_validate_close_contact.PDB_ins_code_2   ? 
_pdbx_validate_close_contact.label_alt_id_2   ? 
_pdbx_validate_close_contact.dist             2.02 
# 
loop_
_pdbx_unobs_or_zero_occ_atoms.id 
_pdbx_unobs_or_zero_occ_atoms.PDB_model_num 
_pdbx_unobs_or_zero_occ_atoms.polymer_flag 
_pdbx_unobs_or_zero_occ_atoms.occupancy_flag 
_pdbx_unobs_or_zero_occ_atoms.auth_asym_id 
_pdbx_unobs_or_zero_occ_atoms.auth_comp_id 
_pdbx_unobs_or_zero_occ_atoms.auth_seq_id 
_pdbx_unobs_or_zero_occ_atoms.PDB_ins_code 
_pdbx_unobs_or_zero_occ_atoms.auth_atom_id 
_pdbx_unobs_or_zero_occ_atoms.label_alt_id 
_pdbx_unobs_or_zero_occ_atoms.label_asym_id 
_pdbx_unobs_or_zero_occ_atoms.label_comp_id 
_pdbx_unobs_or_zero_occ_atoms.label_seq_id 
_pdbx_unobs_or_zero_occ_atoms.label_atom_id 
1  1 Y 0 A ASN 287 ? CG  ? A ASN 38  CG  
2  1 Y 0 A ASN 287 ? OD1 ? A ASN 38  OD1 
3  1 Y 0 A ASN 287 ? ND2 ? A ASN 38  ND2 
4  1 Y 0 A GLU 307 ? CG  ? A GLU 58  CG  
5  1 Y 0 A GLU 307 ? CD  ? A GLU 58  CD  
6  1 Y 0 A GLU 307 ? OE1 ? A GLU 58  OE1 
7  1 Y 0 A GLU 307 ? OE2 ? A GLU 58  OE2 
8  1 Y 0 A ARG 318 ? CG  ? A ARG 69  CG  
9  1 Y 0 A ARG 318 ? CD  ? A ARG 69  CD  
10 1 Y 0 A ARG 318 ? NE  ? A ARG 69  NE  
11 1 Y 0 A ARG 318 ? CZ  ? A ARG 69  CZ  
12 1 Y 0 A ARG 318 ? NH1 ? A ARG 69  NH1 
13 1 Y 0 A ARG 318 ? NH2 ? A ARG 69  NH2 
14 1 Y 0 A LYS 331 ? CG  ? A LYS 82  CG  
15 1 Y 0 A LYS 331 ? CD  ? A LYS 82  CD  
16 1 Y 0 A LYS 331 ? CE  ? A LYS 82  CE  
17 1 Y 0 A LYS 331 ? NZ  ? A LYS 82  NZ  
18 1 Y 0 A GLN 333 ? CG  ? A GLN 84  CG  
19 1 Y 0 A GLN 333 ? CD  ? A GLN 84  CD  
20 1 Y 0 A GLN 333 ? OE1 ? A GLN 84  OE1 
21 1 Y 0 A GLN 333 ? NE2 ? A GLN 84  NE2 
22 1 Y 0 A LYS 336 ? CG  ? A LYS 87  CG  
23 1 Y 0 A LYS 336 ? CD  ? A LYS 87  CD  
24 1 Y 0 A LYS 336 ? CE  ? A LYS 87  CE  
25 1 Y 0 A LYS 336 ? NZ  ? A LYS 87  NZ  
26 1 Y 0 A ASP 343 ? CG  ? A ASP 94  CG  
27 1 Y 0 A ASP 343 ? OD1 ? A ASP 94  OD1 
28 1 Y 0 A ASP 343 ? OD2 ? A ASP 94  OD2 
29 1 Y 0 A VAL 346 ? CG1 ? A VAL 97  CG1 
30 1 Y 0 A VAL 346 ? CG2 ? A VAL 97  CG2 
31 1 Y 0 A GLU 362 ? CG  ? A GLU 113 CG  
32 1 Y 0 A GLU 362 ? CD  ? A GLU 113 CD  
33 1 Y 0 A GLU 362 ? OE1 ? A GLU 113 OE1 
34 1 Y 0 A GLU 362 ? OE2 ? A GLU 113 OE2 
35 1 Y 0 A LYS 369 ? CG  ? A LYS 120 CG  
36 1 Y 0 A LYS 369 ? CD  ? A LYS 120 CD  
37 1 Y 0 A LYS 369 ? CE  ? A LYS 120 CE  
38 1 Y 0 A LYS 369 ? NZ  ? A LYS 120 NZ  
39 1 Y 0 A SER 376 ? OG  ? A SER 127 OG  
40 1 Y 0 A VAL 377 ? CG1 ? A VAL 128 CG1 
41 1 Y 0 A VAL 377 ? CG2 ? A VAL 128 CG2 
42 1 Y 0 A ASP 378 ? CG  ? A ASP 129 CG  
43 1 Y 0 A ASP 378 ? OD1 ? A ASP 129 OD1 
44 1 Y 0 A ASP 378 ? OD2 ? A ASP 129 OD2 
# 
loop_
_pdbx_unobs_or_zero_occ_residues.id 
_pdbx_unobs_or_zero_occ_residues.PDB_model_num 
_pdbx_unobs_or_zero_occ_residues.polymer_flag 
_pdbx_unobs_or_zero_occ_residues.occupancy_flag 
_pdbx_unobs_or_zero_occ_residues.auth_asym_id 
_pdbx_unobs_or_zero_occ_residues.auth_comp_id 
_pdbx_unobs_or_zero_occ_residues.auth_seq_id 
_pdbx_unobs_or_zero_occ_residues.PDB_ins_code 
_pdbx_unobs_or_zero_occ_residues.label_asym_id 
_pdbx_unobs_or_zero_occ_residues.label_comp_id 
_pdbx_unobs_or_zero_occ_residues.label_seq_id 
1  1 Y 1 A MET 250 ? A MET 1  
2  1 Y 1 A GLY 251 ? A GLY 2  
3  1 Y 1 A HIS 252 ? A HIS 3  
4  1 Y 1 A HIS 253 ? A HIS 4  
5  1 Y 1 A HIS 254 ? A HIS 5  
6  1 Y 1 A HIS 255 ? A HIS 6  
7  1 Y 1 A HIS 256 ? A HIS 7  
8  1 Y 1 A HIS 257 ? A HIS 8  
9  1 Y 1 A GLY 258 ? A GLY 9  
10 1 Y 1 A SER 259 ? A SER 10 
# 
loop_
_chem_comp_atom.comp_id 
_chem_comp_atom.atom_id 
_chem_comp_atom.type_symbol 
_chem_comp_atom.pdbx_aromatic_flag 
_chem_comp_atom.pdbx_stereo_config 
_chem_comp_atom.pdbx_ordinal 
ALA N    N N N 1   
ALA CA   C N S 2   
ALA C    C N N 3   
ALA O    O N N 4   
ALA CB   C N N 5   
ALA OXT  O N N 6   
ALA H    H N N 7   
ALA H2   H N N 8   
ALA HA   H N N 9   
ALA HB1  H N N 10  
ALA HB2  H N N 11  
ALA HB3  H N N 12  
ALA HXT  H N N 13  
ARG N    N N N 14  
ARG CA   C N S 15  
ARG C    C N N 16  
ARG O    O N N 17  
ARG CB   C N N 18  
ARG CG   C N N 19  
ARG CD   C N N 20  
ARG NE   N N N 21  
ARG CZ   C N N 22  
ARG NH1  N N N 23  
ARG NH2  N N N 24  
ARG OXT  O N N 25  
ARG H    H N N 26  
ARG H2   H N N 27  
ARG HA   H N N 28  
ARG HB2  H N N 29  
ARG HB3  H N N 30  
ARG HG2  H N N 31  
ARG HG3  H N N 32  
ARG HD2  H N N 33  
ARG HD3  H N N 34  
ARG HE   H N N 35  
ARG HH11 H N N 36  
ARG HH12 H N N 37  
ARG HH21 H N N 38  
ARG HH22 H N N 39  
ARG HXT  H N N 40  
ASN N    N N N 41  
ASN CA   C N S 42  
ASN C    C N N 43  
ASN O    O N N 44  
ASN CB   C N N 45  
ASN CG   C N N 46  
ASN OD1  O N N 47  
ASN ND2  N N N 48  
ASN OXT  O N N 49  
ASN H    H N N 50  
ASN H2   H N N 51  
ASN HA   H N N 52  
ASN HB2  H N N 53  
ASN HB3  H N N 54  
ASN HD21 H N N 55  
ASN HD22 H N N 56  
ASN HXT  H N N 57  
ASP N    N N N 58  
ASP CA   C N S 59  
ASP C    C N N 60  
ASP O    O N N 61  
ASP CB   C N N 62  
ASP CG   C N N 63  
ASP OD1  O N N 64  
ASP OD2  O N N 65  
ASP OXT  O N N 66  
ASP H    H N N 67  
ASP H2   H N N 68  
ASP HA   H N N 69  
ASP HB2  H N N 70  
ASP HB3  H N N 71  
ASP HD2  H N N 72  
ASP HXT  H N N 73  
CYS N    N N N 74  
CYS CA   C N R 75  
CYS C    C N N 76  
CYS O    O N N 77  
CYS CB   C N N 78  
CYS SG   S N N 79  
CYS OXT  O N N 80  
CYS H    H N N 81  
CYS H2   H N N 82  
CYS HA   H N N 83  
CYS HB2  H N N 84  
CYS HB3  H N N 85  
CYS HG   H N N 86  
CYS HXT  H N N 87  
GLN N    N N N 88  
GLN CA   C N S 89  
GLN C    C N N 90  
GLN O    O N N 91  
GLN CB   C N N 92  
GLN CG   C N N 93  
GLN CD   C N N 94  
GLN OE1  O N N 95  
GLN NE2  N N N 96  
GLN OXT  O N N 97  
GLN H    H N N 98  
GLN H2   H N N 99  
GLN HA   H N N 100 
GLN HB2  H N N 101 
GLN HB3  H N N 102 
GLN HG2  H N N 103 
GLN HG3  H N N 104 
GLN HE21 H N N 105 
GLN HE22 H N N 106 
GLN HXT  H N N 107 
GLU N    N N N 108 
GLU CA   C N S 109 
GLU C    C N N 110 
GLU O    O N N 111 
GLU CB   C N N 112 
GLU CG   C N N 113 
GLU CD   C N N 114 
GLU OE1  O N N 115 
GLU OE2  O N N 116 
GLU OXT  O N N 117 
GLU H    H N N 118 
GLU H2   H N N 119 
GLU HA   H N N 120 
GLU HB2  H N N 121 
GLU HB3  H N N 122 
GLU HG2  H N N 123 
GLU HG3  H N N 124 
GLU HE2  H N N 125 
GLU HXT  H N N 126 
GLY N    N N N 127 
GLY CA   C N N 128 
GLY C    C N N 129 
GLY O    O N N 130 
GLY OXT  O N N 131 
GLY H    H N N 132 
GLY H2   H N N 133 
GLY HA2  H N N 134 
GLY HA3  H N N 135 
GLY HXT  H N N 136 
HIS N    N N N 137 
HIS CA   C N S 138 
HIS C    C N N 139 
HIS O    O N N 140 
HIS CB   C N N 141 
HIS CG   C Y N 142 
HIS ND1  N Y N 143 
HIS CD2  C Y N 144 
HIS CE1  C Y N 145 
HIS NE2  N Y N 146 
HIS OXT  O N N 147 
HIS H    H N N 148 
HIS H2   H N N 149 
HIS HA   H N N 150 
HIS HB2  H N N 151 
HIS HB3  H N N 152 
HIS HD1  H N N 153 
HIS HD2  H N N 154 
HIS HE1  H N N 155 
HIS HE2  H N N 156 
HIS HXT  H N N 157 
HOH O    O N N 158 
HOH H1   H N N 159 
HOH H2   H N N 160 
I3P C1   C N R 161 
I3P C2   C N R 162 
I3P C3   C N S 163 
I3P C4   C N R 164 
I3P C5   C N R 165 
I3P C6   C N S 166 
I3P O1   O N N 167 
I3P O2   O N N 168 
I3P O3   O N N 169 
I3P O4   O N N 170 
I3P O5   O N N 171 
I3P O6   O N N 172 
I3P P1   P N N 173 
I3P O11  O N N 174 
I3P O12  O N N 175 
I3P O13  O N N 176 
I3P P4   P N N 177 
I3P O41  O N N 178 
I3P O42  O N N 179 
I3P O43  O N N 180 
I3P P5   P N N 181 
I3P O51  O N N 182 
I3P O52  O N N 183 
I3P O53  O N N 184 
I3P H1   H N N 185 
I3P H2   H N N 186 
I3P H3   H N N 187 
I3P H4   H N N 188 
I3P H5   H N N 189 
I3P H6   H N N 190 
I3P HO2  H N N 191 
I3P HO3  H N N 192 
I3P HO6  H N N 193 
I3P HO12 H N N 194 
I3P HO13 H N N 195 
I3P HO42 H N N 196 
I3P HO43 H N N 197 
I3P HO52 H N N 198 
I3P HO53 H N N 199 
ILE N    N N N 200 
ILE CA   C N S 201 
ILE C    C N N 202 
ILE O    O N N 203 
ILE CB   C N S 204 
ILE CG1  C N N 205 
ILE CG2  C N N 206 
ILE CD1  C N N 207 
ILE OXT  O N N 208 
ILE H    H N N 209 
ILE H2   H N N 210 
ILE HA   H N N 211 
ILE HB   H N N 212 
ILE HG12 H N N 213 
ILE HG13 H N N 214 
ILE HG21 H N N 215 
ILE HG22 H N N 216 
ILE HG23 H N N 217 
ILE HD11 H N N 218 
ILE HD12 H N N 219 
ILE HD13 H N N 220 
ILE HXT  H N N 221 
LEU N    N N N 222 
LEU CA   C N S 223 
LEU C    C N N 224 
LEU O    O N N 225 
LEU CB   C N N 226 
LEU CG   C N N 227 
LEU CD1  C N N 228 
LEU CD2  C N N 229 
LEU OXT  O N N 230 
LEU H    H N N 231 
LEU H2   H N N 232 
LEU HA   H N N 233 
LEU HB2  H N N 234 
LEU HB3  H N N 235 
LEU HG   H N N 236 
LEU HD11 H N N 237 
LEU HD12 H N N 238 
LEU HD13 H N N 239 
LEU HD21 H N N 240 
LEU HD22 H N N 241 
LEU HD23 H N N 242 
LEU HXT  H N N 243 
LYS N    N N N 244 
LYS CA   C N S 245 
LYS C    C N N 246 
LYS O    O N N 247 
LYS CB   C N N 248 
LYS CG   C N N 249 
LYS CD   C N N 250 
LYS CE   C N N 251 
LYS NZ   N N N 252 
LYS OXT  O N N 253 
LYS H    H N N 254 
LYS H2   H N N 255 
LYS HA   H N N 256 
LYS HB2  H N N 257 
LYS HB3  H N N 258 
LYS HG2  H N N 259 
LYS HG3  H N N 260 
LYS HD2  H N N 261 
LYS HD3  H N N 262 
LYS HE2  H N N 263 
LYS HE3  H N N 264 
LYS HZ1  H N N 265 
LYS HZ2  H N N 266 
LYS HZ3  H N N 267 
LYS HXT  H N N 268 
MET N    N N N 269 
MET CA   C N S 270 
MET C    C N N 271 
MET O    O N N 272 
MET CB   C N N 273 
MET CG   C N N 274 
MET SD   S N N 275 
MET CE   C N N 276 
MET OXT  O N N 277 
MET H    H N N 278 
MET H2   H N N 279 
MET HA   H N N 280 
MET HB2  H N N 281 
MET HB3  H N N 282 
MET HG2  H N N 283 
MET HG3  H N N 284 
MET HE1  H N N 285 
MET HE2  H N N 286 
MET HE3  H N N 287 
MET HXT  H N N 288 
PHE N    N N N 289 
PHE CA   C N S 290 
PHE C    C N N 291 
PHE O    O N N 292 
PHE CB   C N N 293 
PHE CG   C Y N 294 
PHE CD1  C Y N 295 
PHE CD2  C Y N 296 
PHE CE1  C Y N 297 
PHE CE2  C Y N 298 
PHE CZ   C Y N 299 
PHE OXT  O N N 300 
PHE H    H N N 301 
PHE H2   H N N 302 
PHE HA   H N N 303 
PHE HB2  H N N 304 
PHE HB3  H N N 305 
PHE HD1  H N N 306 
PHE HD2  H N N 307 
PHE HE1  H N N 308 
PHE HE2  H N N 309 
PHE HZ   H N N 310 
PHE HXT  H N N 311 
PRO N    N N N 312 
PRO CA   C N S 313 
PRO C    C N N 314 
PRO O    O N N 315 
PRO CB   C N N 316 
PRO CG   C N N 317 
PRO CD   C N N 318 
PRO OXT  O N N 319 
PRO H    H N N 320 
PRO HA   H N N 321 
PRO HB2  H N N 322 
PRO HB3  H N N 323 
PRO HG2  H N N 324 
PRO HG3  H N N 325 
PRO HD2  H N N 326 
PRO HD3  H N N 327 
PRO HXT  H N N 328 
SER N    N N N 329 
SER CA   C N S 330 
SER C    C N N 331 
SER O    O N N 332 
SER CB   C N N 333 
SER OG   O N N 334 
SER OXT  O N N 335 
SER H    H N N 336 
SER H2   H N N 337 
SER HA   H N N 338 
SER HB2  H N N 339 
SER HB3  H N N 340 
SER HG   H N N 341 
SER HXT  H N N 342 
THR N    N N N 343 
THR CA   C N S 344 
THR C    C N N 345 
THR O    O N N 346 
THR CB   C N R 347 
THR OG1  O N N 348 
THR CG2  C N N 349 
THR OXT  O N N 350 
THR H    H N N 351 
THR H2   H N N 352 
THR HA   H N N 353 
THR HB   H N N 354 
THR HG1  H N N 355 
THR HG21 H N N 356 
THR HG22 H N N 357 
THR HG23 H N N 358 
THR HXT  H N N 359 
TRP N    N N N 360 
TRP CA   C N S 361 
TRP C    C N N 362 
TRP O    O N N 363 
TRP CB   C N N 364 
TRP CG   C Y N 365 
TRP CD1  C Y N 366 
TRP CD2  C Y N 367 
TRP NE1  N Y N 368 
TRP CE2  C Y N 369 
TRP CE3  C Y N 370 
TRP CZ2  C Y N 371 
TRP CZ3  C Y N 372 
TRP CH2  C Y N 373 
TRP OXT  O N N 374 
TRP H    H N N 375 
TRP H2   H N N 376 
TRP HA   H N N 377 
TRP HB2  H N N 378 
TRP HB3  H N N 379 
TRP HD1  H N N 380 
TRP HE1  H N N 381 
TRP HE3  H N N 382 
TRP HZ2  H N N 383 
TRP HZ3  H N N 384 
TRP HH2  H N N 385 
TRP HXT  H N N 386 
TYR N    N N N 387 
TYR CA   C N S 388 
TYR C    C N N 389 
TYR O    O N N 390 
TYR CB   C N N 391 
TYR CG   C Y N 392 
TYR CD1  C Y N 393 
TYR CD2  C Y N 394 
TYR CE1  C Y N 395 
TYR CE2  C Y N 396 
TYR CZ   C Y N 397 
TYR OH   O N N 398 
TYR OXT  O N N 399 
TYR H    H N N 400 
TYR H2   H N N 401 
TYR HA   H N N 402 
TYR HB2  H N N 403 
TYR HB3  H N N 404 
TYR HD1  H N N 405 
TYR HD2  H N N 406 
TYR HE1  H N N 407 
TYR HE2  H N N 408 
TYR HH   H N N 409 
TYR HXT  H N N 410 
VAL N    N N N 411 
VAL CA   C N S 412 
VAL C    C N N 413 
VAL O    O N N 414 
VAL CB   C N N 415 
VAL CG1  C N N 416 
VAL CG2  C N N 417 
VAL OXT  O N N 418 
VAL H    H N N 419 
VAL H2   H N N 420 
VAL HA   H N N 421 
VAL HB   H N N 422 
VAL HG11 H N N 423 
VAL HG12 H N N 424 
VAL HG13 H N N 425 
VAL HG21 H N N 426 
VAL HG22 H N N 427 
VAL HG23 H N N 428 
VAL HXT  H N N 429 
# 
loop_
_chem_comp_bond.comp_id 
_chem_comp_bond.atom_id_1 
_chem_comp_bond.atom_id_2 
_chem_comp_bond.value_order 
_chem_comp_bond.pdbx_aromatic_flag 
_chem_comp_bond.pdbx_stereo_config 
_chem_comp_bond.pdbx_ordinal 
ALA N   CA   sing N N 1   
ALA N   H    sing N N 2   
ALA N   H2   sing N N 3   
ALA CA  C    sing N N 4   
ALA CA  CB   sing N N 5   
ALA CA  HA   sing N N 6   
ALA C   O    doub N N 7   
ALA C   OXT  sing N N 8   
ALA CB  HB1  sing N N 9   
ALA CB  HB2  sing N N 10  
ALA CB  HB3  sing N N 11  
ALA OXT HXT  sing N N 12  
ARG N   CA   sing N N 13  
ARG N   H    sing N N 14  
ARG N   H2   sing N N 15  
ARG CA  C    sing N N 16  
ARG CA  CB   sing N N 17  
ARG CA  HA   sing N N 18  
ARG C   O    doub N N 19  
ARG C   OXT  sing N N 20  
ARG CB  CG   sing N N 21  
ARG CB  HB2  sing N N 22  
ARG CB  HB3  sing N N 23  
ARG CG  CD   sing N N 24  
ARG CG  HG2  sing N N 25  
ARG CG  HG3  sing N N 26  
ARG CD  NE   sing N N 27  
ARG CD  HD2  sing N N 28  
ARG CD  HD3  sing N N 29  
ARG NE  CZ   sing N N 30  
ARG NE  HE   sing N N 31  
ARG CZ  NH1  sing N N 32  
ARG CZ  NH2  doub N N 33  
ARG NH1 HH11 sing N N 34  
ARG NH1 HH12 sing N N 35  
ARG NH2 HH21 sing N N 36  
ARG NH2 HH22 sing N N 37  
ARG OXT HXT  sing N N 38  
ASN N   CA   sing N N 39  
ASN N   H    sing N N 40  
ASN N   H2   sing N N 41  
ASN CA  C    sing N N 42  
ASN CA  CB   sing N N 43  
ASN CA  HA   sing N N 44  
ASN C   O    doub N N 45  
ASN C   OXT  sing N N 46  
ASN CB  CG   sing N N 47  
ASN CB  HB2  sing N N 48  
ASN CB  HB3  sing N N 49  
ASN CG  OD1  doub N N 50  
ASN CG  ND2  sing N N 51  
ASN ND2 HD21 sing N N 52  
ASN ND2 HD22 sing N N 53  
ASN OXT HXT  sing N N 54  
ASP N   CA   sing N N 55  
ASP N   H    sing N N 56  
ASP N   H2   sing N N 57  
ASP CA  C    sing N N 58  
ASP CA  CB   sing N N 59  
ASP CA  HA   sing N N 60  
ASP C   O    doub N N 61  
ASP C   OXT  sing N N 62  
ASP CB  CG   sing N N 63  
ASP CB  HB2  sing N N 64  
ASP CB  HB3  sing N N 65  
ASP CG  OD1  doub N N 66  
ASP CG  OD2  sing N N 67  
ASP OD2 HD2  sing N N 68  
ASP OXT HXT  sing N N 69  
CYS N   CA   sing N N 70  
CYS N   H    sing N N 71  
CYS N   H2   sing N N 72  
CYS CA  C    sing N N 73  
CYS CA  CB   sing N N 74  
CYS CA  HA   sing N N 75  
CYS C   O    doub N N 76  
CYS C   OXT  sing N N 77  
CYS CB  SG   sing N N 78  
CYS CB  HB2  sing N N 79  
CYS CB  HB3  sing N N 80  
CYS SG  HG   sing N N 81  
CYS OXT HXT  sing N N 82  
GLN N   CA   sing N N 83  
GLN N   H    sing N N 84  
GLN N   H2   sing N N 85  
GLN CA  C    sing N N 86  
GLN CA  CB   sing N N 87  
GLN CA  HA   sing N N 88  
GLN C   O    doub N N 89  
GLN C   OXT  sing N N 90  
GLN CB  CG   sing N N 91  
GLN CB  HB2  sing N N 92  
GLN CB  HB3  sing N N 93  
GLN CG  CD   sing N N 94  
GLN CG  HG2  sing N N 95  
GLN CG  HG3  sing N N 96  
GLN CD  OE1  doub N N 97  
GLN CD  NE2  sing N N 98  
GLN NE2 HE21 sing N N 99  
GLN NE2 HE22 sing N N 100 
GLN OXT HXT  sing N N 101 
GLU N   CA   sing N N 102 
GLU N   H    sing N N 103 
GLU N   H2   sing N N 104 
GLU CA  C    sing N N 105 
GLU CA  CB   sing N N 106 
GLU CA  HA   sing N N 107 
GLU C   O    doub N N 108 
GLU C   OXT  sing N N 109 
GLU CB  CG   sing N N 110 
GLU CB  HB2  sing N N 111 
GLU CB  HB3  sing N N 112 
GLU CG  CD   sing N N 113 
GLU CG  HG2  sing N N 114 
GLU CG  HG3  sing N N 115 
GLU CD  OE1  doub N N 116 
GLU CD  OE2  sing N N 117 
GLU OE2 HE2  sing N N 118 
GLU OXT HXT  sing N N 119 
GLY N   CA   sing N N 120 
GLY N   H    sing N N 121 
GLY N   H2   sing N N 122 
GLY CA  C    sing N N 123 
GLY CA  HA2  sing N N 124 
GLY CA  HA3  sing N N 125 
GLY C   O    doub N N 126 
GLY C   OXT  sing N N 127 
GLY OXT HXT  sing N N 128 
HIS N   CA   sing N N 129 
HIS N   H    sing N N 130 
HIS N   H2   sing N N 131 
HIS CA  C    sing N N 132 
HIS CA  CB   sing N N 133 
HIS CA  HA   sing N N 134 
HIS C   O    doub N N 135 
HIS C   OXT  sing N N 136 
HIS CB  CG   sing N N 137 
HIS CB  HB2  sing N N 138 
HIS CB  HB3  sing N N 139 
HIS CG  ND1  sing Y N 140 
HIS CG  CD2  doub Y N 141 
HIS ND1 CE1  doub Y N 142 
HIS ND1 HD1  sing N N 143 
HIS CD2 NE2  sing Y N 144 
HIS CD2 HD2  sing N N 145 
HIS CE1 NE2  sing Y N 146 
HIS CE1 HE1  sing N N 147 
HIS NE2 HE2  sing N N 148 
HIS OXT HXT  sing N N 149 
HOH O   H1   sing N N 150 
HOH O   H2   sing N N 151 
I3P C1  C2   sing N N 152 
I3P C1  C6   sing N N 153 
I3P C1  O1   sing N N 154 
I3P C1  H1   sing N N 155 
I3P C2  C3   sing N N 156 
I3P C2  O2   sing N N 157 
I3P C2  H2   sing N N 158 
I3P C3  C4   sing N N 159 
I3P C3  O3   sing N N 160 
I3P C3  H3   sing N N 161 
I3P C4  C5   sing N N 162 
I3P C4  O4   sing N N 163 
I3P C4  H4   sing N N 164 
I3P C5  C6   sing N N 165 
I3P C5  O5   sing N N 166 
I3P C5  H5   sing N N 167 
I3P C6  O6   sing N N 168 
I3P C6  H6   sing N N 169 
I3P O1  P1   sing N N 170 
I3P O2  HO2  sing N N 171 
I3P O3  HO3  sing N N 172 
I3P O4  P4   sing N N 173 
I3P O5  P5   sing N N 174 
I3P O6  HO6  sing N N 175 
I3P P1  O11  doub N N 176 
I3P P1  O12  sing N N 177 
I3P P1  O13  sing N N 178 
I3P O12 HO12 sing N N 179 
I3P O13 HO13 sing N N 180 
I3P P4  O41  doub N N 181 
I3P P4  O42  sing N N 182 
I3P P4  O43  sing N N 183 
I3P O42 HO42 sing N N 184 
I3P O43 HO43 sing N N 185 
I3P P5  O51  doub N N 186 
I3P P5  O52  sing N N 187 
I3P P5  O53  sing N N 188 
I3P O52 HO52 sing N N 189 
I3P O53 HO53 sing N N 190 
ILE N   CA   sing N N 191 
ILE N   H    sing N N 192 
ILE N   H2   sing N N 193 
ILE CA  C    sing N N 194 
ILE CA  CB   sing N N 195 
ILE CA  HA   sing N N 196 
ILE C   O    doub N N 197 
ILE C   OXT  sing N N 198 
ILE CB  CG1  sing N N 199 
ILE CB  CG2  sing N N 200 
ILE CB  HB   sing N N 201 
ILE CG1 CD1  sing N N 202 
ILE CG1 HG12 sing N N 203 
ILE CG1 HG13 sing N N 204 
ILE CG2 HG21 sing N N 205 
ILE CG2 HG22 sing N N 206 
ILE CG2 HG23 sing N N 207 
ILE CD1 HD11 sing N N 208 
ILE CD1 HD12 sing N N 209 
ILE CD1 HD13 sing N N 210 
ILE OXT HXT  sing N N 211 
LEU N   CA   sing N N 212 
LEU N   H    sing N N 213 
LEU N   H2   sing N N 214 
LEU CA  C    sing N N 215 
LEU CA  CB   sing N N 216 
LEU CA  HA   sing N N 217 
LEU C   O    doub N N 218 
LEU C   OXT  sing N N 219 
LEU CB  CG   sing N N 220 
LEU CB  HB2  sing N N 221 
LEU CB  HB3  sing N N 222 
LEU CG  CD1  sing N N 223 
LEU CG  CD2  sing N N 224 
LEU CG  HG   sing N N 225 
LEU CD1 HD11 sing N N 226 
LEU CD1 HD12 sing N N 227 
LEU CD1 HD13 sing N N 228 
LEU CD2 HD21 sing N N 229 
LEU CD2 HD22 sing N N 230 
LEU CD2 HD23 sing N N 231 
LEU OXT HXT  sing N N 232 
LYS N   CA   sing N N 233 
LYS N   H    sing N N 234 
LYS N   H2   sing N N 235 
LYS CA  C    sing N N 236 
LYS CA  CB   sing N N 237 
LYS CA  HA   sing N N 238 
LYS C   O    doub N N 239 
LYS C   OXT  sing N N 240 
LYS CB  CG   sing N N 241 
LYS CB  HB2  sing N N 242 
LYS CB  HB3  sing N N 243 
LYS CG  CD   sing N N 244 
LYS CG  HG2  sing N N 245 
LYS CG  HG3  sing N N 246 
LYS CD  CE   sing N N 247 
LYS CD  HD2  sing N N 248 
LYS CD  HD3  sing N N 249 
LYS CE  NZ   sing N N 250 
LYS CE  HE2  sing N N 251 
LYS CE  HE3  sing N N 252 
LYS NZ  HZ1  sing N N 253 
LYS NZ  HZ2  sing N N 254 
LYS NZ  HZ3  sing N N 255 
LYS OXT HXT  sing N N 256 
MET N   CA   sing N N 257 
MET N   H    sing N N 258 
MET N   H2   sing N N 259 
MET CA  C    sing N N 260 
MET CA  CB   sing N N 261 
MET CA  HA   sing N N 262 
MET C   O    doub N N 263 
MET C   OXT  sing N N 264 
MET CB  CG   sing N N 265 
MET CB  HB2  sing N N 266 
MET CB  HB3  sing N N 267 
MET CG  SD   sing N N 268 
MET CG  HG2  sing N N 269 
MET CG  HG3  sing N N 270 
MET SD  CE   sing N N 271 
MET CE  HE1  sing N N 272 
MET CE  HE2  sing N N 273 
MET CE  HE3  sing N N 274 
MET OXT HXT  sing N N 275 
PHE N   CA   sing N N 276 
PHE N   H    sing N N 277 
PHE N   H2   sing N N 278 
PHE CA  C    sing N N 279 
PHE CA  CB   sing N N 280 
PHE CA  HA   sing N N 281 
PHE C   O    doub N N 282 
PHE C   OXT  sing N N 283 
PHE CB  CG   sing N N 284 
PHE CB  HB2  sing N N 285 
PHE CB  HB3  sing N N 286 
PHE CG  CD1  doub Y N 287 
PHE CG  CD2  sing Y N 288 
PHE CD1 CE1  sing Y N 289 
PHE CD1 HD1  sing N N 290 
PHE CD2 CE2  doub Y N 291 
PHE CD2 HD2  sing N N 292 
PHE CE1 CZ   doub Y N 293 
PHE CE1 HE1  sing N N 294 
PHE CE2 CZ   sing Y N 295 
PHE CE2 HE2  sing N N 296 
PHE CZ  HZ   sing N N 297 
PHE OXT HXT  sing N N 298 
PRO N   CA   sing N N 299 
PRO N   CD   sing N N 300 
PRO N   H    sing N N 301 
PRO CA  C    sing N N 302 
PRO CA  CB   sing N N 303 
PRO CA  HA   sing N N 304 
PRO C   O    doub N N 305 
PRO C   OXT  sing N N 306 
PRO CB  CG   sing N N 307 
PRO CB  HB2  sing N N 308 
PRO CB  HB3  sing N N 309 
PRO CG  CD   sing N N 310 
PRO CG  HG2  sing N N 311 
PRO CG  HG3  sing N N 312 
PRO CD  HD2  sing N N 313 
PRO CD  HD3  sing N N 314 
PRO OXT HXT  sing N N 315 
SER N   CA   sing N N 316 
SER N   H    sing N N 317 
SER N   H2   sing N N 318 
SER CA  C    sing N N 319 
SER CA  CB   sing N N 320 
SER CA  HA   sing N N 321 
SER C   O    doub N N 322 
SER C   OXT  sing N N 323 
SER CB  OG   sing N N 324 
SER CB  HB2  sing N N 325 
SER CB  HB3  sing N N 326 
SER OG  HG   sing N N 327 
SER OXT HXT  sing N N 328 
THR N   CA   sing N N 329 
THR N   H    sing N N 330 
THR N   H2   sing N N 331 
THR CA  C    sing N N 332 
THR CA  CB   sing N N 333 
THR CA  HA   sing N N 334 
THR C   O    doub N N 335 
THR C   OXT  sing N N 336 
THR CB  OG1  sing N N 337 
THR CB  CG2  sing N N 338 
THR CB  HB   sing N N 339 
THR OG1 HG1  sing N N 340 
THR CG2 HG21 sing N N 341 
THR CG2 HG22 sing N N 342 
THR CG2 HG23 sing N N 343 
THR OXT HXT  sing N N 344 
TRP N   CA   sing N N 345 
TRP N   H    sing N N 346 
TRP N   H2   sing N N 347 
TRP CA  C    sing N N 348 
TRP CA  CB   sing N N 349 
TRP CA  HA   sing N N 350 
TRP C   O    doub N N 351 
TRP C   OXT  sing N N 352 
TRP CB  CG   sing N N 353 
TRP CB  HB2  sing N N 354 
TRP CB  HB3  sing N N 355 
TRP CG  CD1  doub Y N 356 
TRP CG  CD2  sing Y N 357 
TRP CD1 NE1  sing Y N 358 
TRP CD1 HD1  sing N N 359 
TRP CD2 CE2  doub Y N 360 
TRP CD2 CE3  sing Y N 361 
TRP NE1 CE2  sing Y N 362 
TRP NE1 HE1  sing N N 363 
TRP CE2 CZ2  sing Y N 364 
TRP CE3 CZ3  doub Y N 365 
TRP CE3 HE3  sing N N 366 
TRP CZ2 CH2  doub Y N 367 
TRP CZ2 HZ2  sing N N 368 
TRP CZ3 CH2  sing Y N 369 
TRP CZ3 HZ3  sing N N 370 
TRP CH2 HH2  sing N N 371 
TRP OXT HXT  sing N N 372 
TYR N   CA   sing N N 373 
TYR N   H    sing N N 374 
TYR N   H2   sing N N 375 
TYR CA  C    sing N N 376 
TYR CA  CB   sing N N 377 
TYR CA  HA   sing N N 378 
TYR C   O    doub N N 379 
TYR C   OXT  sing N N 380 
TYR CB  CG   sing N N 381 
TYR CB  HB2  sing N N 382 
TYR CB  HB3  sing N N 383 
TYR CG  CD1  doub Y N 384 
TYR CG  CD2  sing Y N 385 
TYR CD1 CE1  sing Y N 386 
TYR CD1 HD1  sing N N 387 
TYR CD2 CE2  doub Y N 388 
TYR CD2 HD2  sing N N 389 
TYR CE1 CZ   doub Y N 390 
TYR CE1 HE1  sing N N 391 
TYR CE2 CZ   sing Y N 392 
TYR CE2 HE2  sing N N 393 
TYR CZ  OH   sing N N 394 
TYR OH  HH   sing N N 395 
TYR OXT HXT  sing N N 396 
VAL N   CA   sing N N 397 
VAL N   H    sing N N 398 
VAL N   H2   sing N N 399 
VAL CA  C    sing N N 400 
VAL CA  CB   sing N N 401 
VAL CA  HA   sing N N 402 
VAL C   O    doub N N 403 
VAL C   OXT  sing N N 404 
VAL CB  CG1  sing N N 405 
VAL CB  CG2  sing N N 406 
VAL CB  HB   sing N N 407 
VAL CG1 HG11 sing N N 408 
VAL CG1 HG12 sing N N 409 
VAL CG1 HG13 sing N N 410 
VAL CG2 HG21 sing N N 411 
VAL CG2 HG22 sing N N 412 
VAL CG2 HG23 sing N N 413 
VAL OXT HXT  sing N N 414 
# 
loop_
_pdbx_entity_nonpoly.entity_id 
_pdbx_entity_nonpoly.name 
_pdbx_entity_nonpoly.comp_id 
2 D-MYO-INOSITOL-1,4,5-TRIPHOSPHATE I3P 
3 water                             HOH 
# 
_pdbx_initial_refinement_model.id               1 
_pdbx_initial_refinement_model.entity_id_list   ? 
_pdbx_initial_refinement_model.type             'experimental model' 
_pdbx_initial_refinement_model.source_name      PDB 
_pdbx_initial_refinement_model.accession_code   1FGY 
_pdbx_initial_refinement_model.details          ? 
# 
